data_3QH9
# 
_entry.id   3QH9 
# 
_audit_conform.dict_name       mmcif_pdbx.dic 
_audit_conform.dict_version    5.387 
_audit_conform.dict_location   http://mmcif.pdb.org/dictionaries/ascii/mmcif_pdbx.dic 
# 
loop_
_database_2.database_id 
_database_2.database_code 
_database_2.pdbx_database_accession 
_database_2.pdbx_DOI 
PDB   3QH9         pdb_00003qh9 10.2210/pdb3qh9/pdb 
RCSB  RCSB063642   ?            ?                   
WWPDB D_1000063642 ?            ?                   
# 
loop_
_pdbx_audit_revision_history.ordinal 
_pdbx_audit_revision_history.data_content_type 
_pdbx_audit_revision_history.major_revision 
_pdbx_audit_revision_history.minor_revision 
_pdbx_audit_revision_history.revision_date 
1 'Structure model' 1 0 2011-10-26 
2 'Structure model' 1 1 2024-02-21 
# 
_pdbx_audit_revision_details.ordinal             1 
_pdbx_audit_revision_details.revision_ordinal    1 
_pdbx_audit_revision_details.data_content_type   'Structure model' 
_pdbx_audit_revision_details.provider            repository 
_pdbx_audit_revision_details.type                'Initial release' 
_pdbx_audit_revision_details.description         ? 
_pdbx_audit_revision_details.details             ? 
# 
loop_
_pdbx_audit_revision_group.ordinal 
_pdbx_audit_revision_group.revision_ordinal 
_pdbx_audit_revision_group.data_content_type 
_pdbx_audit_revision_group.group 
1 2 'Structure model' 'Data collection'      
2 2 'Structure model' 'Database references'  
3 2 'Structure model' 'Derived calculations' 
# 
loop_
_pdbx_audit_revision_category.ordinal 
_pdbx_audit_revision_category.revision_ordinal 
_pdbx_audit_revision_category.data_content_type 
_pdbx_audit_revision_category.category 
1 2 'Structure model' chem_comp_atom 
2 2 'Structure model' chem_comp_bond 
3 2 'Structure model' database_2     
4 2 'Structure model' struct_site    
# 
loop_
_pdbx_audit_revision_item.ordinal 
_pdbx_audit_revision_item.revision_ordinal 
_pdbx_audit_revision_item.data_content_type 
_pdbx_audit_revision_item.item 
1 2 'Structure model' '_database_2.pdbx_DOI'                
2 2 'Structure model' '_database_2.pdbx_database_accession' 
3 2 'Structure model' '_struct_site.pdbx_auth_asym_id'      
4 2 'Structure model' '_struct_site.pdbx_auth_comp_id'      
5 2 'Structure model' '_struct_site.pdbx_auth_seq_id'       
# 
_pdbx_database_status.entry_id                        3QH9 
_pdbx_database_status.deposit_site                    RCSB 
_pdbx_database_status.process_site                    RCSB 
_pdbx_database_status.recvd_initial_deposition_date   2011-01-25 
_pdbx_database_status.status_code                     REL 
_pdbx_database_status.status_code_sf                  REL 
_pdbx_database_status.status_code_mr                  ? 
_pdbx_database_status.SG_entry                        ? 
_pdbx_database_status.status_code_cs                  ? 
_pdbx_database_status.pdb_format_compatible           Y 
_pdbx_database_status.status_code_nmr_data            ? 
_pdbx_database_status.methods_development_category    ? 
# 
loop_
_audit_author.name 
_audit_author.pdbx_ordinal 
'Stafford, R.L.' 1 
'Tang, M.'       2 
'Phillips, M.L.' 3 
'Bowie, J.U.'    4 
# 
_citation.id                        primary 
_citation.title                     'Crystal structure of the central coiled-coil domain  from human liprin-beta2' 
_citation.journal_abbrev            Biochemistry 
_citation.journal_volume            50 
_citation.page_first                3807 
_citation.page_last                 3815 
_citation.year                      2011 
_citation.journal_id_ASTM           BICHAW 
_citation.country                   US 
_citation.journal_id_ISSN           0006-2960 
_citation.journal_id_CSD            0033 
_citation.book_publisher            ? 
_citation.pdbx_database_id_PubMed   21462929 
_citation.pdbx_database_id_DOI      10.1021/bi200141e 
# 
loop_
_citation_author.citation_id 
_citation_author.name 
_citation_author.ordinal 
_citation_author.identifier_ORCID 
primary 'Stafford, R.L.' 1 ? 
primary 'Tang, M.Y.'     2 ? 
primary 'Sawaya, M.R.'   3 ? 
primary 'Phillips, M.L.' 4 ? 
primary 'Bowie, J.U.'    5 ? 
# 
loop_
_entity.id 
_entity.type 
_entity.src_method 
_entity.pdbx_description 
_entity.formula_weight 
_entity.pdbx_number_of_molecules 
_entity.pdbx_ec 
_entity.pdbx_mutation 
_entity.pdbx_fragment 
_entity.details 
1 polymer     man Liprin-beta-2  9742.104 1  ? ? 'UNP Residues 185-265' ? 
2 non-polymer syn 'IODIDE ION'   126.904  1  ? ? ?                      ? 
3 non-polymer syn GLYCEROL       92.094   1  ? ? ?                      ? 
4 non-polymer syn 'AMMONIUM ION' 18.038   1  ? ? ?                      ? 
5 water       nat water          18.015   36 ? ? ?                      ? 
# 
_entity_name_com.entity_id   1 
_entity_name_com.name        
;Protein tyrosine phosphatase receptor type f polypeptide-interacting protein-binding protein 2, PTPRF-interacting protein-binding protein 2
;
# 
_entity_poly.entity_id                      1 
_entity_poly.type                           'polypeptide(L)' 
_entity_poly.nstd_linkage                   no 
_entity_poly.nstd_monomer                   no 
_entity_poly.pdbx_seq_one_letter_code       
;KLKLVGMEKEQREQEEKQRKAEELLQELRHLKIKVEELENERNQYEWKLKATKAEVAQLQEQVALKDAEIERLHSQLSRT
A
;
_entity_poly.pdbx_seq_one_letter_code_can   
;KLKLVGMEKEQREQEEKQRKAEELLQELRHLKIKVEELENERNQYEWKLKATKAEVAQLQEQVALKDAEIERLHSQLSRT
A
;
_entity_poly.pdbx_strand_id                 A 
_entity_poly.pdbx_target_identifier         ? 
# 
loop_
_pdbx_entity_nonpoly.entity_id 
_pdbx_entity_nonpoly.name 
_pdbx_entity_nonpoly.comp_id 
2 'IODIDE ION'   IOD 
3 GLYCEROL       GOL 
4 'AMMONIUM ION' NH4 
5 water          HOH 
# 
loop_
_entity_poly_seq.entity_id 
_entity_poly_seq.num 
_entity_poly_seq.mon_id 
_entity_poly_seq.hetero 
1 1  LYS n 
1 2  LEU n 
1 3  LYS n 
1 4  LEU n 
1 5  VAL n 
1 6  GLY n 
1 7  MET n 
1 8  GLU n 
1 9  LYS n 
1 10 GLU n 
1 11 GLN n 
1 12 ARG n 
1 13 GLU n 
1 14 GLN n 
1 15 GLU n 
1 16 GLU n 
1 17 LYS n 
1 18 GLN n 
1 19 ARG n 
1 20 LYS n 
1 21 ALA n 
1 22 GLU n 
1 23 GLU n 
1 24 LEU n 
1 25 LEU n 
1 26 GLN n 
1 27 GLU n 
1 28 LEU n 
1 29 ARG n 
1 30 HIS n 
1 31 LEU n 
1 32 LYS n 
1 33 ILE n 
1 34 LYS n 
1 35 VAL n 
1 36 GLU n 
1 37 GLU n 
1 38 LEU n 
1 39 GLU n 
1 40 ASN n 
1 41 GLU n 
1 42 ARG n 
1 43 ASN n 
1 44 GLN n 
1 45 TYR n 
1 46 GLU n 
1 47 TRP n 
1 48 LYS n 
1 49 LEU n 
1 50 LYS n 
1 51 ALA n 
1 52 THR n 
1 53 LYS n 
1 54 ALA n 
1 55 GLU n 
1 56 VAL n 
1 57 ALA n 
1 58 GLN n 
1 59 LEU n 
1 60 GLN n 
1 61 GLU n 
1 62 GLN n 
1 63 VAL n 
1 64 ALA n 
1 65 LEU n 
1 66 LYS n 
1 67 ASP n 
1 68 ALA n 
1 69 GLU n 
1 70 ILE n 
1 71 GLU n 
1 72 ARG n 
1 73 LEU n 
1 74 HIS n 
1 75 SER n 
1 76 GLN n 
1 77 LEU n 
1 78 SER n 
1 79 ARG n 
1 80 THR n 
1 81 ALA n 
# 
_entity_src_gen.entity_id                          1 
_entity_src_gen.pdbx_src_id                        1 
_entity_src_gen.pdbx_alt_source_flag               sample 
_entity_src_gen.pdbx_seq_type                      ? 
_entity_src_gen.pdbx_beg_seq_num                   ? 
_entity_src_gen.pdbx_end_seq_num                   ? 
_entity_src_gen.gene_src_common_name               human 
_entity_src_gen.gene_src_genus                     ? 
_entity_src_gen.pdbx_gene_src_gene                 PPFIBP2 
_entity_src_gen.gene_src_species                   ? 
_entity_src_gen.gene_src_strain                    ? 
_entity_src_gen.gene_src_tissue                    ? 
_entity_src_gen.gene_src_tissue_fraction           ? 
_entity_src_gen.gene_src_details                   ? 
_entity_src_gen.pdbx_gene_src_fragment             ? 
_entity_src_gen.pdbx_gene_src_scientific_name      'Homo sapiens' 
_entity_src_gen.pdbx_gene_src_ncbi_taxonomy_id     9606 
_entity_src_gen.pdbx_gene_src_variant              ? 
_entity_src_gen.pdbx_gene_src_cell_line            ? 
_entity_src_gen.pdbx_gene_src_atcc                 ? 
_entity_src_gen.pdbx_gene_src_organ                ? 
_entity_src_gen.pdbx_gene_src_organelle            ? 
_entity_src_gen.pdbx_gene_src_cell                 ? 
_entity_src_gen.pdbx_gene_src_cellular_location    ? 
_entity_src_gen.host_org_common_name               ? 
_entity_src_gen.pdbx_host_org_scientific_name      'Escherichia coli' 
_entity_src_gen.pdbx_host_org_ncbi_taxonomy_id     562 
_entity_src_gen.host_org_genus                     ? 
_entity_src_gen.pdbx_host_org_gene                 ? 
_entity_src_gen.pdbx_host_org_organ                ? 
_entity_src_gen.host_org_species                   ? 
_entity_src_gen.pdbx_host_org_tissue               ? 
_entity_src_gen.pdbx_host_org_tissue_fraction      ? 
_entity_src_gen.pdbx_host_org_strain               M15 
_entity_src_gen.pdbx_host_org_variant              ? 
_entity_src_gen.pdbx_host_org_cell_line            ? 
_entity_src_gen.pdbx_host_org_atcc                 ? 
_entity_src_gen.pdbx_host_org_culture_collection   ? 
_entity_src_gen.pdbx_host_org_cell                 ? 
_entity_src_gen.pdbx_host_org_organelle            ? 
_entity_src_gen.pdbx_host_org_cellular_location    ? 
_entity_src_gen.pdbx_host_org_vector_type          pQE2 
_entity_src_gen.pdbx_host_org_vector               ? 
_entity_src_gen.host_org_details                   ? 
_entity_src_gen.expression_system_id               ? 
_entity_src_gen.plasmid_name                       ? 
_entity_src_gen.plasmid_details                    ? 
_entity_src_gen.pdbx_description                   ? 
# 
loop_
_chem_comp.id 
_chem_comp.type 
_chem_comp.mon_nstd_flag 
_chem_comp.name 
_chem_comp.pdbx_synonyms 
_chem_comp.formula 
_chem_comp.formula_weight 
ALA 'L-peptide linking' y ALANINE         ?                               'C3 H7 N O2'     89.093  
ARG 'L-peptide linking' y ARGININE        ?                               'C6 H15 N4 O2 1' 175.209 
ASN 'L-peptide linking' y ASPARAGINE      ?                               'C4 H8 N2 O3'    132.118 
ASP 'L-peptide linking' y 'ASPARTIC ACID' ?                               'C4 H7 N O4'     133.103 
GLN 'L-peptide linking' y GLUTAMINE       ?                               'C5 H10 N2 O3'   146.144 
GLU 'L-peptide linking' y 'GLUTAMIC ACID' ?                               'C5 H9 N O4'     147.129 
GLY 'peptide linking'   y GLYCINE         ?                               'C2 H5 N O2'     75.067  
GOL non-polymer         . GLYCEROL        'GLYCERIN; PROPANE-1,2,3-TRIOL' 'C3 H8 O3'       92.094  
HIS 'L-peptide linking' y HISTIDINE       ?                               'C6 H10 N3 O2 1' 156.162 
HOH non-polymer         . WATER           ?                               'H2 O'           18.015  
ILE 'L-peptide linking' y ISOLEUCINE      ?                               'C6 H13 N O2'    131.173 
IOD non-polymer         . 'IODIDE ION'    ?                               'I -1'           126.904 
LEU 'L-peptide linking' y LEUCINE         ?                               'C6 H13 N O2'    131.173 
LYS 'L-peptide linking' y LYSINE          ?                               'C6 H15 N2 O2 1' 147.195 
MET 'L-peptide linking' y METHIONINE      ?                               'C5 H11 N O2 S'  149.211 
NH4 non-polymer         . 'AMMONIUM ION'  ?                               'H4 N 1'         18.038  
SER 'L-peptide linking' y SERINE          ?                               'C3 H7 N O3'     105.093 
THR 'L-peptide linking' y THREONINE       ?                               'C4 H9 N O3'     119.119 
TRP 'L-peptide linking' y TRYPTOPHAN      ?                               'C11 H12 N2 O2'  204.225 
TYR 'L-peptide linking' y TYROSINE        ?                               'C9 H11 N O3'    181.189 
VAL 'L-peptide linking' y VALINE          ?                               'C5 H11 N O2'    117.146 
# 
loop_
_pdbx_poly_seq_scheme.asym_id 
_pdbx_poly_seq_scheme.entity_id 
_pdbx_poly_seq_scheme.seq_id 
_pdbx_poly_seq_scheme.mon_id 
_pdbx_poly_seq_scheme.ndb_seq_num 
_pdbx_poly_seq_scheme.pdb_seq_num 
_pdbx_poly_seq_scheme.auth_seq_num 
_pdbx_poly_seq_scheme.pdb_mon_id 
_pdbx_poly_seq_scheme.auth_mon_id 
_pdbx_poly_seq_scheme.pdb_strand_id 
_pdbx_poly_seq_scheme.pdb_ins_code 
_pdbx_poly_seq_scheme.hetero 
A 1 1  LYS 1  1  ?  ?   ?   A . n 
A 1 2  LEU 2  2  ?  ?   ?   A . n 
A 1 3  LYS 3  3  ?  ?   ?   A . n 
A 1 4  LEU 4  4  ?  ?   ?   A . n 
A 1 5  VAL 5  5  ?  ?   ?   A . n 
A 1 6  GLY 6  6  ?  ?   ?   A . n 
A 1 7  MET 7  7  ?  ?   ?   A . n 
A 1 8  GLU 8  8  ?  ?   ?   A . n 
A 1 9  LYS 9  9  ?  ?   ?   A . n 
A 1 10 GLU 10 10 ?  ?   ?   A . n 
A 1 11 GLN 11 11 ?  ?   ?   A . n 
A 1 12 ARG 12 12 ?  ?   ?   A . n 
A 1 13 GLU 13 13 ?  ?   ?   A . n 
A 1 14 GLN 14 14 14 GLN GLN A . n 
A 1 15 GLU 15 15 15 GLU GLU A . n 
A 1 16 GLU 16 16 16 GLU GLU A . n 
A 1 17 LYS 17 17 17 LYS LYS A . n 
A 1 18 GLN 18 18 18 GLN GLN A . n 
A 1 19 ARG 19 19 19 ARG ARG A . n 
A 1 20 LYS 20 20 20 LYS LYS A . n 
A 1 21 ALA 21 21 21 ALA ALA A . n 
A 1 22 GLU 22 22 22 GLU GLU A . n 
A 1 23 GLU 23 23 23 GLU GLU A . n 
A 1 24 LEU 24 24 24 LEU LEU A . n 
A 1 25 LEU 25 25 25 LEU LEU A . n 
A 1 26 GLN 26 26 26 GLN GLN A . n 
A 1 27 GLU 27 27 27 GLU GLU A . n 
A 1 28 LEU 28 28 28 LEU LEU A . n 
A 1 29 ARG 29 29 29 ARG ARG A . n 
A 1 30 HIS 30 30 30 HIS HIS A . n 
A 1 31 LEU 31 31 31 LEU LEU A . n 
A 1 32 LYS 32 32 32 LYS LYS A . n 
A 1 33 ILE 33 33 33 ILE ILE A . n 
A 1 34 LYS 34 34 34 LYS LYS A . n 
A 1 35 VAL 35 35 35 VAL VAL A . n 
A 1 36 GLU 36 36 36 GLU GLU A . n 
A 1 37 GLU 37 37 37 GLU GLU A . n 
A 1 38 LEU 38 38 38 LEU LEU A . n 
A 1 39 GLU 39 39 39 GLU GLU A . n 
A 1 40 ASN 40 40 40 ASN ASN A . n 
A 1 41 GLU 41 41 41 GLU GLU A . n 
A 1 42 ARG 42 42 42 ARG ARG A . n 
A 1 43 ASN 43 43 43 ASN ASN A . n 
A 1 44 GLN 44 44 44 GLN GLN A . n 
A 1 45 TYR 45 45 45 TYR TYR A . n 
A 1 46 GLU 46 46 46 GLU GLU A . n 
A 1 47 TRP 47 47 47 TRP TRP A . n 
A 1 48 LYS 48 48 48 LYS LYS A . n 
A 1 49 LEU 49 49 49 LEU LEU A . n 
A 1 50 LYS 50 50 50 LYS LYS A . n 
A 1 51 ALA 51 51 51 ALA ALA A . n 
A 1 52 THR 52 52 52 THR THR A . n 
A 1 53 LYS 53 53 53 LYS LYS A . n 
A 1 54 ALA 54 54 54 ALA ALA A . n 
A 1 55 GLU 55 55 55 GLU GLU A . n 
A 1 56 VAL 56 56 56 VAL VAL A . n 
A 1 57 ALA 57 57 57 ALA ALA A . n 
A 1 58 GLN 58 58 58 GLN GLN A . n 
A 1 59 LEU 59 59 59 LEU LEU A . n 
A 1 60 GLN 60 60 60 GLN GLN A . n 
A 1 61 GLU 61 61 61 GLU GLU A . n 
A 1 62 GLN 62 62 62 GLN GLN A . n 
A 1 63 VAL 63 63 63 VAL VAL A . n 
A 1 64 ALA 64 64 64 ALA ALA A . n 
A 1 65 LEU 65 65 65 LEU LEU A . n 
A 1 66 LYS 66 66 66 LYS LYS A . n 
A 1 67 ASP 67 67 67 ASP ASP A . n 
A 1 68 ALA 68 68 68 ALA ALA A . n 
A 1 69 GLU 69 69 69 GLU GLU A . n 
A 1 70 ILE 70 70 70 ILE ILE A . n 
A 1 71 GLU 71 71 71 GLU GLU A . n 
A 1 72 ARG 72 72 72 ARG ARG A . n 
A 1 73 LEU 73 73 73 LEU LEU A . n 
A 1 74 HIS 74 74 74 HIS HIS A . n 
A 1 75 SER 75 75 75 SER SER A . n 
A 1 76 GLN 76 76 76 GLN GLN A . n 
A 1 77 LEU 77 77 77 LEU LEU A . n 
A 1 78 SER 78 78 78 SER SER A . n 
A 1 79 ARG 79 79 79 ARG ARG A . n 
A 1 80 THR 80 80 ?  ?   ?   A . n 
A 1 81 ALA 81 81 ?  ?   ?   A . n 
# 
loop_
_pdbx_nonpoly_scheme.asym_id 
_pdbx_nonpoly_scheme.entity_id 
_pdbx_nonpoly_scheme.mon_id 
_pdbx_nonpoly_scheme.ndb_seq_num 
_pdbx_nonpoly_scheme.pdb_seq_num 
_pdbx_nonpoly_scheme.auth_seq_num 
_pdbx_nonpoly_scheme.pdb_mon_id 
_pdbx_nonpoly_scheme.auth_mon_id 
_pdbx_nonpoly_scheme.pdb_strand_id 
_pdbx_nonpoly_scheme.pdb_ins_code 
B 2 IOD 1  82  1  IOD IOD A . 
C 3 GOL 1  83  2  GOL GOL A . 
D 4 NH4 1  84  3  NH4 NH4 A . 
E 5 HOH 1  85  1  HOH HOH A . 
E 5 HOH 2  86  2  HOH HOH A . 
E 5 HOH 3  87  3  HOH HOH A . 
E 5 HOH 4  88  4  HOH HOH A . 
E 5 HOH 5  89  5  HOH HOH A . 
E 5 HOH 6  90  6  HOH HOH A . 
E 5 HOH 7  91  7  HOH HOH A . 
E 5 HOH 8  92  8  HOH HOH A . 
E 5 HOH 9  93  9  HOH HOH A . 
E 5 HOH 10 94  10 HOH HOH A . 
E 5 HOH 11 95  11 HOH HOH A . 
E 5 HOH 12 96  12 HOH HOH A . 
E 5 HOH 13 97  13 HOH HOH A . 
E 5 HOH 14 98  14 HOH HOH A . 
E 5 HOH 15 99  15 HOH HOH A . 
E 5 HOH 16 100 16 HOH HOH A . 
E 5 HOH 17 101 17 HOH HOH A . 
E 5 HOH 18 102 18 HOH HOH A . 
E 5 HOH 19 103 19 HOH HOH A . 
E 5 HOH 20 104 20 HOH HOH A . 
E 5 HOH 21 105 21 HOH HOH A . 
E 5 HOH 22 106 22 HOH HOH A . 
E 5 HOH 23 107 23 HOH HOH A . 
E 5 HOH 24 108 24 HOH HOH A . 
E 5 HOH 25 109 25 HOH HOH A . 
E 5 HOH 26 110 26 HOH HOH A . 
E 5 HOH 27 111 27 HOH HOH A . 
E 5 HOH 28 112 28 HOH HOH A . 
E 5 HOH 29 113 29 HOH HOH A . 
E 5 HOH 30 114 30 HOH HOH A . 
E 5 HOH 31 115 31 HOH HOH A . 
E 5 HOH 32 116 32 HOH HOH A . 
E 5 HOH 33 117 33 HOH HOH A . 
E 5 HOH 34 118 34 HOH HOH A . 
E 5 HOH 35 119 35 HOH HOH A . 
E 5 HOH 36 120 36 HOH HOH A . 
# 
loop_
_software.pdbx_ordinal 
_software.name 
_software.version 
_software.date 
_software.type 
_software.contact_author 
_software.contact_author_email 
_software.classification 
_software.location 
_software.language 
_software.citation_id 
1 REFMAC      .       ?               program 'Garib N. Murshudov' garib@ysbl.york.ac.uk    refinement        
http://www.ccp4.ac.uk/dist/html/refmac5.html Fortran_77 ? 
2 PDB_EXTRACT 3.10    'June 10, 2010' package PDB                  deposit@deposit.rcsb.org 'data extraction' 
http://sw-tools.pdb.org/apps/PDB_EXTRACT/    C++        ? 
3 ADSC        Quantum ?               ?       ?                    ?                        'data collection' ? ?          ? 
4 DENZO       .       ?               ?       ?                    ?                        'data reduction'  ? ?          ? 
5 SCALEPACK   .       ?               ?       ?                    ?                        'data scaling'    ? ?          ? 
6 PHASER      .       ?               ?       ?                    ?                        phasing           ? ?          ? 
# 
_cell.length_a           29.964 
_cell.length_b           162.656 
_cell.length_c           34.387 
_cell.angle_alpha        90.000 
_cell.angle_beta         90.000 
_cell.angle_gamma        90.000 
_cell.entry_id           3QH9 
_cell.pdbx_unique_axis   ? 
_cell.Z_PDB              8 
_cell.length_a_esd       ? 
_cell.length_b_esd       ? 
_cell.length_c_esd       ? 
_cell.angle_alpha_esd    ? 
_cell.angle_beta_esd     ? 
_cell.angle_gamma_esd    ? 
# 
_symmetry.space_group_name_H-M             'C 2 2 21' 
_symmetry.entry_id                         3QH9 
_symmetry.pdbx_full_space_group_name_H-M   ? 
_symmetry.Int_Tables_number                20 
_symmetry.cell_setting                     ? 
_symmetry.space_group_name_Hall            ? 
# 
_exptl.crystals_number   1 
_exptl.entry_id          3QH9 
_exptl.method            'X-RAY DIFFRACTION' 
# 
_exptl_crystal.id                    1 
_exptl_crystal.density_Matthews      2.15 
_exptl_crystal.density_meas          ? 
_exptl_crystal.density_percent_sol   42.80 
_exptl_crystal.description           ? 
_exptl_crystal.F_000                 ? 
_exptl_crystal.preparation           ? 
# 
_exptl_crystal_grow.crystal_id      1 
_exptl_crystal_grow.method          'VAPOR DIFFUSION, HANGING DROP' 
_exptl_crystal_grow.pH              8.0 
_exptl_crystal_grow.temp            298 
_exptl_crystal_grow.temp_details    ? 
_exptl_crystal_grow.pdbx_details    '190 mM ammonium iodide, 23% PEG 3350, pH 8.0, VAPOR DIFFUSION, HANGING DROP, temperature 298K' 
_exptl_crystal_grow.pdbx_pH_range   ? 
# 
_diffrn.id                     1 
_diffrn.ambient_temp           100 
_diffrn.ambient_temp_details   ? 
_diffrn.crystal_id             1 
# 
_diffrn_detector.diffrn_id              1 
_diffrn_detector.detector               CCD 
_diffrn_detector.type                   'ADSC QUANTUM 315' 
_diffrn_detector.pdbx_collection_date   2009-08-15 
_diffrn_detector.details                ? 
# 
_diffrn_radiation.diffrn_id                        1 
_diffrn_radiation.wavelength_id                    1 
_diffrn_radiation.pdbx_diffrn_protocol             'SINGLE WAVELENGTH' 
_diffrn_radiation.monochromator                    ? 
_diffrn_radiation.pdbx_monochromatic_or_laue_m_l   M 
_diffrn_radiation.pdbx_scattering_type             x-ray 
# 
_diffrn_radiation_wavelength.id           1 
_diffrn_radiation_wavelength.wavelength   1.4938 
_diffrn_radiation_wavelength.wt           1.0 
# 
_diffrn_source.diffrn_id                   1 
_diffrn_source.source                      SYNCHROTRON 
_diffrn_source.type                        'APS BEAMLINE 24-ID-C' 
_diffrn_source.pdbx_wavelength             ? 
_diffrn_source.pdbx_wavelength_list        1.4938 
_diffrn_source.pdbx_synchrotron_site       APS 
_diffrn_source.pdbx_synchrotron_beamline   24-ID-C 
# 
_reflns.entry_id                     3QH9 
_reflns.observed_criterion_sigma_F   ? 
_reflns.observed_criterion_sigma_I   -3.0 
_reflns.d_resolution_high            2.000 
_reflns.d_resolution_low             81.38 
_reflns.number_all                   5774 
_reflns.number_obs                   5774 
_reflns.percent_possible_obs         97.000 
_reflns.pdbx_Rmerge_I_obs            0.099 
_reflns.pdbx_Rsym_value              ? 
_reflns.pdbx_netI_over_sigmaI        12.000 
_reflns.B_iso_Wilson_estimate        ? 
_reflns.pdbx_redundancy              10.2 
_reflns.R_free_details               ? 
_reflns.limit_h_max                  ? 
_reflns.limit_h_min                  ? 
_reflns.limit_k_max                  ? 
_reflns.limit_k_min                  ? 
_reflns.limit_l_max                  ? 
_reflns.limit_l_min                  ? 
_reflns.observed_criterion_F_max     ? 
_reflns.observed_criterion_F_min     ? 
_reflns.pdbx_chi_squared             ? 
_reflns.pdbx_scaling_rejects         ? 
_reflns.pdbx_ordinal                 1 
_reflns.pdbx_diffrn_id               1 
# 
loop_
_reflns_shell.d_res_high 
_reflns_shell.d_res_low 
_reflns_shell.percent_possible_obs 
_reflns_shell.percent_possible_all 
_reflns_shell.Rmerge_I_obs 
_reflns_shell.meanI_over_sigI_obs 
_reflns_shell.pdbx_Rsym_value 
_reflns_shell.pdbx_redundancy 
_reflns_shell.number_unique_all 
_reflns_shell.number_measured_all 
_reflns_shell.number_measured_obs 
_reflns_shell.number_unique_obs 
_reflns_shell.pdbx_chi_squared 
_reflns_shell.pdbx_ordinal 
_reflns_shell.pdbx_diffrn_id 
2.000 2.070  ? 84.100  0.348 ? ? 7.200  481 ? ? ? ? 1  1 
2.070 2.150  ? 92.300  0.341 ? ? 8.300  549 ? ? ? ? 2  1 
2.150 2.250  ? 98.100  0.270 ? ? 9.200  562 ? ? ? ? 3  1 
2.250 2.370  ? 98.600  0.221 ? ? 10.500 561 ? ? ? ? 4  1 
2.370 2.520  ? 100.000 0.184 ? ? 11.300 591 ? ? ? ? 5  1 
2.520 2.710  ? 100.000 0.146 ? ? 11.600 588 ? ? ? ? 6  1 
2.710 2.990  ? 100.000 0.123 ? ? 11.500 596 ? ? ? ? 7  1 
2.990 3.420  ? 100.000 0.108 ? ? 11.000 600 ? ? ? ? 8  1 
3.420 4.310  ? 100.000 0.081 ? ? 10.400 612 ? ? ? ? 9  1 
4.310 80.000 ? 96.400  0.071 ? ? 10.000 634 ? ? ? ? 10 1 
# 
_refine.entry_id                                 3QH9 
_refine.ls_d_res_high                            2.0100 
_refine.ls_d_res_low                             81.3800 
_refine.pdbx_ls_sigma_F                          0.000 
_refine.pdbx_data_cutoff_high_absF               ? 
_refine.pdbx_data_cutoff_low_absF                ? 
_refine.ls_percent_reflns_obs                    86.5000 
_refine.ls_number_reflns_obs                     5163 
_refine.ls_number_reflns_all                     5163 
_refine.pdbx_ls_cross_valid_method               THROUGHOUT 
_refine.pdbx_R_Free_selection_details            RANDOM 
_refine.details                                  'HYDROGENS HAVE BEEN ADDED IN THE RIDING POSITIONS U VALUES      : RESIDUAL ONLY' 
_refine.ls_R_factor_all                          ? 
_refine.ls_R_factor_obs                          0.2348 
_refine.ls_R_factor_R_work                       0.2319 
_refine.ls_wR_factor_R_work                      0.2887 
_refine.ls_R_factor_R_free                       0.2978 
_refine.ls_wR_factor_R_free                      0.3199 
_refine.ls_percent_reflns_R_free                 4.5000 
_refine.ls_number_reflns_R_free                  232 
_refine.ls_R_factor_R_free_error                 ? 
_refine.B_iso_mean                               37.226 
_refine.solvent_model_param_bsol                 ? 
_refine.solvent_model_param_ksol                 ? 
_refine.pdbx_isotropic_thermal_model             ? 
_refine.aniso_B[1][1]                            2.4500 
_refine.aniso_B[2][2]                            -1.6900 
_refine.aniso_B[3][3]                            -0.7600 
_refine.aniso_B[1][2]                            0.0000 
_refine.aniso_B[1][3]                            0.0000 
_refine.aniso_B[2][3]                            0.0000 
_refine.correlation_coeff_Fo_to_Fc               0.9260 
_refine.correlation_coeff_Fo_to_Fc_free          0.8270 
_refine.overall_SU_R_Cruickshank_DPI             0.2572 
_refine.overall_SU_R_free                        0.2294 
_refine.pdbx_overall_ESU_R_Free                  0.2290 
_refine.overall_SU_ML                            0.1310 
_refine.overall_SU_B                             10.2260 
_refine.solvent_model_details                    'BABINET MODEL WITH MASK' 
_refine.pdbx_solvent_vdw_probe_radii             1.4000 
_refine.pdbx_solvent_ion_probe_radii             0.8000 
_refine.pdbx_solvent_shrinkage_radii             0.8000 
_refine.ls_number_parameters                     ? 
_refine.ls_number_restraints                     ? 
_refine.pdbx_starting_model                      ? 
_refine.pdbx_method_to_determine_struct          'MOLECULAR REPLACEMENT' 
_refine.pdbx_stereochemistry_target_values       'MAXIMUM LIKELIHOOD' 
_refine.pdbx_stereochem_target_val_spec_case     ? 
_refine.overall_FOM_work_R_set                   0.7778 
_refine.B_iso_max                                62.690 
_refine.B_iso_min                                2.000 
_refine.occupancy_max                            1.000 
_refine.occupancy_min                            0.200 
_refine.pdbx_ls_sigma_I                          ? 
_refine.ls_redundancy_reflns_obs                 ? 
_refine.ls_R_factor_R_free_error_details         ? 
_refine.pdbx_data_cutoff_high_rms_absF           ? 
_refine.overall_FOM_free_R_set                   ? 
_refine.pdbx_overall_phase_error                 ? 
_refine.pdbx_refine_id                           'X-RAY DIFFRACTION' 
_refine.pdbx_overall_ESU_R                       0.257 
_refine.pdbx_diffrn_id                           1 
_refine.pdbx_TLS_residual_ADP_flag               ? 
_refine.pdbx_overall_SU_R_free_Cruickshank_DPI   ? 
_refine.pdbx_overall_SU_R_Blow_DPI               ? 
_refine.pdbx_overall_SU_R_free_Blow_DPI          ? 
# 
_refine_hist.pdbx_refine_id                   'X-RAY DIFFRACTION' 
_refine_hist.cycle_id                         LAST 
_refine_hist.pdbx_number_atoms_protein        561 
_refine_hist.pdbx_number_atoms_nucleic_acid   0 
_refine_hist.pdbx_number_atoms_ligand         8 
_refine_hist.number_atoms_solvent             36 
_refine_hist.number_atoms_total               605 
_refine_hist.d_res_high                       2.0100 
_refine_hist.d_res_low                        81.3800 
# 
loop_
_refine_ls_restr.type 
_refine_ls_restr.number 
_refine_ls_restr.dev_ideal 
_refine_ls_restr.dev_ideal_target 
_refine_ls_restr.weight 
_refine_ls_restr.pdbx_refine_id 
_refine_ls_restr.pdbx_restraint_function 
r_bond_refined_d       608  0.023  0.022  ? 'X-RAY DIFFRACTION' ? 
r_bond_other_d         454  0.001  0.020  ? 'X-RAY DIFFRACTION' ? 
r_angle_refined_deg    815  2.027  1.980  ? 'X-RAY DIFFRACTION' ? 
r_angle_other_deg      1112 1.139  3.000  ? 'X-RAY DIFFRACTION' ? 
r_dihedral_angle_1_deg 74   6.483  5.000  ? 'X-RAY DIFFRACTION' ? 
r_dihedral_angle_2_deg 38   39.974 25.263 ? 'X-RAY DIFFRACTION' ? 
r_dihedral_angle_3_deg 140  22.446 15.000 ? 'X-RAY DIFFRACTION' ? 
r_dihedral_angle_4_deg 7    19.801 15.000 ? 'X-RAY DIFFRACTION' ? 
r_chiral_restr         88   0.123  0.200  ? 'X-RAY DIFFRACTION' ? 
r_gen_planes_refined   659  0.006  0.020  ? 'X-RAY DIFFRACTION' ? 
r_gen_planes_other     111  0.001  0.020  ? 'X-RAY DIFFRACTION' ? 
r_mcbond_it            344  2.333  1.500  ? 'X-RAY DIFFRACTION' ? 
r_mcbond_other         136  0.761  1.500  ? 'X-RAY DIFFRACTION' ? 
r_mcangle_it           554  4.112  2.000  ? 'X-RAY DIFFRACTION' ? 
r_scbond_it            264  6.197  3.000  ? 'X-RAY DIFFRACTION' ? 
r_scangle_it           256  10.378 4.500  ? 'X-RAY DIFFRACTION' ? 
# 
_refine_ls_shell.d_res_high                       2.0100 
_refine_ls_shell.d_res_low                        2.0620 
_refine_ls_shell.pdbx_total_number_of_bins_used   20 
_refine_ls_shell.percent_reflns_obs               27.3600 
_refine_ls_shell.number_reflns_R_work             110 
_refine_ls_shell.R_factor_all                     ? 
_refine_ls_shell.R_factor_R_work                  0.2280 
_refine_ls_shell.R_factor_R_free                  0.1710 
_refine_ls_shell.percent_reflns_R_free            ? 
_refine_ls_shell.number_reflns_R_free             3 
_refine_ls_shell.R_factor_R_free_error            ? 
_refine_ls_shell.number_reflns_all                113 
_refine_ls_shell.number_reflns_obs                ? 
_refine_ls_shell.redundancy_reflns_obs            ? 
_refine_ls_shell.pdbx_refine_id                   'X-RAY DIFFRACTION' 
# 
_struct.entry_id                  3QH9 
_struct.title                     'Human Liprin-beta2 Coiled-Coil' 
_struct.pdbx_model_details        ? 
_struct.pdbx_CASP_flag            ? 
_struct.pdbx_model_type_details   ? 
# 
_struct_keywords.entry_id        3QH9 
_struct_keywords.pdbx_keywords   'STRUCTURAL PROTEIN' 
_struct_keywords.text            'coiled-coil, dimerization, STRUCTURAL PROTEIN' 
# 
loop_
_struct_asym.id 
_struct_asym.pdbx_blank_PDB_chainid_flag 
_struct_asym.pdbx_modified 
_struct_asym.entity_id 
_struct_asym.details 
A N N 1 ? 
B N N 2 ? 
C N N 3 ? 
D N N 4 ? 
E N N 5 ? 
# 
_struct_ref.id                         1 
_struct_ref.db_name                    UNP 
_struct_ref.db_code                    LIPB2_HUMAN 
_struct_ref.pdbx_db_accession          Q8ND30 
_struct_ref.entity_id                  1 
_struct_ref.pdbx_seq_one_letter_code   
;KLKLVGMEKEQREQEEKQRKAEELLQELRHLKIKVEELENERNQYEWKLKATKAEVAQLQEQVALKDAEIERLHSQLSRT
A
;
_struct_ref.pdbx_align_begin           185 
_struct_ref.pdbx_db_isoform            ? 
# 
_struct_ref_seq.align_id                      1 
_struct_ref_seq.ref_id                        1 
_struct_ref_seq.pdbx_PDB_id_code              3QH9 
_struct_ref_seq.pdbx_strand_id                A 
_struct_ref_seq.seq_align_beg                 1 
_struct_ref_seq.pdbx_seq_align_beg_ins_code   ? 
_struct_ref_seq.seq_align_end                 81 
_struct_ref_seq.pdbx_seq_align_end_ins_code   ? 
_struct_ref_seq.pdbx_db_accession             Q8ND30 
_struct_ref_seq.db_align_beg                  185 
_struct_ref_seq.pdbx_db_align_beg_ins_code    ? 
_struct_ref_seq.db_align_end                  265 
_struct_ref_seq.pdbx_db_align_end_ins_code    ? 
_struct_ref_seq.pdbx_auth_seq_align_beg       1 
_struct_ref_seq.pdbx_auth_seq_align_end       81 
# 
_pdbx_struct_assembly.id                   1 
_pdbx_struct_assembly.details              author_and_software_defined_assembly 
_pdbx_struct_assembly.method_details       PISA 
_pdbx_struct_assembly.oligomeric_details   dimeric 
_pdbx_struct_assembly.oligomeric_count     2 
# 
loop_
_pdbx_struct_assembly_prop.biol_id 
_pdbx_struct_assembly_prop.type 
_pdbx_struct_assembly_prop.value 
_pdbx_struct_assembly_prop.details 
1 'ABSA (A^2)' 4600 ? 
1 MORE         -39  ? 
1 'SSA (A^2)'  9770 ? 
# 
_pdbx_struct_assembly_gen.assembly_id       1 
_pdbx_struct_assembly_gen.oper_expression   1,2 
_pdbx_struct_assembly_gen.asym_id_list      A,B,C,D,E 
# 
loop_
_pdbx_struct_oper_list.id 
_pdbx_struct_oper_list.type 
_pdbx_struct_oper_list.name 
_pdbx_struct_oper_list.symmetry_operation 
_pdbx_struct_oper_list.matrix[1][1] 
_pdbx_struct_oper_list.matrix[1][2] 
_pdbx_struct_oper_list.matrix[1][3] 
_pdbx_struct_oper_list.vector[1] 
_pdbx_struct_oper_list.matrix[2][1] 
_pdbx_struct_oper_list.matrix[2][2] 
_pdbx_struct_oper_list.matrix[2][3] 
_pdbx_struct_oper_list.vector[2] 
_pdbx_struct_oper_list.matrix[3][1] 
_pdbx_struct_oper_list.matrix[3][2] 
_pdbx_struct_oper_list.matrix[3][3] 
_pdbx_struct_oper_list.vector[3] 
1 'identity operation'         1_555 x,y,z       1.0000000000 0.0000000000  0.0000000000  0.0000000000 0.0000000000  1.0000000000  0.0000000000 0.0000000000  0.0000000000  0.0000000000 1.0000000000  0.0000000000 
2 'crystal symmetry operation' 3_555 -x,y,-z+1/2 0.2710774297 -0.4841511252 -0.8319343214 2.5448423056 -0.4841511252 -0.8155877002 0.3168822987 -0.7995361315 -0.8319343214 0.3168822987 -0.4554897295 4.3534541626 
# 
_struct_biol.id        1 
_struct_biol.details   ? 
# 
_struct_conf.conf_type_id            HELX_P 
_struct_conf.id                      HELX_P1 
_struct_conf.pdbx_PDB_helix_id       1 
_struct_conf.beg_label_comp_id       GLN 
_struct_conf.beg_label_asym_id       A 
_struct_conf.beg_label_seq_id        14 
_struct_conf.pdbx_beg_PDB_ins_code   ? 
_struct_conf.end_label_comp_id       SER 
_struct_conf.end_label_asym_id       A 
_struct_conf.end_label_seq_id        78 
_struct_conf.pdbx_end_PDB_ins_code   ? 
_struct_conf.beg_auth_comp_id        GLN 
_struct_conf.beg_auth_asym_id        A 
_struct_conf.beg_auth_seq_id         14 
_struct_conf.end_auth_comp_id        SER 
_struct_conf.end_auth_asym_id        A 
_struct_conf.end_auth_seq_id         78 
_struct_conf.pdbx_PDB_helix_class    1 
_struct_conf.details                 ? 
_struct_conf.pdbx_PDB_helix_length   65 
# 
_struct_conf_type.id          HELX_P 
_struct_conf_type.criteria    ? 
_struct_conf_type.reference   ? 
# 
loop_
_struct_site.id 
_struct_site.pdbx_evidence_code 
_struct_site.pdbx_auth_asym_id 
_struct_site.pdbx_auth_comp_id 
_struct_site.pdbx_auth_seq_id 
_struct_site.pdbx_auth_ins_code 
_struct_site.pdbx_num_residues 
_struct_site.details 
AC1 Software A IOD 82 ? 2 'BINDING SITE FOR RESIDUE IOD A 82' 
AC2 Software A GOL 83 ? 6 'BINDING SITE FOR RESIDUE GOL A 83' 
AC3 Software A NH4 84 ? 2 'BINDING SITE FOR RESIDUE NH4 A 84' 
# 
loop_
_struct_site_gen.id 
_struct_site_gen.site_id 
_struct_site_gen.pdbx_num_res 
_struct_site_gen.label_comp_id 
_struct_site_gen.label_asym_id 
_struct_site_gen.label_seq_id 
_struct_site_gen.pdbx_auth_ins_code 
_struct_site_gen.auth_comp_id 
_struct_site_gen.auth_asym_id 
_struct_site_gen.auth_seq_id 
_struct_site_gen.label_atom_id 
_struct_site_gen.label_alt_id 
_struct_site_gen.symmetry 
_struct_site_gen.details 
1  AC1 2 GLN A 18 ? GLN A 18  . ? 5_445 ? 
2  AC1 2 LEU A 77 ? LEU A 77  . ? 1_555 ? 
3  AC2 6 LYS A 50 ? LYS A 50  . ? 4_555 ? 
4  AC2 6 LYS A 66 ? LYS A 66  . ? 1_555 ? 
5  AC2 6 GLU A 69 ? GLU A 69  . ? 1_555 ? 
6  AC2 6 ILE A 70 ? ILE A 70  . ? 3_555 ? 
7  AC2 6 HOH E .  ? HOH A 118 . ? 1_555 ? 
8  AC2 6 HOH E .  ? HOH A 120 . ? 3_555 ? 
9  AC3 2 ALA A 64 ? ALA A 64  . ? 1_555 ? 
10 AC3 2 ASP A 67 ? ASP A 67  . ? 1_555 ? 
# 
_pdbx_refine_tls.pdbx_refine_id   'X-RAY DIFFRACTION' 
_pdbx_refine_tls.id               1 
_pdbx_refine_tls.details          ? 
_pdbx_refine_tls.method           refined 
_pdbx_refine_tls.origin_x         1.5054 
_pdbx_refine_tls.origin_y         -1.1704 
_pdbx_refine_tls.origin_z         -1.3292 
_pdbx_refine_tls.T[1][1]          0.1099 
_pdbx_refine_tls.T[2][2]          0.1802 
_pdbx_refine_tls.T[3][3]          0.1875 
_pdbx_refine_tls.T[1][2]          -0.0302 
_pdbx_refine_tls.T[1][3]          -0.0363 
_pdbx_refine_tls.T[2][3]          -0.1065 
_pdbx_refine_tls.L[1][1]          11.5497 
_pdbx_refine_tls.L[2][2]          3.7811 
_pdbx_refine_tls.L[3][3]          4.5205 
_pdbx_refine_tls.L[1][2]          -6.2940 
_pdbx_refine_tls.L[1][3]          -6.8684 
_pdbx_refine_tls.L[2][3]          4.0027 
_pdbx_refine_tls.S[1][1]          -0.1335 
_pdbx_refine_tls.S[2][2]          0.0372 
_pdbx_refine_tls.S[3][3]          0.0964 
_pdbx_refine_tls.S[1][2]          0.2663 
_pdbx_refine_tls.S[1][3]          -0.4363 
_pdbx_refine_tls.S[2][3]          0.1302 
_pdbx_refine_tls.S[2][1]          0.1115 
_pdbx_refine_tls.S[3][1]          0.0721 
_pdbx_refine_tls.S[3][2]          -0.0446 
# 
_pdbx_refine_tls_group.pdbx_refine_id      'X-RAY DIFFRACTION' 
_pdbx_refine_tls_group.id                  1 
_pdbx_refine_tls_group.refine_tls_id       1 
_pdbx_refine_tls_group.beg_auth_asym_id    A 
_pdbx_refine_tls_group.beg_auth_seq_id     14 
_pdbx_refine_tls_group.end_auth_asym_id    A 
_pdbx_refine_tls_group.end_auth_seq_id     79 
_pdbx_refine_tls_group.selection_details   ? 
_pdbx_refine_tls_group.beg_label_asym_id   . 
_pdbx_refine_tls_group.beg_label_seq_id    . 
_pdbx_refine_tls_group.end_label_asym_id   . 
_pdbx_refine_tls_group.end_label_seq_id    . 
_pdbx_refine_tls_group.selection           ? 
# 
loop_
_pdbx_unobs_or_zero_occ_residues.id 
_pdbx_unobs_or_zero_occ_residues.PDB_model_num 
_pdbx_unobs_or_zero_occ_residues.polymer_flag 
_pdbx_unobs_or_zero_occ_residues.occupancy_flag 
_pdbx_unobs_or_zero_occ_residues.auth_asym_id 
_pdbx_unobs_or_zero_occ_residues.auth_comp_id 
_pdbx_unobs_or_zero_occ_residues.auth_seq_id 
_pdbx_unobs_or_zero_occ_residues.PDB_ins_code 
_pdbx_unobs_or_zero_occ_residues.label_asym_id 
_pdbx_unobs_or_zero_occ_residues.label_comp_id 
_pdbx_unobs_or_zero_occ_residues.label_seq_id 
1  1 Y 1 A LYS 1  ? A LYS 1  
2  1 Y 1 A LEU 2  ? A LEU 2  
3  1 Y 1 A LYS 3  ? A LYS 3  
4  1 Y 1 A LEU 4  ? A LEU 4  
5  1 Y 1 A VAL 5  ? A VAL 5  
6  1 Y 1 A GLY 6  ? A GLY 6  
7  1 Y 1 A MET 7  ? A MET 7  
8  1 Y 1 A GLU 8  ? A GLU 8  
9  1 Y 1 A LYS 9  ? A LYS 9  
10 1 Y 1 A GLU 10 ? A GLU 10 
11 1 Y 1 A GLN 11 ? A GLN 11 
12 1 Y 1 A ARG 12 ? A ARG 12 
13 1 Y 1 A GLU 13 ? A GLU 13 
14 1 Y 1 A THR 80 ? A THR 80 
15 1 Y 1 A ALA 81 ? A ALA 81 
# 
loop_
_chem_comp_atom.comp_id 
_chem_comp_atom.atom_id 
_chem_comp_atom.type_symbol 
_chem_comp_atom.pdbx_aromatic_flag 
_chem_comp_atom.pdbx_stereo_config 
_chem_comp_atom.pdbx_ordinal 
ALA N    N N N 1   
ALA CA   C N S 2   
ALA C    C N N 3   
ALA O    O N N 4   
ALA CB   C N N 5   
ALA OXT  O N N 6   
ALA H    H N N 7   
ALA H2   H N N 8   
ALA HA   H N N 9   
ALA HB1  H N N 10  
ALA HB2  H N N 11  
ALA HB3  H N N 12  
ALA HXT  H N N 13  
ARG N    N N N 14  
ARG CA   C N S 15  
ARG C    C N N 16  
ARG O    O N N 17  
ARG CB   C N N 18  
ARG CG   C N N 19  
ARG CD   C N N 20  
ARG NE   N N N 21  
ARG CZ   C N N 22  
ARG NH1  N N N 23  
ARG NH2  N N N 24  
ARG OXT  O N N 25  
ARG H    H N N 26  
ARG H2   H N N 27  
ARG HA   H N N 28  
ARG HB2  H N N 29  
ARG HB3  H N N 30  
ARG HG2  H N N 31  
ARG HG3  H N N 32  
ARG HD2  H N N 33  
ARG HD3  H N N 34  
ARG HE   H N N 35  
ARG HH11 H N N 36  
ARG HH12 H N N 37  
ARG HH21 H N N 38  
ARG HH22 H N N 39  
ARG HXT  H N N 40  
ASN N    N N N 41  
ASN CA   C N S 42  
ASN C    C N N 43  
ASN O    O N N 44  
ASN CB   C N N 45  
ASN CG   C N N 46  
ASN OD1  O N N 47  
ASN ND2  N N N 48  
ASN OXT  O N N 49  
ASN H    H N N 50  
ASN H2   H N N 51  
ASN HA   H N N 52  
ASN HB2  H N N 53  
ASN HB3  H N N 54  
ASN HD21 H N N 55  
ASN HD22 H N N 56  
ASN HXT  H N N 57  
ASP N    N N N 58  
ASP CA   C N S 59  
ASP C    C N N 60  
ASP O    O N N 61  
ASP CB   C N N 62  
ASP CG   C N N 63  
ASP OD1  O N N 64  
ASP OD2  O N N 65  
ASP OXT  O N N 66  
ASP H    H N N 67  
ASP H2   H N N 68  
ASP HA   H N N 69  
ASP HB2  H N N 70  
ASP HB3  H N N 71  
ASP HD2  H N N 72  
ASP HXT  H N N 73  
GLN N    N N N 74  
GLN CA   C N S 75  
GLN C    C N N 76  
GLN O    O N N 77  
GLN CB   C N N 78  
GLN CG   C N N 79  
GLN CD   C N N 80  
GLN OE1  O N N 81  
GLN NE2  N N N 82  
GLN OXT  O N N 83  
GLN H    H N N 84  
GLN H2   H N N 85  
GLN HA   H N N 86  
GLN HB2  H N N 87  
GLN HB3  H N N 88  
GLN HG2  H N N 89  
GLN HG3  H N N 90  
GLN HE21 H N N 91  
GLN HE22 H N N 92  
GLN HXT  H N N 93  
GLU N    N N N 94  
GLU CA   C N S 95  
GLU C    C N N 96  
GLU O    O N N 97  
GLU CB   C N N 98  
GLU CG   C N N 99  
GLU CD   C N N 100 
GLU OE1  O N N 101 
GLU OE2  O N N 102 
GLU OXT  O N N 103 
GLU H    H N N 104 
GLU H2   H N N 105 
GLU HA   H N N 106 
GLU HB2  H N N 107 
GLU HB3  H N N 108 
GLU HG2  H N N 109 
GLU HG3  H N N 110 
GLU HE2  H N N 111 
GLU HXT  H N N 112 
GLY N    N N N 113 
GLY CA   C N N 114 
GLY C    C N N 115 
GLY O    O N N 116 
GLY OXT  O N N 117 
GLY H    H N N 118 
GLY H2   H N N 119 
GLY HA2  H N N 120 
GLY HA3  H N N 121 
GLY HXT  H N N 122 
GOL C1   C N N 123 
GOL O1   O N N 124 
GOL C2   C N N 125 
GOL O2   O N N 126 
GOL C3   C N N 127 
GOL O3   O N N 128 
GOL H11  H N N 129 
GOL H12  H N N 130 
GOL HO1  H N N 131 
GOL H2   H N N 132 
GOL HO2  H N N 133 
GOL H31  H N N 134 
GOL H32  H N N 135 
GOL HO3  H N N 136 
HIS N    N N N 137 
HIS CA   C N S 138 
HIS C    C N N 139 
HIS O    O N N 140 
HIS CB   C N N 141 
HIS CG   C Y N 142 
HIS ND1  N Y N 143 
HIS CD2  C Y N 144 
HIS CE1  C Y N 145 
HIS NE2  N Y N 146 
HIS OXT  O N N 147 
HIS H    H N N 148 
HIS H2   H N N 149 
HIS HA   H N N 150 
HIS HB2  H N N 151 
HIS HB3  H N N 152 
HIS HD1  H N N 153 
HIS HD2  H N N 154 
HIS HE1  H N N 155 
HIS HE2  H N N 156 
HIS HXT  H N N 157 
HOH O    O N N 158 
HOH H1   H N N 159 
HOH H2   H N N 160 
ILE N    N N N 161 
ILE CA   C N S 162 
ILE C    C N N 163 
ILE O    O N N 164 
ILE CB   C N S 165 
ILE CG1  C N N 166 
ILE CG2  C N N 167 
ILE CD1  C N N 168 
ILE OXT  O N N 169 
ILE H    H N N 170 
ILE H2   H N N 171 
ILE HA   H N N 172 
ILE HB   H N N 173 
ILE HG12 H N N 174 
ILE HG13 H N N 175 
ILE HG21 H N N 176 
ILE HG22 H N N 177 
ILE HG23 H N N 178 
ILE HD11 H N N 179 
ILE HD12 H N N 180 
ILE HD13 H N N 181 
ILE HXT  H N N 182 
IOD I    I N N 183 
LEU N    N N N 184 
LEU CA   C N S 185 
LEU C    C N N 186 
LEU O    O N N 187 
LEU CB   C N N 188 
LEU CG   C N N 189 
LEU CD1  C N N 190 
LEU CD2  C N N 191 
LEU OXT  O N N 192 
LEU H    H N N 193 
LEU H2   H N N 194 
LEU HA   H N N 195 
LEU HB2  H N N 196 
LEU HB3  H N N 197 
LEU HG   H N N 198 
LEU HD11 H N N 199 
LEU HD12 H N N 200 
LEU HD13 H N N 201 
LEU HD21 H N N 202 
LEU HD22 H N N 203 
LEU HD23 H N N 204 
LEU HXT  H N N 205 
LYS N    N N N 206 
LYS CA   C N S 207 
LYS C    C N N 208 
LYS O    O N N 209 
LYS CB   C N N 210 
LYS CG   C N N 211 
LYS CD   C N N 212 
LYS CE   C N N 213 
LYS NZ   N N N 214 
LYS OXT  O N N 215 
LYS H    H N N 216 
LYS H2   H N N 217 
LYS HA   H N N 218 
LYS HB2  H N N 219 
LYS HB3  H N N 220 
LYS HG2  H N N 221 
LYS HG3  H N N 222 
LYS HD2  H N N 223 
LYS HD3  H N N 224 
LYS HE2  H N N 225 
LYS HE3  H N N 226 
LYS HZ1  H N N 227 
LYS HZ2  H N N 228 
LYS HZ3  H N N 229 
LYS HXT  H N N 230 
MET N    N N N 231 
MET CA   C N S 232 
MET C    C N N 233 
MET O    O N N 234 
MET CB   C N N 235 
MET CG   C N N 236 
MET SD   S N N 237 
MET CE   C N N 238 
MET OXT  O N N 239 
MET H    H N N 240 
MET H2   H N N 241 
MET HA   H N N 242 
MET HB2  H N N 243 
MET HB3  H N N 244 
MET HG2  H N N 245 
MET HG3  H N N 246 
MET HE1  H N N 247 
MET HE2  H N N 248 
MET HE3  H N N 249 
MET HXT  H N N 250 
NH4 N    N N N 251 
NH4 HN1  H N N 252 
NH4 HN2  H N N 253 
NH4 HN3  H N N 254 
NH4 HN4  H N N 255 
SER N    N N N 256 
SER CA   C N S 257 
SER C    C N N 258 
SER O    O N N 259 
SER CB   C N N 260 
SER OG   O N N 261 
SER OXT  O N N 262 
SER H    H N N 263 
SER H2   H N N 264 
SER HA   H N N 265 
SER HB2  H N N 266 
SER HB3  H N N 267 
SER HG   H N N 268 
SER HXT  H N N 269 
THR N    N N N 270 
THR CA   C N S 271 
THR C    C N N 272 
THR O    O N N 273 
THR CB   C N R 274 
THR OG1  O N N 275 
THR CG2  C N N 276 
THR OXT  O N N 277 
THR H    H N N 278 
THR H2   H N N 279 
THR HA   H N N 280 
THR HB   H N N 281 
THR HG1  H N N 282 
THR HG21 H N N 283 
THR HG22 H N N 284 
THR HG23 H N N 285 
THR HXT  H N N 286 
TRP N    N N N 287 
TRP CA   C N S 288 
TRP C    C N N 289 
TRP O    O N N 290 
TRP CB   C N N 291 
TRP CG   C Y N 292 
TRP CD1  C Y N 293 
TRP CD2  C Y N 294 
TRP NE1  N Y N 295 
TRP CE2  C Y N 296 
TRP CE3  C Y N 297 
TRP CZ2  C Y N 298 
TRP CZ3  C Y N 299 
TRP CH2  C Y N 300 
TRP OXT  O N N 301 
TRP H    H N N 302 
TRP H2   H N N 303 
TRP HA   H N N 304 
TRP HB2  H N N 305 
TRP HB3  H N N 306 
TRP HD1  H N N 307 
TRP HE1  H N N 308 
TRP HE3  H N N 309 
TRP HZ2  H N N 310 
TRP HZ3  H N N 311 
TRP HH2  H N N 312 
TRP HXT  H N N 313 
TYR N    N N N 314 
TYR CA   C N S 315 
TYR C    C N N 316 
TYR O    O N N 317 
TYR CB   C N N 318 
TYR CG   C Y N 319 
TYR CD1  C Y N 320 
TYR CD2  C Y N 321 
TYR CE1  C Y N 322 
TYR CE2  C Y N 323 
TYR CZ   C Y N 324 
TYR OH   O N N 325 
TYR OXT  O N N 326 
TYR H    H N N 327 
TYR H2   H N N 328 
TYR HA   H N N 329 
TYR HB2  H N N 330 
TYR HB3  H N N 331 
TYR HD1  H N N 332 
TYR HD2  H N N 333 
TYR HE1  H N N 334 
TYR HE2  H N N 335 
TYR HH   H N N 336 
TYR HXT  H N N 337 
VAL N    N N N 338 
VAL CA   C N S 339 
VAL C    C N N 340 
VAL O    O N N 341 
VAL CB   C N N 342 
VAL CG1  C N N 343 
VAL CG2  C N N 344 
VAL OXT  O N N 345 
VAL H    H N N 346 
VAL H2   H N N 347 
VAL HA   H N N 348 
VAL HB   H N N 349 
VAL HG11 H N N 350 
VAL HG12 H N N 351 
VAL HG13 H N N 352 
VAL HG21 H N N 353 
VAL HG22 H N N 354 
VAL HG23 H N N 355 
VAL HXT  H N N 356 
# 
loop_
_chem_comp_bond.comp_id 
_chem_comp_bond.atom_id_1 
_chem_comp_bond.atom_id_2 
_chem_comp_bond.value_order 
_chem_comp_bond.pdbx_aromatic_flag 
_chem_comp_bond.pdbx_stereo_config 
_chem_comp_bond.pdbx_ordinal 
ALA N   CA   sing N N 1   
ALA N   H    sing N N 2   
ALA N   H2   sing N N 3   
ALA CA  C    sing N N 4   
ALA CA  CB   sing N N 5   
ALA CA  HA   sing N N 6   
ALA C   O    doub N N 7   
ALA C   OXT  sing N N 8   
ALA CB  HB1  sing N N 9   
ALA CB  HB2  sing N N 10  
ALA CB  HB3  sing N N 11  
ALA OXT HXT  sing N N 12  
ARG N   CA   sing N N 13  
ARG N   H    sing N N 14  
ARG N   H2   sing N N 15  
ARG CA  C    sing N N 16  
ARG CA  CB   sing N N 17  
ARG CA  HA   sing N N 18  
ARG C   O    doub N N 19  
ARG C   OXT  sing N N 20  
ARG CB  CG   sing N N 21  
ARG CB  HB2  sing N N 22  
ARG CB  HB3  sing N N 23  
ARG CG  CD   sing N N 24  
ARG CG  HG2  sing N N 25  
ARG CG  HG3  sing N N 26  
ARG CD  NE   sing N N 27  
ARG CD  HD2  sing N N 28  
ARG CD  HD3  sing N N 29  
ARG NE  CZ   sing N N 30  
ARG NE  HE   sing N N 31  
ARG CZ  NH1  sing N N 32  
ARG CZ  NH2  doub N N 33  
ARG NH1 HH11 sing N N 34  
ARG NH1 HH12 sing N N 35  
ARG NH2 HH21 sing N N 36  
ARG NH2 HH22 sing N N 37  
ARG OXT HXT  sing N N 38  
ASN N   CA   sing N N 39  
ASN N   H    sing N N 40  
ASN N   H2   sing N N 41  
ASN CA  C    sing N N 42  
ASN CA  CB   sing N N 43  
ASN CA  HA   sing N N 44  
ASN C   O    doub N N 45  
ASN C   OXT  sing N N 46  
ASN CB  CG   sing N N 47  
ASN CB  HB2  sing N N 48  
ASN CB  HB3  sing N N 49  
ASN CG  OD1  doub N N 50  
ASN CG  ND2  sing N N 51  
ASN ND2 HD21 sing N N 52  
ASN ND2 HD22 sing N N 53  
ASN OXT HXT  sing N N 54  
ASP N   CA   sing N N 55  
ASP N   H    sing N N 56  
ASP N   H2   sing N N 57  
ASP CA  C    sing N N 58  
ASP CA  CB   sing N N 59  
ASP CA  HA   sing N N 60  
ASP C   O    doub N N 61  
ASP C   OXT  sing N N 62  
ASP CB  CG   sing N N 63  
ASP CB  HB2  sing N N 64  
ASP CB  HB3  sing N N 65  
ASP CG  OD1  doub N N 66  
ASP CG  OD2  sing N N 67  
ASP OD2 HD2  sing N N 68  
ASP OXT HXT  sing N N 69  
GLN N   CA   sing N N 70  
GLN N   H    sing N N 71  
GLN N   H2   sing N N 72  
GLN CA  C    sing N N 73  
GLN CA  CB   sing N N 74  
GLN CA  HA   sing N N 75  
GLN C   O    doub N N 76  
GLN C   OXT  sing N N 77  
GLN CB  CG   sing N N 78  
GLN CB  HB2  sing N N 79  
GLN CB  HB3  sing N N 80  
GLN CG  CD   sing N N 81  
GLN CG  HG2  sing N N 82  
GLN CG  HG3  sing N N 83  
GLN CD  OE1  doub N N 84  
GLN CD  NE2  sing N N 85  
GLN NE2 HE21 sing N N 86  
GLN NE2 HE22 sing N N 87  
GLN OXT HXT  sing N N 88  
GLU N   CA   sing N N 89  
GLU N   H    sing N N 90  
GLU N   H2   sing N N 91  
GLU CA  C    sing N N 92  
GLU CA  CB   sing N N 93  
GLU CA  HA   sing N N 94  
GLU C   O    doub N N 95  
GLU C   OXT  sing N N 96  
GLU CB  CG   sing N N 97  
GLU CB  HB2  sing N N 98  
GLU CB  HB3  sing N N 99  
GLU CG  CD   sing N N 100 
GLU CG  HG2  sing N N 101 
GLU CG  HG3  sing N N 102 
GLU CD  OE1  doub N N 103 
GLU CD  OE2  sing N N 104 
GLU OE2 HE2  sing N N 105 
GLU OXT HXT  sing N N 106 
GLY N   CA   sing N N 107 
GLY N   H    sing N N 108 
GLY N   H2   sing N N 109 
GLY CA  C    sing N N 110 
GLY CA  HA2  sing N N 111 
GLY CA  HA3  sing N N 112 
GLY C   O    doub N N 113 
GLY C   OXT  sing N N 114 
GLY OXT HXT  sing N N 115 
GOL C1  O1   sing N N 116 
GOL C1  C2   sing N N 117 
GOL C1  H11  sing N N 118 
GOL C1  H12  sing N N 119 
GOL O1  HO1  sing N N 120 
GOL C2  O2   sing N N 121 
GOL C2  C3   sing N N 122 
GOL C2  H2   sing N N 123 
GOL O2  HO2  sing N N 124 
GOL C3  O3   sing N N 125 
GOL C3  H31  sing N N 126 
GOL C3  H32  sing N N 127 
GOL O3  HO3  sing N N 128 
HIS N   CA   sing N N 129 
HIS N   H    sing N N 130 
HIS N   H2   sing N N 131 
HIS CA  C    sing N N 132 
HIS CA  CB   sing N N 133 
HIS CA  HA   sing N N 134 
HIS C   O    doub N N 135 
HIS C   OXT  sing N N 136 
HIS CB  CG   sing N N 137 
HIS CB  HB2  sing N N 138 
HIS CB  HB3  sing N N 139 
HIS CG  ND1  sing Y N 140 
HIS CG  CD2  doub Y N 141 
HIS ND1 CE1  doub Y N 142 
HIS ND1 HD1  sing N N 143 
HIS CD2 NE2  sing Y N 144 
HIS CD2 HD2  sing N N 145 
HIS CE1 NE2  sing Y N 146 
HIS CE1 HE1  sing N N 147 
HIS NE2 HE2  sing N N 148 
HIS OXT HXT  sing N N 149 
HOH O   H1   sing N N 150 
HOH O   H2   sing N N 151 
ILE N   CA   sing N N 152 
ILE N   H    sing N N 153 
ILE N   H2   sing N N 154 
ILE CA  C    sing N N 155 
ILE CA  CB   sing N N 156 
ILE CA  HA   sing N N 157 
ILE C   O    doub N N 158 
ILE C   OXT  sing N N 159 
ILE CB  CG1  sing N N 160 
ILE CB  CG2  sing N N 161 
ILE CB  HB   sing N N 162 
ILE CG1 CD1  sing N N 163 
ILE CG1 HG12 sing N N 164 
ILE CG1 HG13 sing N N 165 
ILE CG2 HG21 sing N N 166 
ILE CG2 HG22 sing N N 167 
ILE CG2 HG23 sing N N 168 
ILE CD1 HD11 sing N N 169 
ILE CD1 HD12 sing N N 170 
ILE CD1 HD13 sing N N 171 
ILE OXT HXT  sing N N 172 
LEU N   CA   sing N N 173 
LEU N   H    sing N N 174 
LEU N   H2   sing N N 175 
LEU CA  C    sing N N 176 
LEU CA  CB   sing N N 177 
LEU CA  HA   sing N N 178 
LEU C   O    doub N N 179 
LEU C   OXT  sing N N 180 
LEU CB  CG   sing N N 181 
LEU CB  HB2  sing N N 182 
LEU CB  HB3  sing N N 183 
LEU CG  CD1  sing N N 184 
LEU CG  CD2  sing N N 185 
LEU CG  HG   sing N N 186 
LEU CD1 HD11 sing N N 187 
LEU CD1 HD12 sing N N 188 
LEU CD1 HD13 sing N N 189 
LEU CD2 HD21 sing N N 190 
LEU CD2 HD22 sing N N 191 
LEU CD2 HD23 sing N N 192 
LEU OXT HXT  sing N N 193 
LYS N   CA   sing N N 194 
LYS N   H    sing N N 195 
LYS N   H2   sing N N 196 
LYS CA  C    sing N N 197 
LYS CA  CB   sing N N 198 
LYS CA  HA   sing N N 199 
LYS C   O    doub N N 200 
LYS C   OXT  sing N N 201 
LYS CB  CG   sing N N 202 
LYS CB  HB2  sing N N 203 
LYS CB  HB3  sing N N 204 
LYS CG  CD   sing N N 205 
LYS CG  HG2  sing N N 206 
LYS CG  HG3  sing N N 207 
LYS CD  CE   sing N N 208 
LYS CD  HD2  sing N N 209 
LYS CD  HD3  sing N N 210 
LYS CE  NZ   sing N N 211 
LYS CE  HE2  sing N N 212 
LYS CE  HE3  sing N N 213 
LYS NZ  HZ1  sing N N 214 
LYS NZ  HZ2  sing N N 215 
LYS NZ  HZ3  sing N N 216 
LYS OXT HXT  sing N N 217 
MET N   CA   sing N N 218 
MET N   H    sing N N 219 
MET N   H2   sing N N 220 
MET CA  C    sing N N 221 
MET CA  CB   sing N N 222 
MET CA  HA   sing N N 223 
MET C   O    doub N N 224 
MET C   OXT  sing N N 225 
MET CB  CG   sing N N 226 
MET CB  HB2  sing N N 227 
MET CB  HB3  sing N N 228 
MET CG  SD   sing N N 229 
MET CG  HG2  sing N N 230 
MET CG  HG3  sing N N 231 
MET SD  CE   sing N N 232 
MET CE  HE1  sing N N 233 
MET CE  HE2  sing N N 234 
MET CE  HE3  sing N N 235 
MET OXT HXT  sing N N 236 
NH4 N   HN1  sing N N 237 
NH4 N   HN2  sing N N 238 
NH4 N   HN3  sing N N 239 
NH4 N   HN4  sing N N 240 
SER N   CA   sing N N 241 
SER N   H    sing N N 242 
SER N   H2   sing N N 243 
SER CA  C    sing N N 244 
SER CA  CB   sing N N 245 
SER CA  HA   sing N N 246 
SER C   O    doub N N 247 
SER C   OXT  sing N N 248 
SER CB  OG   sing N N 249 
SER CB  HB2  sing N N 250 
SER CB  HB3  sing N N 251 
SER OG  HG   sing N N 252 
SER OXT HXT  sing N N 253 
THR N   CA   sing N N 254 
THR N   H    sing N N 255 
THR N   H2   sing N N 256 
THR CA  C    sing N N 257 
THR CA  CB   sing N N 258 
THR CA  HA   sing N N 259 
THR C   O    doub N N 260 
THR C   OXT  sing N N 261 
THR CB  OG1  sing N N 262 
THR CB  CG2  sing N N 263 
THR CB  HB   sing N N 264 
THR OG1 HG1  sing N N 265 
THR CG2 HG21 sing N N 266 
THR CG2 HG22 sing N N 267 
THR CG2 HG23 sing N N 268 
THR OXT HXT  sing N N 269 
TRP N   CA   sing N N 270 
TRP N   H    sing N N 271 
TRP N   H2   sing N N 272 
TRP CA  C    sing N N 273 
TRP CA  CB   sing N N 274 
TRP CA  HA   sing N N 275 
TRP C   O    doub N N 276 
TRP C   OXT  sing N N 277 
TRP CB  CG   sing N N 278 
TRP CB  HB2  sing N N 279 
TRP CB  HB3  sing N N 280 
TRP CG  CD1  doub Y N 281 
TRP CG  CD2  sing Y N 282 
TRP CD1 NE1  sing Y N 283 
TRP CD1 HD1  sing N N 284 
TRP CD2 CE2  doub Y N 285 
TRP CD2 CE3  sing Y N 286 
TRP NE1 CE2  sing Y N 287 
TRP NE1 HE1  sing N N 288 
TRP CE2 CZ2  sing Y N 289 
TRP CE3 CZ3  doub Y N 290 
TRP CE3 HE3  sing N N 291 
TRP CZ2 CH2  doub Y N 292 
TRP CZ2 HZ2  sing N N 293 
TRP CZ3 CH2  sing Y N 294 
TRP CZ3 HZ3  sing N N 295 
TRP CH2 HH2  sing N N 296 
TRP OXT HXT  sing N N 297 
TYR N   CA   sing N N 298 
TYR N   H    sing N N 299 
TYR N   H2   sing N N 300 
TYR CA  C    sing N N 301 
TYR CA  CB   sing N N 302 
TYR CA  HA   sing N N 303 
TYR C   O    doub N N 304 
TYR C   OXT  sing N N 305 
TYR CB  CG   sing N N 306 
TYR CB  HB2  sing N N 307 
TYR CB  HB3  sing N N 308 
TYR CG  CD1  doub Y N 309 
TYR CG  CD2  sing Y N 310 
TYR CD1 CE1  sing Y N 311 
TYR CD1 HD1  sing N N 312 
TYR CD2 CE2  doub Y N 313 
TYR CD2 HD2  sing N N 314 
TYR CE1 CZ   doub Y N 315 
TYR CE1 HE1  sing N N 316 
TYR CE2 CZ   sing Y N 317 
TYR CE2 HE2  sing N N 318 
TYR CZ  OH   sing N N 319 
TYR OH  HH   sing N N 320 
TYR OXT HXT  sing N N 321 
VAL N   CA   sing N N 322 
VAL N   H    sing N N 323 
VAL N   H2   sing N N 324 
VAL CA  C    sing N N 325 
VAL CA  CB   sing N N 326 
VAL CA  HA   sing N N 327 
VAL C   O    doub N N 328 
VAL C   OXT  sing N N 329 
VAL CB  CG1  sing N N 330 
VAL CB  CG2  sing N N 331 
VAL CB  HB   sing N N 332 
VAL CG1 HG11 sing N N 333 
VAL CG1 HG12 sing N N 334 
VAL CG1 HG13 sing N N 335 
VAL CG2 HG21 sing N N 336 
VAL CG2 HG22 sing N N 337 
VAL CG2 HG23 sing N N 338 
VAL OXT HXT  sing N N 339 
# 
_atom_sites.entry_id                    3QH9 
_atom_sites.fract_transf_matrix[1][1]   -0.02013992 
_atom_sites.fract_transf_matrix[1][2]   -0.01416760 
_atom_sites.fract_transf_matrix[1][3]   -0.02252598 
_atom_sites.fract_transf_matrix[2][1]   0.00490123 
_atom_sites.fract_transf_matrix[2][2]   -0.00186687 
_atom_sites.fract_transf_matrix[2][3]   -0.00320791 
_atom_sites.fract_transf_matrix[3][1]   0.00048124 
_atom_sites.fract_transf_matrix[3][2]   -0.02480550 
_atom_sites.fract_transf_matrix[3][3]   0.01517103 
_atom_sites.fract_transf_vector[1]      0.068996 
_atom_sites.fract_transf_vector[2]      0.107922 
_atom_sites.fract_transf_vector[3]      0.206450 
# 
loop_
_atom_type.symbol 
C 
I 
N 
O 
# 
loop_
_atom_site.group_PDB 
_atom_site.id 
_atom_site.type_symbol 
_atom_site.label_atom_id 
_atom_site.label_alt_id 
_atom_site.label_comp_id 
_atom_site.label_asym_id 
_atom_site.label_entity_id 
_atom_site.label_seq_id 
_atom_site.pdbx_PDB_ins_code 
_atom_site.Cartn_x 
_atom_site.Cartn_y 
_atom_site.Cartn_z 
_atom_site.occupancy 
_atom_site.B_iso_or_equiv 
_atom_site.pdbx_formal_charge 
_atom_site.auth_seq_id 
_atom_site.auth_comp_id 
_atom_site.auth_asym_id 
_atom_site.auth_atom_id 
_atom_site.pdbx_PDB_model_num 
ATOM   1   N N   . GLN A 1 14 ? 41.891  -20.885 -21.611 1.00 69.27 ? 14  GLN A N   1 
ATOM   2   C CA  . GLN A 1 14 ? 40.970  -19.694 -21.652 1.00 73.10 ? 14  GLN A CA  1 
ATOM   3   C C   . GLN A 1 14 ? 39.602  -19.976 -22.372 1.00 71.37 ? 14  GLN A C   1 
ATOM   4   O O   . GLN A 1 14 ? 38.816  -19.064 -22.739 1.00 69.07 ? 14  GLN A O   1 
ATOM   5   C CB  . GLN A 1 14 ? 41.681  -18.480 -22.255 1.00 74.81 ? 14  GLN A CB  1 
ATOM   6   C CG  . GLN A 1 14 ? 41.973  -18.630 -23.750 1.00 79.02 ? 14  GLN A CG  1 
ATOM   7   C CD  . GLN A 1 14 ? 40.840  -18.129 -24.640 1.00 82.06 ? 14  GLN A CD  1 
ATOM   8   O OE1 . GLN A 1 14 ? 40.146  -18.922 -25.305 1.00 85.21 ? 14  GLN A OE1 1 
ATOM   9   N NE2 . GLN A 1 14 ? 40.632  -16.807 -24.643 1.00 85.43 ? 14  GLN A NE2 1 
ATOM   10  N N   . GLU A 1 15 ? 39.303  -21.254 -22.535 1.00 70.70 ? 15  GLU A N   1 
ATOM   11  C CA  . GLU A 1 15 ? 37.923  -21.643 -22.626 1.00 71.34 ? 15  GLU A CA  1 
ATOM   12  C C   . GLU A 1 15 ? 37.295  -21.219 -21.281 1.00 67.64 ? 15  GLU A C   1 
ATOM   13  O O   . GLU A 1 15 ? 36.108  -20.886 -21.225 1.00 67.04 ? 15  GLU A O   1 
ATOM   14  C CB  . GLU A 1 15 ? 37.766  -23.146 -22.895 1.00 73.17 ? 15  GLU A CB  1 
ATOM   15  C CG  . GLU A 1 15 ? 38.304  -24.066 -21.781 1.00 81.47 ? 15  GLU A CG  1 
ATOM   16  C CD  . GLU A 1 15 ? 37.330  -25.185 -21.399 1.00 92.38 ? 15  GLU A CD  1 
ATOM   17  O OE1 . GLU A 1 15 ? 37.084  -26.085 -22.250 1.00 97.11 ? 15  GLU A OE1 1 
ATOM   18  O OE2 . GLU A 1 15 ? 36.828  -25.155 -20.241 1.00 96.42 ? 15  GLU A OE2 1 
ATOM   19  N N   . GLU A 1 16 ? 38.099  -21.214 -20.213 1.00 64.37 ? 16  GLU A N   1 
ATOM   20  C CA  . GLU A 1 16 ? 37.603  -20.842 -18.858 1.00 65.32 ? 16  GLU A CA  1 
ATOM   21  C C   . GLU A 1 16 ? 37.360  -19.329 -18.618 1.00 57.53 ? 16  GLU A C   1 
ATOM   22  O O   . GLU A 1 16 ? 36.536  -18.988 -17.787 1.00 53.69 ? 16  GLU A O   1 
ATOM   23  C CB  . GLU A 1 16 ? 38.446  -21.517 -17.748 1.00 68.93 ? 16  GLU A CB  1 
ATOM   24  C CG  . GLU A 1 16 ? 38.048  -23.026 -17.561 1.00 77.57 ? 16  GLU A CG  1 
ATOM   25  C CD  . GLU A 1 16 ? 39.221  -23.963 -17.197 1.00 90.18 ? 16  GLU A CD  1 
ATOM   26  O OE1 . GLU A 1 16 ? 39.732  -23.843 -16.056 1.00 96.46 ? 16  GLU A OE1 1 
ATOM   27  O OE2 . GLU A 1 16 ? 39.609  -24.836 -18.038 1.00 91.39 ? 16  GLU A OE2 1 
ATOM   28  N N   . LYS A 1 17 ? 38.054  -18.462 -19.364 1.00 53.35 ? 17  LYS A N   1 
ATOM   29  C CA  . LYS A 1 17 ? 37.616  -17.067 -19.594 1.00 53.65 ? 17  LYS A CA  1 
ATOM   30  C C   . LYS A 1 17 ? 36.231  -17.031 -20.242 1.00 50.14 ? 17  LYS A C   1 
ATOM   31  O O   . LYS A 1 17 ? 35.337  -16.266 -19.818 1.00 45.56 ? 17  LYS A O   1 
ATOM   32  C CB  . LYS A 1 17 ? 38.551  -16.358 -20.572 1.00 56.59 ? 17  LYS A CB  1 
ATOM   33  C CG  . LYS A 1 17 ? 38.915  -14.906 -20.224 1.00 66.57 ? 17  LYS A CG  1 
ATOM   34  C CD  . LYS A 1 17 ? 40.321  -14.817 -19.579 1.00 72.82 ? 17  LYS A CD  1 
ATOM   35  C CE  . LYS A 1 17 ? 41.172  -13.719 -20.197 1.00 76.27 ? 17  LYS A CE  1 
ATOM   36  N NZ  . LYS A 1 17 ? 42.269  -13.313 -19.259 1.00 86.32 ? 17  LYS A NZ  1 
ATOM   37  N N   . GLN A 1 18 ? 36.073  -17.830 -21.303 1.00 46.38 ? 18  GLN A N   1 
ATOM   38  C CA  . GLN A 1 18 ? 34.775  -17.985 -21.948 1.00 44.46 ? 18  GLN A CA  1 
ATOM   39  C C   . GLN A 1 18 ? 33.736  -18.550 -20.958 1.00 41.96 ? 18  GLN A C   1 
ATOM   40  O O   . GLN A 1 18 ? 32.623  -18.022 -20.860 1.00 45.15 ? 18  GLN A O   1 
ATOM   41  C CB  . GLN A 1 18 ? 34.888  -18.835 -23.226 1.00 46.58 ? 18  GLN A CB  1 
ATOM   42  C CG  . GLN A 1 18 ? 33.585  -18.984 -24.040 1.00 50.08 ? 18  GLN A CG  1 
ATOM   43  C CD  . GLN A 1 18 ? 32.944  -17.643 -24.400 1.00 49.46 ? 18  GLN A CD  1 
ATOM   44  O OE1 . GLN A 1 18 ? 33.590  -16.772 -24.976 1.00 46.37 ? 18  GLN A OE1 1 
ATOM   45  N NE2 . GLN A 1 18 ? 31.662  -17.491 -24.085 1.00 56.11 ? 18  GLN A NE2 1 
ATOM   46  N N   . ARG A 1 19 ? 34.108  -19.584 -20.212 1.00 39.51 ? 19  ARG A N   1 
ATOM   47  C CA  . ARG A 1 19 ? 33.194  -20.244 -19.293 1.00 41.33 ? 19  ARG A CA  1 
ATOM   48  C C   . ARG A 1 19 ? 32.773  -19.337 -18.158 1.00 41.68 ? 19  ARG A C   1 
ATOM   49  O O   . ARG A 1 19 ? 31.574  -19.275 -17.817 1.00 42.27 ? 19  ARG A O   1 
ATOM   50  C CB  . ARG A 1 19 ? 33.854  -21.475 -18.724 1.00 45.18 ? 19  ARG A CB  1 
ATOM   51  C CG  . ARG A 1 19 ? 32.985  -22.517 -18.038 1.00 45.59 ? 19  ARG A CG  1 
ATOM   52  C CD  . ARG A 1 19 ? 33.993  -23.499 -17.431 1.00 57.58 ? 19  ARG A CD  1 
ATOM   53  N NE  . ARG A 1 19 ? 33.587  -24.881 -17.180 1.00 61.15 ? 19  ARG A NE  1 
ATOM   54  C CZ  . ARG A 1 19 ? 32.442  -25.287 -16.633 1.00 63.92 ? 19  ARG A CZ  1 
ATOM   55  N NH1 . ARG A 1 19 ? 31.492  -24.429 -16.271 1.00 64.02 ? 19  ARG A NH1 1 
ATOM   56  N NH2 . ARG A 1 19 ? 32.248  -26.592 -16.449 1.00 69.52 ? 19  ARG A NH2 1 
ATOM   57  N N   . LYS A 1 20 ? 33.729  -18.626 -17.567 1.00 41.71 ? 20  LYS A N   1 
ATOM   58  C CA  . LYS A 1 20 ? 33.378  -17.646 -16.562 1.00 42.66 ? 20  LYS A CA  1 
ATOM   59  C C   . LYS A 1 20 ? 32.505  -16.528 -17.147 1.00 40.71 ? 20  LYS A C   1 
ATOM   60  O O   . LYS A 1 20 ? 31.627  -16.014 -16.450 1.00 41.32 ? 20  LYS A O   1 
ATOM   61  C CB  . LYS A 1 20 ? 34.631  -17.055 -15.914 1.00 46.32 ? 20  LYS A CB  1 
ATOM   62  C CG  . LYS A 1 20 ? 34.370  -15.939 -14.892 1.00 49.91 ? 20  LYS A CG  1 
ATOM   63  C CD  . LYS A 1 20 ? 33.769  -16.463 -13.565 1.00 57.33 ? 20  LYS A CD  1 
ATOM   64  C CE  . LYS A 1 20 ? 33.688  -15.348 -12.492 1.00 58.87 ? 20  LYS A CE  1 
ATOM   65  N NZ  . LYS A 1 20 ? 35.025  -14.860 -11.956 1.00 63.70 ? 20  LYS A NZ  1 
ATOM   66  N N   . ALA A 1 21 ? 32.755  -16.133 -18.404 1.00 37.99 ? 21  ALA A N   1 
ATOM   67  C CA  . ALA A 1 21 ? 31.899  -15.130 -19.067 1.00 36.97 ? 21  ALA A CA  1 
ATOM   68  C C   . ALA A 1 21 ? 30.468  -15.631 -19.060 1.00 32.87 ? 21  ALA A C   1 
ATOM   69  O O   . ALA A 1 21 ? 29.561  -14.924 -18.616 1.00 28.34 ? 21  ALA A O   1 
ATOM   70  C CB  . ALA A 1 21 ? 32.344  -14.810 -20.489 1.00 37.80 ? 21  ALA A CB  1 
ATOM   71  N N   . GLU A 1 22 ? 30.276  -16.874 -19.480 1.00 31.46 ? 22  GLU A N   1 
ATOM   72  C CA  . GLU A 1 22 ? 28.895  -17.366 -19.652 1.00 35.04 ? 22  GLU A CA  1 
ATOM   73  C C   . GLU A 1 22 ? 28.158  -17.518 -18.301 1.00 34.81 ? 22  GLU A C   1 
ATOM   74  O O   . GLU A 1 22 ? 26.952  -17.306 -18.243 1.00 31.92 ? 22  GLU A O   1 
ATOM   75  C CB  . GLU A 1 22 ? 28.825  -18.632 -20.528 1.00 33.44 ? 22  GLU A CB  1 
ATOM   76  C CG  . GLU A 1 22 ? 29.323  -18.422 -21.934 1.00 36.40 ? 22  GLU A CG  1 
ATOM   77  C CD  . GLU A 1 22 ? 29.375  -19.723 -22.758 1.00 34.38 ? 22  GLU A CD  1 
ATOM   78  O OE1 . GLU A 1 22 ? 28.647  -20.689 -22.412 1.00 41.16 ? 22  GLU A OE1 1 
ATOM   79  O OE2 . GLU A 1 22 ? 30.115  -19.776 -23.751 1.00 31.58 ? 22  GLU A OE2 1 
ATOM   80  N N   . GLU A 1 23 ? 28.925  -17.817 -17.246 1.00 37.93 ? 23  GLU A N   1 
ATOM   81  C CA  . GLU A 1 23 ? 28.457  -17.911 -15.860 1.00 38.88 ? 23  GLU A CA  1 
ATOM   82  C C   . GLU A 1 23 ? 27.894  -16.593 -15.377 1.00 36.08 ? 23  GLU A C   1 
ATOM   83  O O   . GLU A 1 23 ? 26.782  -16.550 -14.882 1.00 32.69 ? 23  GLU A O   1 
ATOM   84  C CB  . GLU A 1 23 ? 29.596  -18.335 -14.929 1.00 43.62 ? 23  GLU A CB  1 
ATOM   85  C CG  . GLU A 1 23 ? 29.669  -19.885 -14.745 1.00 55.59 ? 23  GLU A CG  1 
ATOM   86  C CD  . GLU A 1 23 ? 31.069  -20.446 -14.387 1.00 65.19 ? 23  GLU A CD  1 
ATOM   87  O OE1 . GLU A 1 23 ? 31.207  -21.693 -14.284 1.00 70.08 ? 23  GLU A OE1 1 
ATOM   88  O OE2 . GLU A 1 23 ? 32.030  -19.662 -14.224 1.00 74.44 ? 23  GLU A OE2 1 
ATOM   89  N N   . LEU A 1 24 ? 28.697  -15.542 -15.529 1.00 34.11 ? 24  LEU A N   1 
ATOM   90  C CA  . LEU A 1 24 ? 28.299  -14.153 -15.333 1.00 34.27 ? 24  LEU A CA  1 
ATOM   91  C C   . LEU A 1 24 ? 27.069  -13.682 -16.126 1.00 33.29 ? 24  LEU A C   1 
ATOM   92  O O   . LEU A 1 24 ? 26.289  -12.961 -15.581 1.00 27.50 ? 24  LEU A O   1 
ATOM   93  C CB  . LEU A 1 24 ? 29.518  -13.230 -15.548 1.00 39.16 ? 24  LEU A CB  1 
ATOM   94  C CG  . LEU A 1 24 ? 30.260  -12.809 -14.242 1.00 44.37 ? 24  LEU A CG  1 
ATOM   95  C CD1 . LEU A 1 24 ? 30.010  -13.757 -13.008 1.00 43.50 ? 24  LEU A CD1 1 
ATOM   96  C CD2 . LEU A 1 24 ? 31.761  -12.614 -14.509 1.00 50.02 ? 24  LEU A CD2 1 
ATOM   97  N N   . LEU A 1 25 ? 26.839  -14.162 -17.359 1.00 32.73 ? 25  LEU A N   1 
ATOM   98  C CA  . LEU A 1 25 ? 25.673  -13.715 -18.127 1.00 33.95 ? 25  LEU A CA  1 
ATOM   99  C C   . LEU A 1 25 ? 24.400  -14.261 -17.517 1.00 32.31 ? 25  LEU A C   1 
ATOM   100 O O   . LEU A 1 25 ? 23.416  -13.548 -17.384 1.00 35.05 ? 25  LEU A O   1 
ATOM   101 C CB  . LEU A 1 25 ? 25.791  -14.159 -19.566 1.00 35.94 ? 25  LEU A CB  1 
ATOM   102 C CG  . LEU A 1 25 ? 26.710  -13.339 -20.442 1.00 41.50 ? 25  LEU A CG  1 
ATOM   103 C CD1 . LEU A 1 25 ? 26.815  -14.006 -21.835 1.00 46.25 ? 25  LEU A CD1 1 
ATOM   104 C CD2 . LEU A 1 25 ? 26.149  -11.965 -20.539 1.00 44.60 ? 25  LEU A CD2 1 
ATOM   105 N N   . GLN A 1 26 ? 24.475  -15.540 -17.157 1.00 34.43 ? 26  GLN A N   1 
ATOM   106 C CA  . GLN A 1 26 ? 23.444  -16.311 -16.469 1.00 39.12 ? 26  GLN A CA  1 
ATOM   107 C C   . GLN A 1 26 ? 23.057  -15.613 -15.199 1.00 37.67 ? 26  GLN A C   1 
ATOM   108 O O   . GLN A 1 26 ? 21.884  -15.401 -14.902 1.00 44.33 ? 26  GLN A O   1 
ATOM   109 C CB  . GLN A 1 26 ? 23.989  -17.713 -16.130 1.00 40.22 ? 26  GLN A CB  1 
ATOM   110 C CG  . GLN A 1 26 ? 22.946  -18.711 -15.553 1.00 54.64 ? 26  GLN A CG  1 
ATOM   111 C CD  . GLN A 1 26 ? 23.414  -20.200 -15.511 1.00 68.19 ? 26  GLN A CD  1 
ATOM   112 O OE1 . GLN A 1 26 ? 24.627  -20.521 -15.458 1.00 67.49 ? 26  GLN A OE1 1 
ATOM   113 N NE2 . GLN A 1 26 ? 22.427  -21.114 -15.525 1.00 75.68 ? 26  GLN A NE2 1 
ATOM   114 N N   . GLU A 1 27 ? 24.059  -15.247 -14.441 1.00 34.62 ? 27  GLU A N   1 
ATOM   115 C CA  . GLU A 1 27 ? 23.796  -14.506 -13.210 1.00 33.51 ? 27  GLU A CA  1 
ATOM   116 C C   . GLU A 1 27 ? 23.101  -13.140 -13.426 1.00 28.30 ? 27  GLU A C   1 
ATOM   117 O O   . GLU A 1 27 ? 22.192  -12.771 -12.701 1.00 25.93 ? 27  GLU A O   1 
ATOM   118 C CB  . GLU A 1 27 ? 25.075  -14.355 -12.411 1.00 30.85 ? 27  GLU A CB  1 
ATOM   119 C CG  . GLU A 1 27 ? 24.665  -14.206 -10.971 1.00 44.98 ? 27  GLU A CG  1 
ATOM   120 C CD  . GLU A 1 27 ? 25.769  -13.906 -10.030 1.00 46.85 ? 27  GLU A CD  1 
ATOM   121 O OE1 . GLU A 1 27 ? 25.431  -13.443 -8.913  1.00 55.34 ? 27  GLU A OE1 1 
ATOM   122 O OE2 . GLU A 1 27 ? 26.944  -14.155 -10.399 1.00 57.69 ? 27  GLU A OE2 1 
ATOM   123 N N   . LEU A 1 28 ? 23.530  -12.408 -14.446 1.00 27.12 ? 28  LEU A N   1 
ATOM   124 C CA  . LEU A 1 28 ? 22.930  -11.141 -14.873 1.00 28.74 ? 28  LEU A CA  1 
ATOM   125 C C   . LEU A 1 28 ? 21.514  -11.324 -15.264 1.00 29.62 ? 28  LEU A C   1 
ATOM   126 O O   . LEU A 1 28 ? 20.688  -10.517 -14.891 1.00 27.76 ? 28  LEU A O   1 
ATOM   127 C CB  . LEU A 1 28 ? 23.613  -10.614 -16.135 1.00 31.02 ? 28  LEU A CB  1 
ATOM   128 C CG  . LEU A 1 28 ? 24.231  -9.241  -16.243 1.00 40.92 ? 28  LEU A CG  1 
ATOM   129 C CD1 . LEU A 1 28 ? 25.519  -9.236  -15.444 1.00 42.49 ? 28  LEU A CD1 1 
ATOM   130 C CD2 . LEU A 1 28 ? 24.520  -9.020  -17.741 1.00 43.27 ? 28  LEU A CD2 1 
ATOM   131 N N   . ARG A 1 29 ? 21.241  -12.369 -16.075 1.00 31.25 ? 29  ARG A N   1 
ATOM   132 C CA  . ARG A 1 29 ? 19.880  -12.665 -16.470 1.00 34.64 ? 29  ARG A CA  1 
ATOM   133 C C   . ARG A 1 29 ? 19.009  -12.888 -15.251 1.00 33.68 ? 29  ARG A C   1 
ATOM   134 O O   . ARG A 1 29 ? 17.874  -12.396 -15.220 1.00 40.97 ? 29  ARG A O   1 
ATOM   135 C CB  . ARG A 1 29 ? 19.780  -13.950 -17.359 1.00 38.08 ? 29  ARG A CB  1 
ATOM   136 C CG  . ARG A 1 29 ? 20.448  -13.894 -18.733 1.00 45.16 ? 29  ARG A CG  1 
ATOM   137 C CD  . ARG A 1 29 ? 20.210  -15.224 -19.593 1.00 60.99 ? 29  ARG A CD  1 
ATOM   138 N NE  . ARG A 1 29 ? 20.938  -16.438 -19.122 1.00 70.44 ? 29  ARG A NE  1 
ATOM   139 C CZ  . ARG A 1 29 ? 22.099  -16.931 -19.612 1.00 71.98 ? 29  ARG A CZ  1 
ATOM   140 N NH1 . ARG A 1 29 ? 22.759  -16.354 -20.626 1.00 69.52 ? 29  ARG A NH1 1 
ATOM   141 N NH2 . ARG A 1 29 ? 22.621  -18.037 -19.067 1.00 74.12 ? 29  ARG A NH2 1 
ATOM   142 N N   . HIS A 1 30 ? 19.489  -13.678 -14.285 1.00 30.25 ? 30  HIS A N   1 
ATOM   143 C CA  . HIS A 1 30 ? 18.674  -14.017 -13.137 1.00 33.66 ? 30  HIS A CA  1 
ATOM   144 C C   . HIS A 1 30 ? 18.436  -12.745 -12.258 1.00 33.20 ? 30  HIS A C   1 
ATOM   145 O O   . HIS A 1 30 ? 17.327  -12.487 -11.810 1.00 34.03 ? 30  HIS A O   1 
ATOM   146 C CB  . HIS A 1 30 ? 19.326  -15.135 -12.304 1.00 35.76 ? 30  HIS A CB  1 
ATOM   147 C CG  . HIS A 1 30 ? 19.131  -16.526 -12.839 1.00 50.65 ? 30  HIS A CG  1 
ATOM   148 N ND1 . HIS A 1 30 ? 20.184  -17.403 -13.030 1.00 57.11 ? 30  HIS A ND1 1 
ATOM   149 C CD2 . HIS A 1 30 ? 18.010  -17.211 -13.179 1.00 61.54 ? 30  HIS A CD2 1 
ATOM   150 C CE1 . HIS A 1 30 ? 19.721  -18.555 -13.480 1.00 64.36 ? 30  HIS A CE1 1 
ATOM   151 N NE2 . HIS A 1 30 ? 18.405  -18.467 -13.578 1.00 67.18 ? 30  HIS A NE2 1 
ATOM   152 N N   . LEU A 1 31 ? 19.489  -11.968 -12.000 1.00 33.77 ? 31  LEU A N   1 
ATOM   153 C CA  . LEU A 1 31 ? 19.366  -10.755 -11.228 1.00 33.79 ? 31  LEU A CA  1 
ATOM   154 C C   . LEU A 1 31 ? 18.417  -9.761  -11.899 1.00 34.07 ? 31  LEU A C   1 
ATOM   155 O O   . LEU A 1 31 ? 17.719  -9.008  -11.229 1.00 34.11 ? 31  LEU A O   1 
ATOM   156 C CB  . LEU A 1 31 ? 20.740  -10.107 -11.048 1.00 36.75 ? 31  LEU A CB  1 
ATOM   157 C CG  . LEU A 1 31 ? 21.637  -10.581 -9.904  1.00 39.67 ? 31  LEU A CG  1 
ATOM   158 C CD1 . LEU A 1 31 ? 23.006  -10.134 -10.212 1.00 40.73 ? 31  LEU A CD1 1 
ATOM   159 C CD2 . LEU A 1 31 ? 21.185  -10.027 -8.567  1.00 40.99 ? 31  LEU A CD2 1 
ATOM   160 N N   . LYS A 1 32 ? 18.404  -9.739  -13.222 1.00 36.92 ? 32  LYS A N   1 
ATOM   161 C CA  . LYS A 1 32 ? 17.543  -8.810  -13.952 1.00 38.94 ? 32  LYS A CA  1 
ATOM   162 C C   . LYS A 1 32 ? 16.070  -9.157  -13.844 1.00 40.40 ? 32  LYS A C   1 
ATOM   163 O O   . LYS A 1 32 ? 15.244  -8.254  -13.824 1.00 39.16 ? 32  LYS A O   1 
ATOM   164 C CB  . LYS A 1 32 ? 17.916  -8.713  -15.424 1.00 37.75 ? 32  LYS A CB  1 
ATOM   165 C CG  . LYS A 1 32 ? 19.196  -7.949  -15.636 1.00 41.05 ? 32  LYS A CG  1 
ATOM   166 C CD  . LYS A 1 32 ? 19.486  -7.660  -17.106 1.00 51.87 ? 32  LYS A CD  1 
ATOM   167 C CE  . LYS A 1 32 ? 20.701  -6.740  -17.263 1.00 56.88 ? 32  LYS A CE  1 
ATOM   168 N NZ  . LYS A 1 32 ? 21.231  -6.673  -18.665 1.00 63.77 ? 32  LYS A NZ  1 
ATOM   169 N N   . ILE A 1 33 ? 15.767  -10.455 -13.832 1.00 41.09 ? 33  ILE A N   1 
ATOM   170 C CA  . ILE A 1 33 ? 14.431  -10.948 -13.539 1.00 41.61 ? 33  ILE A CA  1 
ATOM   171 C C   . ILE A 1 33 ? 14.070  -10.617 -12.080 1.00 39.59 ? 33  ILE A C   1 
ATOM   172 O O   . ILE A 1 33 ? 12.969  -10.166 -11.813 1.00 41.43 ? 33  ILE A O   1 
ATOM   173 C CB  . ILE A 1 33 ? 14.316  -12.489 -13.749 1.00 43.40 ? 33  ILE A CB  1 
ATOM   174 C CG1 . ILE A 1 33 ? 14.528  -12.880 -15.199 1.00 45.00 ? 33  ILE A CG1 1 
ATOM   175 C CG2 . ILE A 1 33 ? 12.925  -13.010 -13.386 1.00 44.09 ? 33  ILE A CG2 1 
ATOM   176 C CD1 . ILE A 1 33 ? 14.681  -14.436 -15.368 1.00 46.75 ? 33  ILE A CD1 1 
ATOM   177 N N   . LYS A 1 34 ? 14.982  -10.832 -11.135 1.00 35.77 ? 34  LYS A N   1 
ATOM   178 C CA  . LYS A 1 34 ? 14.671  -10.507 -9.753  1.00 34.95 ? 34  LYS A CA  1 
ATOM   179 C C   . LYS A 1 34 ? 14.340  -8.989  -9.614  1.00 31.81 ? 34  LYS A C   1 
ATOM   180 O O   . LYS A 1 34 ? 13.311  -8.648  -9.103  1.00 31.90 ? 34  LYS A O   1 
ATOM   181 C CB  . LYS A 1 34 ? 15.731  -11.053 -8.799  1.00 33.34 ? 34  LYS A CB  1 
ATOM   182 C CG  . LYS A 1 34 ? 15.592  -10.589 -7.369  1.00 46.71 ? 34  LYS A CG  1 
ATOM   183 C CD  . LYS A 1 34 ? 15.624  -11.708 -6.323  1.00 53.98 ? 34  LYS A CD  1 
ATOM   184 C CE  . LYS A 1 34 ? 14.519  -11.451 -5.244  1.00 54.45 ? 34  LYS A CE  1 
ATOM   185 N NZ  . LYS A 1 34 ? 14.243  -12.592 -4.294  1.00 55.57 ? 34  LYS A NZ  1 
ATOM   186 N N   . VAL A 1 35 ? 15.147  -8.109  -10.176 1.00 32.21 ? 35  VAL A N   1 
ATOM   187 C CA  . VAL A 1 35 ? 14.925  -6.672  -10.064 1.00 31.92 ? 35  VAL A CA  1 
ATOM   188 C C   . VAL A 1 35 ? 13.555  -6.368  -10.666 1.00 32.24 ? 35  VAL A C   1 
ATOM   189 O O   . VAL A 1 35 ? 12.772  -5.604  -10.120 1.00 29.45 ? 35  VAL A O   1 
ATOM   190 C CB  . VAL A 1 35 ? 16.018  -5.829  -10.810 1.00 27.84 ? 35  VAL A CB  1 
ATOM   191 C CG1 . VAL A 1 35 ? 15.605  -4.381  -10.897 1.00 33.20 ? 35  VAL A CG1 1 
ATOM   192 C CG2 . VAL A 1 35 ? 17.376  -5.979  -10.152 1.00 27.36 ? 35  VAL A CG2 1 
ATOM   193 N N   . GLU A 1 36 ? 13.267  -6.967  -11.802 1.00 37.89 ? 36  GLU A N   1 
ATOM   194 C CA  . GLU A 1 36 ? 11.978  -6.744  -12.496 1.00 41.01 ? 36  GLU A CA  1 
ATOM   195 C C   . GLU A 1 36 ? 10.799  -7.123  -11.614 1.00 43.25 ? 36  GLU A C   1 
ATOM   196 O O   . GLU A 1 36 ? 9.812   -6.374  -11.503 1.00 48.32 ? 36  GLU A O   1 
ATOM   197 C CB  . GLU A 1 36 ? 11.961  -7.539  -13.809 1.00 46.08 ? 36  GLU A CB  1 
ATOM   198 C CG  . GLU A 1 36 ? 10.585  -7.826  -14.429 1.00 55.35 ? 36  GLU A CG  1 
ATOM   199 C CD  . GLU A 1 36 ? 10.613  -9.011  -15.408 1.00 70.71 ? 36  GLU A CD  1 
ATOM   200 O OE1 . GLU A 1 36 ? 10.514  -10.180 -14.958 1.00 78.42 ? 36  GLU A OE1 1 
ATOM   201 O OE2 . GLU A 1 36 ? 10.713  -8.778  -16.632 1.00 84.58 ? 36  GLU A OE2 1 
ATOM   202 N N   . GLU A 1 37 ? 10.891  -8.280  -10.972 1.00 42.30 ? 37  GLU A N   1 
ATOM   203 C CA  . GLU A 1 37 ? 9.852   -8.712  -10.043 1.00 40.94 ? 37  GLU A CA  1 
ATOM   204 C C   . GLU A 1 37 ? 9.754   -7.837  -8.772  1.00 36.87 ? 37  GLU A C   1 
ATOM   205 O O   . GLU A 1 37 ? 8.654   -7.403  -8.432  1.00 39.30 ? 37  GLU A O   1 
ATOM   206 C CB  . GLU A 1 37 ? 10.050  -10.194 -9.725  1.00 44.32 ? 37  GLU A CB  1 
ATOM   207 C CG  . GLU A 1 37 ? 9.533   -11.093 -10.937 1.00 57.64 ? 37  GLU A CG  1 
ATOM   208 C CD  . GLU A 1 37 ? 10.334  -12.391 -11.193 1.00 68.72 ? 37  GLU A CD  1 
ATOM   209 O OE1 . GLU A 1 37 ? 11.396  -12.587 -10.530 1.00 72.49 ? 37  GLU A OE1 1 
ATOM   210 O OE2 . GLU A 1 37 ? 9.889   -13.206 -12.072 1.00 74.50 ? 37  GLU A OE2 1 
ATOM   211 N N   . LEU A 1 38 ? 10.874  -7.574  -8.100  1.00 25.85 ? 38  LEU A N   1 
ATOM   212 C CA  . LEU A 1 38 ? 10.897  -6.692  -6.929  1.00 27.10 ? 38  LEU A CA  1 
ATOM   213 C C   . LEU A 1 38 ? 10.283  -5.283  -7.172  1.00 28.95 ? 38  LEU A C   1 
ATOM   214 O O   . LEU A 1 38 ? 9.635   -4.732  -6.276  1.00 29.86 ? 38  LEU A O   1 
ATOM   215 C CB  . LEU A 1 38 ? 12.325  -6.592  -6.359  1.00 24.85 ? 38  LEU A CB  1 
ATOM   216 C CG  . LEU A 1 38 ? 12.909  -7.686  -5.446  1.00 29.21 ? 38  LEU A CG  1 
ATOM   217 C CD1 . LEU A 1 38 ? 14.403  -7.419  -5.160  1.00 29.63 ? 38  LEU A CD1 1 
ATOM   218 C CD2 . LEU A 1 38 ? 12.142  -7.734  -4.108  1.00 27.76 ? 38  LEU A CD2 1 
ATOM   219 N N   . GLU A 1 39 ? 10.465  -4.743  -8.374  1.00 33.65 ? 39  GLU A N   1 
ATOM   220 C CA  . GLU A 1 39 ? 9.791   -3.527  -8.859  1.00 38.43 ? 39  GLU A CA  1 
ATOM   221 C C   . GLU A 1 39 ? 8.315   -3.747  -9.261  1.00 42.57 ? 39  GLU A C   1 
ATOM   222 O O   . GLU A 1 39 ? 7.555   -2.769  -9.358  1.00 45.06 ? 39  GLU A O   1 
ATOM   223 C CB  . GLU A 1 39 ? 10.539  -2.912  -10.077 1.00 41.77 ? 39  GLU A CB  1 
ATOM   224 C CG  . GLU A 1 39 ? 11.798  -2.050  -9.700  1.00 46.91 ? 39  GLU A CG  1 
ATOM   225 C CD  . GLU A 1 39 ? 12.833  -1.834  -10.857 1.00 57.64 ? 39  GLU A CD  1 
ATOM   226 O OE1 . GLU A 1 39 ? 12.604  -2.282  -12.019 1.00 64.96 ? 39  GLU A OE1 1 
ATOM   227 O OE2 . GLU A 1 39 ? 13.885  -1.202  -10.582 1.00 57.48 ? 39  GLU A OE2 1 
ATOM   228 N N   . ASN A 1 40 ? 7.897   -4.986  -9.505  1.00 41.94 ? 40  ASN A N   1 
ATOM   229 C CA  . ASN A 1 40 ? 6.452   -5.266  -9.548  1.00 46.55 ? 40  ASN A CA  1 
ATOM   230 C C   . ASN A 1 40 ? 5.854   -5.287  -8.132  1.00 44.68 ? 40  ASN A C   1 
ATOM   231 O O   . ASN A 1 40 ? 4.861   -4.636  -7.844  1.00 47.15 ? 40  ASN A O   1 
ATOM   232 C CB  . ASN A 1 40 ? 6.143   -6.599  -10.245 1.00 50.57 ? 40  ASN A CB  1 
ATOM   233 C CG  . ASN A 1 40 ? 5.717   -6.425  -11.711 1.00 61.08 ? 40  ASN A CG  1 
ATOM   234 O OD1 . ASN A 1 40 ? 6.543   -6.438  -12.635 1.00 67.50 ? 40  ASN A OD1 1 
ATOM   235 N ND2 . ASN A 1 40 ? 4.405   -6.289  -11.924 1.00 72.59 ? 40  ASN A ND2 1 
ATOM   236 N N   . GLU A 1 41 ? 6.433   -6.055  -7.241  1.00 43.72 ? 41  GLU A N   1 
ATOM   237 C CA  . GLU A 1 41 ? 5.967   -6.013  -5.869  1.00 45.88 ? 41  GLU A CA  1 
ATOM   238 C C   . GLU A 1 41 ? 5.890   -4.553  -5.245  1.00 43.34 ? 41  GLU A C   1 
ATOM   239 O O   . GLU A 1 41 ? 4.904   -4.209  -4.571  1.00 39.73 ? 41  GLU A O   1 
ATOM   240 C CB  . GLU A 1 41 ? 6.797   -6.972  -5.028  1.00 46.55 ? 41  GLU A CB  1 
ATOM   241 C CG  . GLU A 1 41 ? 6.400   -6.964  -3.575  1.00 56.21 ? 41  GLU A CG  1 
ATOM   242 C CD  . GLU A 1 41 ? 6.671   -8.272  -2.884  1.00 67.45 ? 41  GLU A CD  1 
ATOM   243 O OE1 . GLU A 1 41 ? 7.394   -9.112  -3.489  1.00 71.93 ? 41  GLU A OE1 1 
ATOM   244 O OE2 . GLU A 1 41 ? 6.163   -8.439  -1.737  1.00 74.88 ? 41  GLU A OE2 1 
ATOM   245 N N   . ARG A 1 42 ? 6.899   -3.709  -5.479  1.00 41.33 ? 42  ARG A N   1 
ATOM   246 C CA  A ARG A 1 42 ? 6.836   -2.303  -5.045  0.50 41.28 ? 42  ARG A CA  1 
ATOM   247 C CA  B ARG A 1 42 ? 6.858   -2.276  -5.086  0.50 41.01 ? 42  ARG A CA  1 
ATOM   248 C C   . ARG A 1 42 ? 5.610   -1.551  -5.635  1.00 42.85 ? 42  ARG A C   1 
ATOM   249 O O   . ARG A 1 42 ? 4.903   -0.857  -4.905  1.00 41.12 ? 42  ARG A O   1 
ATOM   250 C CB  A ARG A 1 42 ? 8.150   -1.568  -5.357  0.50 40.20 ? 42  ARG A CB  1 
ATOM   251 C CB  B ARG A 1 42 ? 8.145   -1.529  -5.521  0.50 39.85 ? 42  ARG A CB  1 
ATOM   252 C CG  A ARG A 1 42 ? 8.115   -0.079  -5.087  0.50 36.30 ? 42  ARG A CG  1 
ATOM   253 C CG  B ARG A 1 42 ? 7.911   -0.222  -6.325  0.50 35.21 ? 42  ARG A CG  1 
ATOM   254 C CD  A ARG A 1 42 ? 9.473   0.552   -5.257  0.50 36.66 ? 42  ARG A CD  1 
ATOM   255 C CD  B ARG A 1 42 ? 9.200   0.502   -6.680  0.50 30.61 ? 42  ARG A CD  1 
ATOM   256 N NE  A ARG A 1 42 ? 9.940   0.627   -6.653  0.50 36.29 ? 42  ARG A NE  1 
ATOM   257 N NE  B ARG A 1 42 ? 9.525   0.629   -8.107  0.50 24.60 ? 42  ARG A NE  1 
ATOM   258 C CZ  A ARG A 1 42 ? 11.158  1.037   -7.000  0.50 25.99 ? 42  ARG A CZ  1 
ATOM   259 C CZ  B ARG A 1 42 ? 8.685   0.435   -9.120  0.50 29.71 ? 42  ARG A CZ  1 
ATOM   260 N NH1 A ARG A 1 42 ? 12.022  1.390   -6.070  0.50 26.99 ? 42  ARG A NH1 1 
ATOM   261 N NH1 B ARG A 1 42 ? 7.425   0.105   -8.903  0.50 30.98 ? 42  ARG A NH1 1 
ATOM   262 N NH2 A ARG A 1 42 ? 11.518  1.088   -8.266  0.50 38.12 ? 42  ARG A NH2 1 
ATOM   263 N NH2 B ARG A 1 42 ? 9.110   0.595   -10.368 0.50 38.68 ? 42  ARG A NH2 1 
ATOM   264 N N   . ASN A 1 43 ? 5.351   -1.691  -6.932  1.00 44.64 ? 43  ASN A N   1 
ATOM   265 C CA  . ASN A 1 43 ? 4.241   -0.984  -7.550  1.00 48.86 ? 43  ASN A CA  1 
ATOM   266 C C   . ASN A 1 43 ? 2.888   -1.362  -6.922  1.00 47.98 ? 43  ASN A C   1 
ATOM   267 O O   . ASN A 1 43 ? 1.990   -0.523  -6.769  1.00 45.99 ? 43  ASN A O   1 
ATOM   268 C CB  . ASN A 1 43 ? 4.187   -1.233  -9.063  1.00 53.08 ? 43  ASN A CB  1 
ATOM   269 C CG  . ASN A 1 43 ? 3.200   -0.287  -9.789  1.00 60.97 ? 43  ASN A CG  1 
ATOM   270 O OD1 . ASN A 1 43 ? 2.482   -0.700  -10.715 1.00 72.39 ? 43  ASN A OD1 1 
ATOM   271 N ND2 . ASN A 1 43 ? 3.169   0.985   -9.363  1.00 65.05 ? 43  ASN A ND2 1 
ATOM   272 N N   . GLN A 1 44 ? 2.756   -2.617  -6.525  1.00 46.85 ? 44  GLN A N   1 
ATOM   273 C CA  . GLN A 1 44 ? 1.492   -3.066  -5.995  1.00 47.33 ? 44  GLN A CA  1 
ATOM   274 C C   . GLN A 1 44 ? 1.367   -2.846  -4.498  1.00 40.84 ? 44  GLN A C   1 
ATOM   275 O O   . GLN A 1 44 ? 0.263   -2.800  -3.981  1.00 40.65 ? 44  GLN A O   1 
ATOM   276 C CB  . GLN A 1 44 ? 1.262   -4.533  -6.336  1.00 52.22 ? 44  GLN A CB  1 
ATOM   277 C CG  . GLN A 1 44 ? 1.958   -5.571  -5.439  1.00 57.96 ? 44  GLN A CG  1 
ATOM   278 C CD  . GLN A 1 44 ? 1.574   -7.003  -5.850  1.00 70.00 ? 44  GLN A CD  1 
ATOM   279 O OE1 . GLN A 1 44 ? 2.444   -7.859  -6.066  1.00 78.95 ? 44  GLN A OE1 1 
ATOM   280 N NE2 . GLN A 1 44 ? 0.267   -7.253  -5.988  1.00 72.69 ? 44  GLN A NE2 1 
ATOM   281 N N   . TYR A 1 45 ? 2.483   -2.802  -3.793  1.00 33.65 ? 45  TYR A N   1 
ATOM   282 C CA  . TYR A 1 45 ? 2.490   -2.303  -2.430  1.00 31.20 ? 45  TYR A CA  1 
ATOM   283 C C   . TYR A 1 45 ? 2.054   -0.794  -2.414  1.00 25.18 ? 45  TYR A C   1 
ATOM   284 O O   . TYR A 1 45 ? 1.260   -0.383  -1.584  1.00 26.08 ? 45  TYR A O   1 
ATOM   285 C CB  . TYR A 1 45 ? 3.872   -2.514  -1.772  1.00 30.66 ? 45  TYR A CB  1 
ATOM   286 C CG  . TYR A 1 45 ? 3.984   -3.710  -0.775  1.00 45.32 ? 45  TYR A CG  1 
ATOM   287 C CD1 . TYR A 1 45 ? 3.019   -3.948  0.224   1.00 48.79 ? 45  TYR A CD1 1 
ATOM   288 C CD2 . TYR A 1 45 ? 5.107   -4.566  -0.796  1.00 57.88 ? 45  TYR A CD2 1 
ATOM   289 C CE1 . TYR A 1 45 ? 3.152   -5.043  1.145   1.00 51.63 ? 45  TYR A CE1 1 
ATOM   290 C CE2 . TYR A 1 45 ? 5.240   -5.655  0.123   1.00 66.22 ? 45  TYR A CE2 1 
ATOM   291 C CZ  . TYR A 1 45 ? 4.258   -5.886  1.093   1.00 61.95 ? 45  TYR A CZ  1 
ATOM   292 O OH  . TYR A 1 45 ? 4.411   -6.942  1.990   1.00 62.04 ? 45  TYR A OH  1 
ATOM   293 N N   . GLU A 1 46 ? 2.532   0.008   -3.366  1.00 26.54 ? 46  GLU A N   1 
ATOM   294 C CA  . GLU A 1 46 ? 2.149   1.425   -3.435  1.00 25.85 ? 46  GLU A CA  1 
ATOM   295 C C   . GLU A 1 46 ? 0.632   1.616   -3.668  1.00 25.22 ? 46  GLU A C   1 
ATOM   296 O O   . GLU A 1 46 ? -0.004  2.514   -3.091  1.00 25.29 ? 46  GLU A O   1 
ATOM   297 C CB  . GLU A 1 46 ? 3.040   2.148   -4.438  1.00 25.33 ? 46  GLU A CB  1 
ATOM   298 C CG  . GLU A 1 46 ? 2.341   2.887   -5.486  1.00 38.76 ? 46  GLU A CG  1 
ATOM   299 C CD  . GLU A 1 46 ? 3.230   3.291   -6.676  1.00 52.35 ? 46  GLU A CD  1 
ATOM   300 O OE1 . GLU A 1 46 ? 2.636   4.009   -7.525  1.00 48.41 ? 46  GLU A OE1 1 
ATOM   301 O OE2 . GLU A 1 46 ? 4.457   2.891   -6.766  1.00 50.77 ? 46  GLU A OE2 1 
ATOM   302 N N   . TRP A 1 47 ? 0.025   0.741   -4.457  1.00 24.68 ? 47  TRP A N   1 
ATOM   303 C CA  . TRP A 1 47 ? -1.411  0.827   -4.682  1.00 25.86 ? 47  TRP A CA  1 
ATOM   304 C C   . TRP A 1 47 ? -2.253  0.234   -3.506  1.00 26.57 ? 47  TRP A C   1 
ATOM   305 O O   . TRP A 1 47 ? -3.292  0.817   -3.152  1.00 27.94 ? 47  TRP A O   1 
ATOM   306 C CB  . TRP A 1 47 ? -1.768  0.156   -6.004  1.00 30.58 ? 47  TRP A CB  1 
ATOM   307 C CG  . TRP A 1 47 ? -1.454  1.012   -7.192  1.00 32.25 ? 47  TRP A CG  1 
ATOM   308 C CD1 . TRP A 1 47 ? -0.434  0.855   -8.057  1.00 31.16 ? 47  TRP A CD1 1 
ATOM   309 C CD2 . TRP A 1 47 ? -2.172  2.176   -7.622  1.00 36.05 ? 47  TRP A CD2 1 
ATOM   310 N NE1 . TRP A 1 47 ? -0.457  1.848   -9.009  1.00 35.37 ? 47  TRP A NE1 1 
ATOM   311 C CE2 . TRP A 1 47 ? -1.501  2.686   -8.753  1.00 36.57 ? 47  TRP A CE2 1 
ATOM   312 C CE3 . TRP A 1 47 ? -3.288  2.854   -7.138  1.00 36.08 ? 47  TRP A CE3 1 
ATOM   313 C CZ2 . TRP A 1 47 ? -1.935  3.820   -9.441  1.00 40.80 ? 47  TRP A CZ2 1 
ATOM   314 C CZ3 . TRP A 1 47 ? -3.716  3.991   -7.810  1.00 40.77 ? 47  TRP A CZ3 1 
ATOM   315 C CH2 . TRP A 1 47 ? -3.043  4.454   -8.959  1.00 41.58 ? 47  TRP A CH2 1 
ATOM   316 N N   . LYS A 1 48 ? -1.829  -0.882  -2.893  1.00 24.69 ? 48  LYS A N   1 
ATOM   317 C CA  . LYS A 1 48 ? -2.468  -1.371  -1.635  1.00 25.29 ? 48  LYS A CA  1 
ATOM   318 C C   . LYS A 1 48 ? -2.332  -0.384  -0.473  1.00 21.66 ? 48  LYS A C   1 
ATOM   319 O O   . LYS A 1 48 ? -3.224  -0.220  0.350   1.00 27.01 ? 48  LYS A O   1 
ATOM   320 C CB  . LYS A 1 48 ? -1.872  -2.737  -1.230  1.00 28.48 ? 48  LYS A CB  1 
ATOM   321 C CG  . LYS A 1 48 ? -2.536  -3.492  -0.022  1.00 37.95 ? 48  LYS A CG  1 
ATOM   322 C CD  . LYS A 1 48 ? -4.096  -3.525  -0.004  1.00 55.26 ? 48  LYS A CD  1 
ATOM   323 C CE  . LYS A 1 48 ? -4.726  -3.773  1.432   1.00 62.04 ? 48  LYS A CE  1 
ATOM   324 N NZ  . LYS A 1 48 ? -5.998  -2.953  1.748   1.00 63.88 ? 48  LYS A NZ  1 
ATOM   325 N N   . LEU A 1 49 ? -1.229  0.313   -0.407  1.00 16.77 ? 49  LEU A N   1 
ATOM   326 C CA  . LEU A 1 49 ? -1.123  1.315   0.640   1.00 20.26 ? 49  LEU A CA  1 
ATOM   327 C C   . LEU A 1 49 ? -2.156  2.396   0.348   1.00 21.36 ? 49  LEU A C   1 
ATOM   328 O O   . LEU A 1 49 ? -2.885  2.866   1.213   1.00 19.35 ? 49  LEU A O   1 
ATOM   329 C CB  . LEU A 1 49 ? 0.291   1.898   0.650   1.00 14.53 ? 49  LEU A CB  1 
ATOM   330 C CG  . LEU A 1 49 ? 0.507   2.979   1.674   1.00 23.48 ? 49  LEU A CG  1 
ATOM   331 C CD1 . LEU A 1 49 ? 0.422   2.362   3.096   1.00 26.45 ? 49  LEU A CD1 1 
ATOM   332 C CD2 . LEU A 1 49 ? 1.853   3.534   1.338   1.00 19.09 ? 49  LEU A CD2 1 
ATOM   333 N N   . LYS A 1 50 ? -2.225  2.797   -0.905  1.00 22.90 ? 50  LYS A N   1 
ATOM   334 C CA  . LYS A 1 50 ? -3.214  3.777   -1.296  1.00 23.44 ? 50  LYS A CA  1 
ATOM   335 C C   . LYS A 1 50 ? -4.623  3.305   -0.905  1.00 21.90 ? 50  LYS A C   1 
ATOM   336 O O   . LYS A 1 50 ? -5.411  4.054   -0.348  1.00 19.38 ? 50  LYS A O   1 
ATOM   337 C CB  . LYS A 1 50 ? -3.148  3.975   -2.813  1.00 28.18 ? 50  LYS A CB  1 
ATOM   338 C CG  . LYS A 1 50 ? -2.949  5.420   -3.176  1.00 40.05 ? 50  LYS A CG  1 
ATOM   339 C CD  . LYS A 1 50 ? -4.239  6.172   -3.363  1.00 36.48 ? 50  LYS A CD  1 
ATOM   340 C CE  . LYS A 1 50 ? -4.504  6.290   -4.834  1.00 44.63 ? 50  LYS A CE  1 
ATOM   341 N NZ  . LYS A 1 50 ? -5.262  7.496   -5.133  1.00 41.73 ? 50  LYS A NZ  1 
ATOM   342 N N   . ALA A 1 51 ? -4.947  2.063   -1.247  1.00 22.34 ? 51  ALA A N   1 
ATOM   343 C CA  . ALA A 1 51 ? -6.245  1.519   -0.927  1.00 21.54 ? 51  ALA A CA  1 
ATOM   344 C C   . ALA A 1 51 ? -6.493  1.514   0.599   1.00 19.04 ? 51  ALA A C   1 
ATOM   345 O O   . ALA A 1 51 ? -7.576  1.887   1.105   1.00 16.60 ? 51  ALA A O   1 
ATOM   346 C CB  . ALA A 1 51 ? -6.390  0.127   -1.546  1.00 19.56 ? 51  ALA A CB  1 
ATOM   347 N N   . THR A 1 52 ? -5.479  1.149   1.382   1.00 17.10 ? 52  THR A N   1 
ATOM   348 C CA  . THR A 1 52 ? -5.688  1.088   2.800   1.00 17.67 ? 52  THR A CA  1 
ATOM   349 C C   . THR A 1 52 ? -5.921  2.501   3.343   1.00 15.23 ? 52  THR A C   1 
ATOM   350 O O   . THR A 1 52 ? -6.778  2.726   4.210   1.00 14.45 ? 52  THR A O   1 
ATOM   351 C CB  . THR A 1 52 ? -4.495  0.385   3.477   1.00 24.75 ? 52  THR A CB  1 
ATOM   352 O OG1 . THR A 1 52 ? -4.328  -0.871  2.773   1.00 21.75 ? 52  THR A OG1 1 
ATOM   353 C CG2 . THR A 1 52 ? -4.745  0.188   5.014   1.00 19.24 ? 52  THR A CG2 1 
ATOM   354 N N   . LYS A 1 53 ? -5.221  3.457   2.767   1.00 14.34 ? 53  LYS A N   1 
ATOM   355 C CA  . LYS A 1 53 ? -5.394  4.856   3.136   1.00 15.46 ? 53  LYS A CA  1 
ATOM   356 C C   . LYS A 1 53 ? -6.789  5.393   2.763   1.00 13.49 ? 53  LYS A C   1 
ATOM   357 O O   . LYS A 1 53 ? -7.280  6.261   3.408   1.00 13.41 ? 53  LYS A O   1 
ATOM   358 C CB  . LYS A 1 53 ? -4.304  5.762   2.528   1.00 22.30 ? 53  LYS A CB  1 
ATOM   359 C CG  . LYS A 1 53 ? -2.937  5.961   3.310   1.00 15.70 ? 53  LYS A CG  1 
ATOM   360 C CD  . LYS A 1 53 ? -1.904  6.630   2.416   1.00 20.52 ? 53  LYS A CD  1 
ATOM   361 C CE  . LYS A 1 53 ? -0.395  6.677   2.903   1.00 31.46 ? 53  LYS A CE  1 
ATOM   362 N NZ  . LYS A 1 53 ? 0.544   7.566   2.027   1.00 28.05 ? 53  LYS A NZ  1 
ATOM   363 N N   . ALA A 1 54 ? -7.424  4.865   1.735   1.00 15.02 ? 54  ALA A N   1 
ATOM   364 C CA  . ALA A 1 54 ? -8.766  5.244   1.373   1.00 15.24 ? 54  ALA A CA  1 
ATOM   365 C C   . ALA A 1 54 ? -9.747  4.690   2.416   1.00 14.98 ? 54  ALA A C   1 
ATOM   366 O O   . ALA A 1 54 ? -10.748 5.304   2.754   1.00 15.16 ? 54  ALA A O   1 
ATOM   367 C CB  . ALA A 1 54 ? -9.036  4.676   -0.084  1.00 18.01 ? 54  ALA A CB  1 
ATOM   368 N N   . GLU A 1 55 ? -9.435  3.524   2.947   1.00 14.96 ? 55  GLU A N   1 
ATOM   369 C CA  . GLU A 1 55 ? -10.219 2.940   4.020   1.00 15.54 ? 55  GLU A CA  1 
ATOM   370 C C   . GLU A 1 55 ? -10.115 3.777   5.256   1.00 14.34 ? 55  GLU A C   1 
ATOM   371 O O   . GLU A 1 55 ? -11.095 4.066   5.849   1.00 14.53 ? 55  GLU A O   1 
ATOM   372 C CB  . GLU A 1 55 ? -9.798  1.456   4.264   1.00 16.70 ? 55  GLU A CB  1 
ATOM   373 C CG  . GLU A 1 55 ? -10.508 0.772   5.423   1.00 29.12 ? 55  GLU A CG  1 
ATOM   374 C CD  . GLU A 1 55 ? -10.294 -0.777  5.470   1.00 42.81 ? 55  GLU A CD  1 
ATOM   375 O OE1 . GLU A 1 55 ? -11.136 -1.448  6.146   1.00 50.82 ? 55  GLU A OE1 1 
ATOM   376 O OE2 . GLU A 1 55 ? -9.322  -1.287  4.841   1.00 37.47 ? 55  GLU A OE2 1 
ATOM   377 N N   . VAL A 1 56 ? -8.947  4.209   5.645   1.00 13.61 ? 56  VAL A N   1 
ATOM   378 C CA  . VAL A 1 56 ? -8.829  5.181   6.750   1.00 13.33 ? 56  VAL A CA  1 
ATOM   379 C C   . VAL A 1 56 ? -9.695  6.432   6.519   1.00 14.06 ? 56  VAL A C   1 
ATOM   380 O O   . VAL A 1 56 ? -10.453 6.852   7.406   1.00 16.19 ? 56  VAL A O   1 
ATOM   381 C CB  . VAL A 1 56 ? -7.328  5.591   6.946   1.00 13.92 ? 56  VAL A CB  1 
ATOM   382 C CG1 . VAL A 1 56 ? -7.167  6.642   8.020   1.00 14.24 ? 56  VAL A CG1 1 
ATOM   383 C CG2 . VAL A 1 56 ? -6.477  4.372   7.279   1.00 16.42 ? 56  VAL A CG2 1 
ATOM   384 N N   . ALA A 1 57 ? -9.667  6.990   5.306   1.00 14.22 ? 57  ALA A N   1 
ATOM   385 C CA  . ALA A 1 57 ? -10.355 8.233   5.069   1.00 13.48 ? 57  ALA A CA  1 
ATOM   386 C C   . ALA A 1 57 ? -11.853 7.997   5.195   1.00 15.18 ? 57  ALA A C   1 
ATOM   387 O O   . ALA A 1 57 ? -12.538 8.829   5.735   1.00 14.29 ? 57  ALA A O   1 
ATOM   388 C CB  . ALA A 1 57 ? -10.015 8.832   3.706   1.00 14.62 ? 57  ALA A CB  1 
ATOM   389 N N   . GLN A 1 58 ? -12.381 6.897   4.663   1.00 16.40 ? 58  GLN A N   1 
ATOM   390 C CA  . GLN A 1 58 ? -13.815 6.619   4.814   1.00 17.74 ? 58  GLN A CA  1 
ATOM   391 C C   . GLN A 1 58 ? -14.197 6.456   6.267   1.00 14.51 ? 58  GLN A C   1 
ATOM   392 O O   . GLN A 1 58 ? -15.212 6.933   6.692   1.00 15.45 ? 58  GLN A O   1 
ATOM   393 C CB  . GLN A 1 58 ? -14.215 5.331   4.056   1.00 22.18 ? 58  GLN A CB  1 
ATOM   394 C CG  . GLN A 1 58 ? -15.660 5.409   3.380   1.00 37.21 ? 58  GLN A CG  1 
ATOM   395 C CD  . GLN A 1 58 ? -16.884 5.659   4.297   1.00 43.44 ? 58  GLN A CD  1 
ATOM   396 O OE1 . GLN A 1 58 ? -17.353 4.738   4.977   1.00 61.83 ? 58  GLN A OE1 1 
ATOM   397 N NE2 . GLN A 1 58 ? -17.468 6.883   4.238   1.00 32.80 ? 58  GLN A NE2 1 
ATOM   398 N N   . LEU A 1 59 ? -13.391 5.757   7.031   1.00 14.23 ? 59  LEU A N   1 
ATOM   399 C CA  . LEU A 1 59 ? -13.653 5.633   8.460   1.00 14.61 ? 59  LEU A CA  1 
ATOM   400 C C   . LEU A 1 59 ? -13.643 6.936   9.249   1.00 16.12 ? 59  LEU A C   1 
ATOM   401 O O   . LEU A 1 59 ? -14.458 7.084   10.199  1.00 15.88 ? 59  LEU A O   1 
ATOM   402 C CB  . LEU A 1 59 ? -12.802 4.545   9.133   1.00 15.42 ? 59  LEU A CB  1 
ATOM   403 C CG  . LEU A 1 59 ? -13.202 3.132   8.682   1.00 17.23 ? 59  LEU A CG  1 
ATOM   404 C CD1 . LEU A 1 59 ? -11.998 2.272   8.956   1.00 18.07 ? 59  LEU A CD1 1 
ATOM   405 C CD2 . LEU A 1 59 ? -14.470 2.520   9.271   1.00 19.65 ? 59  LEU A CD2 1 
ATOM   406 N N   . GLN A 1 60 ? -12.815 7.890   8.837   1.00 17.63 ? 60  GLN A N   1 
ATOM   407 C CA  A GLN A 1 60 ? -12.679 9.185   9.518   0.50 21.08 ? 60  GLN A CA  1 
ATOM   408 C CA  B GLN A 1 60 ? -12.720 9.142   9.572   0.50 19.88 ? 60  GLN A CA  1 
ATOM   409 C C   . GLN A 1 60 ? -13.991 9.852   9.202   1.00 20.84 ? 60  GLN A C   1 
ATOM   410 O O   . GLN A 1 60 ? -14.548 10.563  10.022  1.00 13.90 ? 60  GLN A O   1 
ATOM   411 C CB  A GLN A 1 60 ? -11.462 10.020  8.959   0.50 19.79 ? 60  GLN A CB  1 
ATOM   412 C CB  B GLN A 1 60 ? -11.484 9.992   9.172   0.50 17.76 ? 60  GLN A CB  1 
ATOM   413 C CG  A GLN A 1 60 ? -11.331 11.536  9.427   0.50 29.12 ? 60  GLN A CG  1 
ATOM   414 C CG  B GLN A 1 60 ? -10.141 9.343   9.554   0.50 22.36 ? 60  GLN A CG  1 
ATOM   415 C CD  A GLN A 1 60 ? -10.175 12.448  8.771   0.50 29.07 ? 60  GLN A CD  1 
ATOM   416 C CD  B GLN A 1 60 ? -8.866  10.086  9.141   0.50 22.89 ? 60  GLN A CD  1 
ATOM   417 O OE1 A GLN A 1 60 ? -9.621  12.180  7.677   0.50 23.12 ? 60  GLN A OE1 1 
ATOM   418 O OE1 B GLN A 1 60 ? -8.734  10.633  8.022   0.50 22.82 ? 60  GLN A OE1 1 
ATOM   419 N NE2 A GLN A 1 60 ? -9.848  13.548  9.480   0.50 24.53 ? 60  GLN A NE2 1 
ATOM   420 N NE2 B GLN A 1 60 ? -7.864  10.014  10.024  0.50 25.44 ? 60  GLN A NE2 1 
ATOM   421 N N   . GLU A 1 61 ? -14.469 9.627   7.957   1.00 18.17 ? 61  GLU A N   1 
ATOM   422 C CA  . GLU A 1 61 ? -15.727 10.228  7.580   1.00 14.89 ? 61  GLU A CA  1 
ATOM   423 C C   . GLU A 1 61 ? -16.874 9.650   8.390   1.00 13.77 ? 61  GLU A C   1 
ATOM   424 O O   . GLU A 1 61 ? -17.736 10.416  8.783   1.00 15.87 ? 61  GLU A O   1 
ATOM   425 C CB  . GLU A 1 61 ? -16.095 10.189  6.067   1.00 15.65 ? 61  GLU A CB  1 
ATOM   426 C CG  . GLU A 1 61 ? -17.548 10.567  5.837   1.00 18.02 ? 61  GLU A CG  1 
ATOM   427 C CD  . GLU A 1 61 ? -18.059 10.306  4.446   1.00 42.04 ? 61  GLU A CD  1 
ATOM   428 O OE1 . GLU A 1 61 ? -17.455 9.453   3.749   1.00 49.50 ? 61  GLU A OE1 1 
ATOM   429 O OE2 . GLU A 1 61 ? -19.076 10.941  4.073   1.00 45.41 ? 61  GLU A OE2 1 
ATOM   430 N N   . GLN A 1 62 ? -16.913 8.351   8.626   1.00 15.21 ? 62  GLN A N   1 
ATOM   431 C CA  A GLN A 1 62 ? -17.956 7.743   9.463   0.50 15.47 ? 62  GLN A CA  1 
ATOM   432 C CA  B GLN A 1 62 ? -17.989 7.798   9.453   0.50 15.18 ? 62  GLN A CA  1 
ATOM   433 C C   . GLN A 1 62 ? -17.897 8.291   10.894  1.00 15.09 ? 62  GLN A C   1 
ATOM   434 O O   . GLN A 1 62 ? -18.936 8.593   11.489  1.00 14.96 ? 62  GLN A O   1 
ATOM   435 C CB  A GLN A 1 62 ? -17.827 6.211   9.486   0.50 18.24 ? 62  GLN A CB  1 
ATOM   436 C CB  B GLN A 1 62 ? -18.032 6.273   9.404   0.50 17.75 ? 62  GLN A CB  1 
ATOM   437 C CG  A GLN A 1 62 ? -18.101 5.451   8.141   0.50 20.96 ? 62  GLN A CG  1 
ATOM   438 C CG  B GLN A 1 62 ? -18.521 5.682   8.064   0.50 19.58 ? 62  GLN A CG  1 
ATOM   439 C CD  A GLN A 1 62 ? -17.775 3.965   8.243   0.50 27.17 ? 62  GLN A CD  1 
ATOM   440 C CD  B GLN A 1 62 ? -19.864 6.222   7.622   0.50 19.30 ? 62  GLN A CD  1 
ATOM   441 O OE1 A GLN A 1 62 ? -17.996 3.357   9.293   0.50 30.41 ? 62  GLN A OE1 1 
ATOM   442 O OE1 B GLN A 1 62 ? -19.973 6.883   6.588   0.50 21.80 ? 62  GLN A OE1 1 
ATOM   443 N NE2 A GLN A 1 62 ? -17.231 3.375   7.169   0.50 29.02 ? 62  GLN A NE2 1 
ATOM   444 N NE2 B GLN A 1 62 ? -20.899 5.943   8.403   0.50 21.87 ? 62  GLN A NE2 1 
ATOM   445 N N   . VAL A 1 63 ? -16.670 8.437   11.464  1.00 14.43 ? 63  VAL A N   1 
ATOM   446 C CA  . VAL A 1 63 ? -16.542 8.960   12.868  1.00 14.49 ? 63  VAL A CA  1 
ATOM   447 C C   . VAL A 1 63 ? -17.184 10.371  13.008  1.00 13.92 ? 63  VAL A C   1 
ATOM   448 O O   . VAL A 1 63 ? -17.924 10.634  13.907  1.00 17.42 ? 63  VAL A O   1 
ATOM   449 C CB  . VAL A 1 63 ? -15.024 8.910   13.398  1.00 16.62 ? 63  VAL A CB  1 
ATOM   450 C CG1 . VAL A 1 63 ? -14.834 9.623   14.729  1.00 16.52 ? 63  VAL A CG1 1 
ATOM   451 C CG2 . VAL A 1 63 ? -14.466 7.463   13.429  1.00 23.03 ? 63  VAL A CG2 1 
ATOM   452 N N   . ALA A 1 64 ? -16.902 11.267  12.074  1.00 13.84 ? 64  ALA A N   1 
ATOM   453 C CA  . ALA A 1 64 ? -17.312 12.626  12.104  1.00 13.57 ? 64  ALA A CA  1 
ATOM   454 C C   . ALA A 1 64 ? -18.901 12.715  11.960  1.00 14.83 ? 64  ALA A C   1 
ATOM   455 O O   . ALA A 1 64 ? -19.551 13.544  12.602  1.00 13.63 ? 64  ALA A O   1 
ATOM   456 C CB  . ALA A 1 64 ? -16.585 13.369  10.955  1.00 14.02 ? 64  ALA A CB  1 
ATOM   457 N N   . LEU A 1 65 ? -19.469 11.818  11.133  1.00 13.98 ? 65  LEU A N   1 
ATOM   458 C CA  . LEU A 1 65 ? -20.935 11.706  10.940  1.00 15.77 ? 65  LEU A CA  1 
ATOM   459 C C   . LEU A 1 65 ? -21.579 11.258  12.273  1.00 17.47 ? 65  LEU A C   1 
ATOM   460 O O   . LEU A 1 65 ? -22.561 11.797  12.672  1.00 16.94 ? 65  LEU A O   1 
ATOM   461 C CB  . LEU A 1 65 ? -21.238 10.699  9.816   1.00 16.31 ? 65  LEU A CB  1 
ATOM   462 C CG  . LEU A 1 65 ? -21.028 11.095  8.345   1.00 19.63 ? 65  LEU A CG  1 
ATOM   463 C CD1 . LEU A 1 65 ? -21.490 9.941   7.299   1.00 19.11 ? 65  LEU A CD1 1 
ATOM   464 C CD2 . LEU A 1 65 ? -21.808 12.400  8.157   1.00 19.83 ? 65  LEU A CD2 1 
ATOM   465 N N   . LYS A 1 66 ? -20.954 10.320  12.968  1.00 14.53 ? 66  LYS A N   1 
ATOM   466 C CA  . LYS A 1 66 ? -21.449 9.856   14.210  1.00 15.48 ? 66  LYS A CA  1 
ATOM   467 C C   . LYS A 1 66 ? -21.286 10.874  15.301  1.00 16.39 ? 66  LYS A C   1 
ATOM   468 O O   . LYS A 1 66 ? -22.227 10.985  16.056  1.00 15.79 ? 66  LYS A O   1 
ATOM   469 C CB  . LYS A 1 66 ? -20.809 8.470   14.540  1.00 17.84 ? 66  LYS A CB  1 
ATOM   470 C CG  . LYS A 1 66 ? -21.630 7.379   13.772  1.00 19.61 ? 66  LYS A CG  1 
ATOM   471 C CD  . LYS A 1 66 ? -20.905 6.257   13.207  1.00 29.91 ? 66  LYS A CD  1 
ATOM   472 C CE  . LYS A 1 66 ? -21.940 5.164   12.644  1.00 34.15 ? 66  LYS A CE  1 
ATOM   473 N NZ  . LYS A 1 66 ? -21.369 4.579   11.434  1.00 40.30 ? 66  LYS A NZ  1 
ATOM   474 N N   . ASP A 1 67 ? -20.144 11.625  15.332  1.00 14.74 ? 67  ASP A N   1 
ATOM   475 C CA  . ASP A 1 67 ? -19.986 12.781  16.230  1.00 19.66 ? 67  ASP A CA  1 
ATOM   476 C C   . ASP A 1 67 ? -21.075 13.821  15.984  1.00 16.39 ? 67  ASP A C   1 
ATOM   477 O O   . ASP A 1 67 ? -21.659 14.287  16.907  1.00 16.98 ? 67  ASP A O   1 
ATOM   478 C CB  . ASP A 1 67 ? -18.577 13.444  16.132  1.00 17.42 ? 67  ASP A CB  1 
ATOM   479 C CG  . ASP A 1 67 ? -17.560 12.616  16.768  1.00 24.79 ? 67  ASP A CG  1 
ATOM   480 O OD1 . ASP A 1 67 ? -17.922 12.082  17.840  1.00 29.97 ? 67  ASP A OD1 1 
ATOM   481 O OD2 . ASP A 1 67 ? -16.478 12.437  16.178  1.00 40.20 ? 67  ASP A OD2 1 
ATOM   482 N N   . ALA A 1 68 ? -21.418 14.096  14.742  1.00 18.67 ? 68  ALA A N   1 
ATOM   483 C CA  . ALA A 1 68 ? -22.527 15.041  14.440  1.00 17.23 ? 68  ALA A CA  1 
ATOM   484 C C   . ALA A 1 68 ? -23.917 14.567  14.977  1.00 15.88 ? 68  ALA A C   1 
ATOM   485 O O   . ALA A 1 68 ? -24.832 15.360  15.407  1.00 15.19 ? 68  ALA A O   1 
ATOM   486 C CB  . ALA A 1 68 ? -22.557 15.305  12.901  1.00 14.40 ? 68  ALA A CB  1 
ATOM   487 N N   . GLU A 1 69 ? -24.093 13.266  14.886  1.00 17.73 ? 69  GLU A N   1 
ATOM   488 C CA  . GLU A 1 69 ? -25.324 12.656  15.341  1.00 20.43 ? 69  GLU A CA  1 
ATOM   489 C C   . GLU A 1 69 ? -25.384 12.632  16.868  1.00 19.38 ? 69  GLU A C   1 
ATOM   490 O O   . GLU A 1 69 ? -26.439 12.949  17.424  1.00 18.42 ? 69  GLU A O   1 
ATOM   491 C CB  . GLU A 1 69 ? -25.588 11.281  14.678  1.00 22.27 ? 69  GLU A CB  1 
ATOM   492 C CG  . GLU A 1 69 ? -26.897 10.559  15.183  1.00 28.07 ? 69  GLU A CG  1 
ATOM   493 C CD  . GLU A 1 69 ? -28.217 11.207  14.666  1.00 35.47 ? 69  GLU A CD  1 
ATOM   494 O OE1 . GLU A 1 69 ? -29.370 10.694  14.936  1.00 40.31 ? 69  GLU A OE1 1 
ATOM   495 O OE2 . GLU A 1 69 ? -28.069 12.219  13.947  1.00 36.39 ? 69  GLU A OE2 1 
ATOM   496 N N   . ILE A 1 70 ? -24.268 12.367  17.539  1.00 19.27 ? 70  ILE A N   1 
ATOM   497 C CA  . ILE A 1 70 ? -24.210 12.469  19.003  1.00 19.81 ? 70  ILE A CA  1 
ATOM   498 C C   . ILE A 1 70 ? -24.477 13.928  19.474  1.00 20.75 ? 70  ILE A C   1 
ATOM   499 O O   . ILE A 1 70 ? -25.248 14.166  20.423  1.00 20.55 ? 70  ILE A O   1 
ATOM   500 C CB  . ILE A 1 70 ? -22.886 11.943  19.565  1.00 21.14 ? 70  ILE A CB  1 
ATOM   501 C CG1 . ILE A 1 70 ? -22.735 10.426  19.406  1.00 24.70 ? 70  ILE A CG1 1 
ATOM   502 C CG2 . ILE A 1 70 ? -22.728 12.331  21.001  1.00 23.24 ? 70  ILE A CG2 1 
ATOM   503 C CD1 . ILE A 1 70 ? -21.328 9.948   19.462  1.00 21.11 ? 70  ILE A CD1 1 
ATOM   504 N N   . GLU A 1 71 ? -23.889 14.909  18.817  1.00 18.51 ? 71  GLU A N   1 
ATOM   505 C CA  . GLU A 1 71 ? -24.153 16.305  19.131  1.00 19.98 ? 71  GLU A CA  1 
ATOM   506 C C   . GLU A 1 71 ? -25.632 16.674  18.937  1.00 20.14 ? 71  GLU A C   1 
ATOM   507 O O   . GLU A 1 71 ? -26.245 17.382  19.729  1.00 19.80 ? 71  GLU A O   1 
ATOM   508 C CB  . GLU A 1 71 ? -23.278 17.242  18.252  1.00 24.05 ? 71  GLU A CB  1 
ATOM   509 C CG  . GLU A 1 71 ? -21.775 17.406  18.685  1.00 33.16 ? 71  GLU A CG  1 
ATOM   510 C CD  . GLU A 1 71 ? -20.721 17.422  17.513  1.00 43.38 ? 71  GLU A CD  1 
ATOM   511 O OE1 . GLU A 1 71 ? -21.081 17.780  16.369  1.00 54.85 ? 71  GLU A OE1 1 
ATOM   512 O OE2 . GLU A 1 71 ? -19.514 17.060  17.715  1.00 47.54 ? 71  GLU A OE2 1 
ATOM   513 N N   . ARG A 1 72 ? -26.247 16.183  17.883  1.00 16.47 ? 72  ARG A N   1 
ATOM   514 C CA  . ARG A 1 72 ? -27.621 16.485  17.679  1.00 14.92 ? 72  ARG A CA  1 
ATOM   515 C C   . ARG A 1 72 ? -28.467 15.956  18.805  1.00 20.41 ? 72  ARG A C   1 
ATOM   516 O O   . ARG A 1 72 ? -29.352 16.709  19.308  1.00 21.10 ? 72  ARG A O   1 
ATOM   517 C CB  . ARG A 1 72 ? -28.097 15.982  16.315  1.00 17.84 ? 72  ARG A CB  1 
ATOM   518 C CG  . ARG A 1 72 ? -29.530 16.265  15.982  1.00 18.58 ? 72  ARG A CG  1 
ATOM   519 C CD  . ARG A 1 72 ? -29.908 15.698  14.624  1.00 22.66 ? 72  ARG A CD  1 
ATOM   520 N NE  . ARG A 1 72 ? -30.194 14.281  14.747  1.00 29.65 ? 72  ARG A NE  1 
ATOM   521 C CZ  . ARG A 1 72 ? -31.335 13.798  15.236  1.00 29.85 ? 72  ARG A CZ  1 
ATOM   522 N NH1 . ARG A 1 72 ? -32.296 14.635  15.605  1.00 24.23 ? 72  ARG A NH1 1 
ATOM   523 N NH2 . ARG A 1 72 ? -31.526 12.469  15.343  1.00 33.99 ? 72  ARG A NH2 1 
ATOM   524 N N   . LEU A 1 73 ? -28.235 14.694  19.181  1.00 22.58 ? 73  LEU A N   1 
ATOM   525 C CA  . LEU A 1 73 ? -28.932 14.029  20.300  1.00 20.55 ? 73  LEU A CA  1 
ATOM   526 C C   . LEU A 1 73 ? -28.695 14.723  21.633  1.00 21.55 ? 73  LEU A C   1 
ATOM   527 O O   . LEU A 1 73 ? -29.639 14.910  22.385  1.00 25.09 ? 73  LEU A O   1 
ATOM   528 C CB  . LEU A 1 73 ? -28.553 12.536  20.430  1.00 21.13 ? 73  LEU A CB  1 
ATOM   529 C CG  . LEU A 1 73 ? -28.797 11.647  19.213  1.00 22.84 ? 73  LEU A CG  1 
ATOM   530 C CD1 . LEU A 1 73 ? -28.283 10.198  19.422  1.00 22.34 ? 73  LEU A CD1 1 
ATOM   531 C CD2 . LEU A 1 73 ? -30.248 11.700  18.832  1.00 23.25 ? 73  LEU A CD2 1 
ATOM   532 N N   . HIS A 1 74 ? -27.459 15.071  21.948  1.00 24.47 ? 74  HIS A N   1 
ATOM   533 C CA  . HIS A 1 74 ? -27.192 15.850  23.129  1.00 27.23 ? 74  HIS A CA  1 
ATOM   534 C C   . HIS A 1 74 ? -27.920 17.207  23.219  1.00 32.15 ? 74  HIS A C   1 
ATOM   535 O O   . HIS A 1 74 ? -28.339 17.604  24.324  1.00 37.90 ? 74  HIS A O   1 
ATOM   536 C CB  . HIS A 1 74 ? -25.679 16.026  23.337  1.00 31.89 ? 74  HIS A CB  1 
ATOM   537 C CG  . HIS A 1 74 ? -24.987 14.796  23.876  1.00 41.60 ? 74  HIS A CG  1 
ATOM   538 N ND1 . HIS A 1 74 ? -23.652 14.524  23.656  1.00 52.03 ? 74  HIS A ND1 1 
ATOM   539 C CD2 . HIS A 1 74 ? -25.449 13.771  24.641  1.00 55.59 ? 74  HIS A CD2 1 
ATOM   540 C CE1 . HIS A 1 74 ? -23.322 13.386  24.247  1.00 56.62 ? 74  HIS A CE1 1 
ATOM   541 N NE2 . HIS A 1 74 ? -24.396 12.910  24.855  1.00 59.22 ? 74  HIS A NE2 1 
ATOM   542 N N   . SER A 1 75 ? -28.068 17.942  22.114  1.00 32.38 ? 75  SER A N   1 
ATOM   543 C CA  . SER A 1 75 ? -28.941 19.169  22.136  1.00 34.51 ? 75  SER A CA  1 
ATOM   544 C C   . SER A 1 75 ? -30.387 18.884  22.530  1.00 35.29 ? 75  SER A C   1 
ATOM   545 O O   . SER A 1 75 ? -31.025 19.611  23.344  1.00 34.30 ? 75  SER A O   1 
ATOM   546 C CB  . SER A 1 75 ? -28.962 19.845  20.763  1.00 32.11 ? 75  SER A CB  1 
ATOM   547 O OG  . SER A 1 75 ? -27.669 20.329  20.472  1.00 42.41 ? 75  SER A OG  1 
ATOM   548 N N   . GLN A 1 76 ? -30.925 17.828  21.925  1.00 36.28 ? 76  GLN A N   1 
ATOM   549 C CA  . GLN A 1 76 ? -32.262 17.424  22.240  1.00 36.41 ? 76  GLN A CA  1 
ATOM   550 C C   . GLN A 1 76 ? -32.362 16.978  23.694  1.00 40.96 ? 76  GLN A C   1 
ATOM   551 O O   . GLN A 1 76 ? -33.169 17.479  24.477  1.00 40.29 ? 76  GLN A O   1 
ATOM   552 C CB  . GLN A 1 76 ? -32.683 16.259  21.387  1.00 36.97 ? 76  GLN A CB  1 
ATOM   553 C CG  . GLN A 1 76 ? -32.903 16.535  19.938  1.00 38.88 ? 76  GLN A CG  1 
ATOM   554 C CD  . GLN A 1 76 ? -33.543 15.310  19.268  1.00 39.94 ? 76  GLN A CD  1 
ATOM   555 O OE1 . GLN A 1 76 ? -33.928 14.351  19.927  1.00 50.78 ? 76  GLN A OE1 1 
ATOM   556 N NE2 . GLN A 1 76 ? -33.673 15.360  17.983  1.00 45.91 ? 76  GLN A NE2 1 
ATOM   557 N N   . LEU A 1 77 ? -31.542 16.013  24.062  1.00 45.22 ? 77  LEU A N   1 
ATOM   558 C CA  A LEU A 1 77 ? -31.509 15.453  25.422  0.50 49.94 ? 77  LEU A CA  1 
ATOM   559 C CA  B LEU A 1 77 ? -31.693 15.462  25.387  0.50 49.21 ? 77  LEU A CA  1 
ATOM   560 C C   . LEU A 1 77 ? -31.492 16.556  26.472  1.00 53.49 ? 77  LEU A C   1 
ATOM   561 O O   . LEU A 1 77 ? -32.083 16.432  27.553  1.00 55.88 ? 77  LEU A O   1 
ATOM   562 C CB  A LEU A 1 77 ? -30.284 14.515  25.607  0.50 51.65 ? 77  LEU A CB  1 
ATOM   563 C CB  B LEU A 1 77 ? -30.835 14.198  25.574  0.50 50.82 ? 77  LEU A CB  1 
ATOM   564 C CG  A LEU A 1 77 ? -29.373 14.581  26.852  0.50 53.18 ? 77  LEU A CG  1 
ATOM   565 C CG  B LEU A 1 77 ? -31.264 12.999  24.702  0.50 47.22 ? 77  LEU A CG  1 
ATOM   566 C CD1 A LEU A 1 77 ? -28.584 13.302  26.978  0.50 52.35 ? 77  LEU A CD1 1 
ATOM   567 C CD1 B LEU A 1 77 ? -30.292 11.851  24.878  0.50 44.70 ? 77  LEU A CD1 1 
ATOM   568 C CD2 A LEU A 1 77 ? -28.419 15.781  26.801  0.50 48.94 ? 77  LEU A CD2 1 
ATOM   569 C CD2 B LEU A 1 77 ? -32.681 12.532  25.000  0.50 52.37 ? 77  LEU A CD2 1 
ATOM   570 N N   . SER A 1 78 ? -30.777 17.654  26.176  1.00 54.71 ? 78  SER A N   1 
ATOM   571 C CA  . SER A 1 78 ? -30.636 18.723  27.178  1.00 59.35 ? 78  SER A CA  1 
ATOM   572 C C   . SER A 1 78 ? -31.781 19.782  27.215  1.00 61.38 ? 78  SER A C   1 
ATOM   573 O O   . SER A 1 78 ? -31.752 20.668  28.090  1.00 65.66 ? 78  SER A O   1 
ATOM   574 C CB  . SER A 1 78 ? -29.260 19.392  27.085  1.00 60.48 ? 78  SER A CB  1 
ATOM   575 O OG  . SER A 1 78 ? -29.085 20.087  25.869  1.00 58.57 ? 78  SER A OG  1 
ATOM   576 N N   . ARG A 1 79 ? -32.792 19.682  26.335  1.00 58.83 ? 79  ARG A N   1 
ATOM   577 C CA  A ARG A 1 79 ? -33.937 20.617  26.346  0.70 57.86 ? 79  ARG A CA  1 
ATOM   578 C CA  B ARG A 1 79 ? -33.933 20.620  26.363  0.30 57.58 ? 79  ARG A CA  1 
ATOM   579 C C   . ARG A 1 79 ? -34.861 20.383  27.564  1.00 59.51 ? 79  ARG A C   1 
ATOM   580 O O   . ARG A 1 79 ? -34.991 19.257  28.081  1.00 61.94 ? 79  ARG A O   1 
ATOM   581 C CB  A ARG A 1 79 ? -34.740 20.536  25.017  0.70 55.65 ? 79  ARG A CB  1 
ATOM   582 C CB  B ARG A 1 79 ? -34.734 20.588  25.042  0.30 55.21 ? 79  ARG A CB  1 
ATOM   583 C CG  A ARG A 1 79 ? -34.092 21.260  23.803  0.70 48.88 ? 79  ARG A CG  1 
ATOM   584 C CG  B ARG A 1 79 ? -35.860 19.544  24.952  0.30 51.40 ? 79  ARG A CG  1 
ATOM   585 C CD  A ARG A 1 79 ? -34.632 20.770  22.430  0.70 39.17 ? 79  ARG A CD  1 
ATOM   586 C CD  B ARG A 1 79 ? -36.423 19.457  23.534  0.30 41.79 ? 79  ARG A CD  1 
ATOM   587 N NE  A ARG A 1 79 ? -33.685 21.037  21.342  0.70 31.12 ? 79  ARG A NE  1 
ATOM   588 N NE  B ARG A 1 79 ? -36.866 18.103  23.237  0.30 40.21 ? 79  ARG A NE  1 
ATOM   589 C CZ  A ARG A 1 79 ? -33.745 20.517  20.107  0.70 39.45 ? 79  ARG A CZ  1 
ATOM   590 C CZ  B ARG A 1 79 ? -37.219 17.668  22.030  0.30 39.13 ? 79  ARG A CZ  1 
ATOM   591 N NH1 A ARG A 1 79 ? -34.733 19.707  19.735  0.70 41.92 ? 79  ARG A NH1 1 
ATOM   592 N NH1 B ARG A 1 79 ? -37.189 18.479  20.983  0.30 34.15 ? 79  ARG A NH1 1 
ATOM   593 N NH2 A ARG A 1 79 ? -32.817 20.838  19.203  0.70 45.78 ? 79  ARG A NH2 1 
ATOM   594 N NH2 B ARG A 1 79 ? -37.599 16.407  21.875  0.30 38.67 ? 79  ARG A NH2 1 
HETATM 595 I I   . IOD B 2 .  ? -25.829 16.721  27.573  0.20 42.10 ? 82  IOD A I   1 
HETATM 596 C C1  . GOL C 3 .  ? -25.437 9.373   11.753  1.00 48.94 ? 83  GOL A C1  1 
HETATM 597 O O1  . GOL C 3 .  ? -25.433 9.983   10.480  1.00 47.67 ? 83  GOL A O1  1 
HETATM 598 C C2  . GOL C 3 .  ? -25.223 7.866   11.721  1.00 51.21 ? 83  GOL A C2  1 
HETATM 599 O O2  . GOL C 3 .  ? -23.978 7.522   11.105  1.00 52.93 ? 83  GOL A O2  1 
HETATM 600 C C3  . GOL C 3 .  ? -25.394 7.294   13.147  1.00 54.80 ? 83  GOL A C3  1 
HETATM 601 O O3  . GOL C 3 .  ? -26.656 6.687   13.431  1.00 58.67 ? 83  GOL A O3  1 
HETATM 602 N N   . NH4 D 4 .  ? -15.052 13.670  14.302  1.00 27.24 ? 84  NH4 A N   1 
HETATM 603 O O   . HOH E 5 .  ? -20.902 12.760  4.529   1.00 14.77 ? 85  HOH A O   1 
HETATM 604 O O   . HOH E 5 .  ? -11.957 11.513  6.360   1.00 5.52  ? 86  HOH A O   1 
HETATM 605 O O   . HOH E 5 .  ? -25.190 17.923  14.600  1.00 6.56  ? 87  HOH A O   1 
HETATM 606 O O   . HOH E 5 .  ? -18.959 15.934  12.789  1.00 13.36 ? 88  HOH A O   1 
HETATM 607 O O   . HOH E 5 .  ? -18.863 17.529  15.141  1.00 22.01 ? 89  HOH A O   1 
HETATM 608 O O   . HOH E 5 .  ? 25.388  -17.856 -20.929 1.00 10.57 ? 90  HOH A O   1 
HETATM 609 O O   . HOH E 5 .  ? -30.194 10.384  12.239  1.00 28.01 ? 91  HOH A O   1 
HETATM 610 O O   . HOH E 5 .  ? -13.307 2.446   5.542   1.00 14.39 ? 92  HOH A O   1 
HETATM 611 O O   . HOH E 5 .  ? -13.178 12.079  11.808  1.00 10.46 ? 93  HOH A O   1 
HETATM 612 O O   . HOH E 5 .  ? -17.735 1.036   9.878   1.00 21.37 ? 94  HOH A O   1 
HETATM 613 O O   . HOH E 5 .  ? -9.655  1.436   -0.078  1.00 8.95  ? 95  HOH A O   1 
HETATM 614 O O   . HOH E 5 .  ? 16.705  -11.565 -17.686 1.00 30.04 ? 96  HOH A O   1 
HETATM 615 O O   . HOH E 5 .  ? -11.101 10.723  12.379  1.00 20.51 ? 97  HOH A O   1 
HETATM 616 O O   . HOH E 5 .  ? 25.689  -18.110 -13.152 1.00 20.95 ? 98  HOH A O   1 
HETATM 617 O O   . HOH E 5 .  ? -9.433  2.104   -2.955  1.00 27.15 ? 99  HOH A O   1 
HETATM 618 O O   . HOH E 5 .  ? -24.971 19.252  21.023  1.00 25.78 ? 100 HOH A O   1 
HETATM 619 O O   . HOH E 5 .  ? 2.555   -7.342  3.868   1.00 9.28  ? 101 HOH A O   1 
HETATM 620 O O   . HOH E 5 .  ? 1.189   4.993   -1.874  1.00 6.70  ? 102 HOH A O   1 
HETATM 621 O O   . HOH E 5 .  ? -7.609  -3.074  6.582   1.00 19.20 ? 103 HOH A O   1 
HETATM 622 O O   . HOH E 5 .  ? 2.297   2.799   -10.669 1.00 20.67 ? 104 HOH A O   1 
HETATM 623 O O   . HOH E 5 .  ? 21.865  -14.324 -10.169 1.00 18.41 ? 105 HOH A O   1 
HETATM 624 O O   . HOH E 5 .  ? -22.808 18.399  22.298  1.00 24.18 ? 106 HOH A O   1 
HETATM 625 O O   . HOH E 5 .  ? 36.182  -28.137 -21.292 1.00 17.10 ? 107 HOH A O   1 
HETATM 626 O O   . HOH E 5 .  ? -21.054 15.997  21.823  1.00 24.68 ? 108 HOH A O   1 
HETATM 627 O O   . HOH E 5 .  ? -5.785  8.412   5.011   1.00 8.68  ? 109 HOH A O   1 
HETATM 628 O O   . HOH E 5 .  ? -2.051  -3.641  -5.252  1.00 20.74 ? 110 HOH A O   1 
HETATM 629 O O   . HOH E 5 .  ? 1.277   1.135   -12.813 1.00 23.22 ? 111 HOH A O   1 
HETATM 630 O O   . HOH E 5 .  ? -7.175  10.212  7.047   0.50 3.64  ? 112 HOH A O   1 
HETATM 631 O O   . HOH E 5 .  ? -13.244 3.556   1.214   1.00 32.49 ? 113 HOH A O   1 
HETATM 632 O O   . HOH E 5 .  ? -30.410 18.815  18.243  1.00 27.57 ? 114 HOH A O   1 
HETATM 633 O O   . HOH E 5 .  ? -20.457 2.873   10.318  1.00 25.85 ? 115 HOH A O   1 
HETATM 634 O O   . HOH E 5 .  ? 22.749  -17.811 -11.622 1.00 43.32 ? 116 HOH A O   1 
HETATM 635 O O   . HOH E 5 .  ? 37.600  -27.743 -24.216 1.00 15.98 ? 117 HOH A O   1 
HETATM 636 O O   . HOH E 5 .  ? -29.422 7.825   13.286  1.00 21.24 ? 118 HOH A O   1 
HETATM 637 O O   . HOH E 5 .  ? -20.632 14.590  19.473  1.00 35.40 ? 119 HOH A O   1 
HETATM 638 O O   . HOH E 5 .  ? -18.736 12.897  20.214  1.00 38.56 ? 120 HOH A O   1 
# 
loop_
_atom_site_anisotrop.id 
_atom_site_anisotrop.type_symbol 
_atom_site_anisotrop.pdbx_label_atom_id 
_atom_site_anisotrop.pdbx_label_alt_id 
_atom_site_anisotrop.pdbx_label_comp_id 
_atom_site_anisotrop.pdbx_label_asym_id 
_atom_site_anisotrop.pdbx_label_seq_id 
_atom_site_anisotrop.pdbx_PDB_ins_code 
_atom_site_anisotrop.U[1][1] 
_atom_site_anisotrop.U[2][2] 
_atom_site_anisotrop.U[3][3] 
_atom_site_anisotrop.U[1][2] 
_atom_site_anisotrop.U[1][3] 
_atom_site_anisotrop.U[2][3] 
_atom_site_anisotrop.pdbx_auth_seq_id 
_atom_site_anisotrop.pdbx_auth_comp_id 
_atom_site_anisotrop.pdbx_auth_asym_id 
_atom_site_anisotrop.pdbx_auth_atom_id 
1   N N   . GLN A 14 ? 0.5975 1.0546 0.9800 -0.0054 -0.0627 -0.4701 14 GLN A N   
2   C CA  . GLN A 14 ? 0.6517 1.0936 1.0322 -0.0226 -0.0564 -0.4628 14 GLN A CA  
3   C C   . GLN A 14 ? 0.6461 1.0572 1.0082 -0.0295 -0.0518 -0.4408 14 GLN A C   
4   O O   . GLN A 14 ? 0.6227 1.0247 0.9767 -0.0383 -0.0443 -0.4310 14 GLN A O   
5   C CB  . GLN A 14 ? 0.6604 1.1123 1.0699 -0.0413 -0.0397 -0.4803 14 GLN A CB  
6   C CG  . GLN A 14 ? 0.7174 1.1594 1.1256 -0.0483 -0.0251 -0.4728 14 GLN A CG  
7   C CD  . GLN A 14 ? 0.7711 1.1927 1.1543 -0.0480 -0.0112 -0.4459 14 GLN A CD  
8   O OE1 . GLN A 14 ? 0.8172 1.2425 1.1780 -0.0403 -0.0207 -0.4382 14 GLN A OE1 
9   N NE2 . GLN A 14 ? 0.8153 1.2224 1.2083 -0.0530 0.0146  -0.4365 14 GLN A NE2 
10  N N   . GLU A 15 ? 0.6409 1.0422 1.0035 -0.0223 -0.0525 -0.4376 15 GLU A N   
11  C CA  . GLU A 15 ? 0.6551 1.0383 1.0172 -0.0254 -0.0482 -0.4303 15 GLU A CA  
12  C C   . GLU A 15 ? 0.6180 0.9851 0.9668 -0.0165 -0.0492 -0.4134 15 GLU A C   
13  O O   . GLU A 15 ? 0.6158 0.9711 0.9603 -0.0231 -0.0475 -0.4065 15 GLU A O   
14  C CB  . GLU A 15 ? 0.6729 1.0456 1.0618 -0.0221 -0.0368 -0.4395 15 GLU A CB  
15  C CG  . GLU A 15 ? 0.7842 1.1347 1.1766 0.0021  -0.0240 -0.4235 15 GLU A CG  
16  C CD  . GLU A 15 ? 0.9248 1.2367 1.3484 0.0083  0.0064  -0.4160 15 GLU A CD  
17  O OE1 . GLU A 15 ? 0.9707 1.2794 1.4396 -0.0055 0.0228  -0.4404 15 GLU A OE1 
18  O OE2 . GLU A 15 ? 0.9886 1.2762 1.3985 0.0280  0.0186  -0.3893 15 GLU A OE2 
19  N N   . GLU A 16 ? 0.5753 0.9533 0.9171 0.0032  -0.0535 -0.4105 16 GLU A N   
20  C CA  . GLU A 16 ? 0.5930 0.9706 0.9183 0.0216  -0.0560 -0.3972 16 GLU A CA  
21  C C   . GLU A 16 ? 0.4899 0.8819 0.8140 0.0062  -0.0644 -0.4068 16 GLU A C   
22  O O   . GLU A 16 ? 0.4479 0.8323 0.7598 0.0133  -0.0653 -0.3951 16 GLU A O   
23  C CB  . GLU A 16 ? 0.6349 1.0367 0.9473 0.0649  -0.0560 -0.3917 16 GLU A CB  
24  C CG  . GLU A 16 ? 0.7582 1.1184 1.0707 0.0899  -0.0280 -0.3620 16 GLU A CG  
25  C CD  . GLU A 16 ? 0.9140 1.2946 1.2180 0.1323  -0.0196 -0.3551 16 GLU A CD  
26  O OE1 . GLU A 16 ? 0.9889 1.4131 1.2631 0.1806  -0.0262 -0.3483 16 GLU A OE1 
27  O OE2 . GLU A 16 ? 0.9284 1.2892 1.2550 0.1229  -0.0060 -0.3585 16 GLU A OE2 
28  N N   . LYS A 17 ? 0.4256 0.8331 0.7683 -0.0137 -0.0627 -0.4264 17 LYS A N   
29  C CA  . LYS A 17 ? 0.4286 0.8289 0.7809 -0.0332 -0.0525 -0.4281 17 LYS A CA  
30  C C   . LYS A 17 ? 0.4017 0.7714 0.7318 -0.0394 -0.0471 -0.4025 17 LYS A C   
31  O O   . LYS A 17 ? 0.3502 0.7082 0.6726 -0.0424 -0.0442 -0.3922 17 LYS A O   
32  C CB  . LYS A 17 ? 0.4545 0.8609 0.8349 -0.0487 -0.0338 -0.4429 17 LYS A CB  
33  C CG  . LYS A 17 ? 0.5641 0.9782 0.9870 -0.0629 -0.0121 -0.4648 17 LYS A CG  
34  C CD  . LYS A 17 ? 0.6096 1.0753 1.0818 -0.0632 -0.0164 -0.5157 17 LYS A CD  
35  C CE  . LYS A 17 ? 0.6319 1.0956 1.1702 -0.0862 0.0246  -0.5427 17 LYS A CE  
36  N NZ  . LYS A 17 ? 0.7133 1.2445 1.3219 -0.0905 0.0217  -0.6125 17 LYS A NZ  
37  N N   . GLN A 18 ? 0.3568 0.7244 0.6810 -0.0394 -0.0463 -0.3993 18 GLN A N   
38  C CA  . GLN A 18 ? 0.3379 0.7020 0.6492 -0.0393 -0.0456 -0.3910 18 GLN A CA  
39  C C   . GLN A 18 ? 0.3121 0.6583 0.6240 -0.0368 -0.0504 -0.3853 18 GLN A C   
40  O O   . GLN A 18 ? 0.3573 0.6989 0.6594 -0.0386 -0.0498 -0.3777 18 GLN A O   
41  C CB  . GLN A 18 ? 0.3553 0.7421 0.6724 -0.0365 -0.0460 -0.4052 18 GLN A CB  
42  C CG  . GLN A 18 ? 0.3922 0.8059 0.7047 -0.0304 -0.0482 -0.4148 18 GLN A CG  
43  C CD  . GLN A 18 ? 0.3916 0.8145 0.6728 -0.0181 -0.0407 -0.3943 18 GLN A CD  
44  O OE1 . GLN A 18 ? 0.3577 0.7813 0.6228 -0.0080 -0.0244 -0.3772 18 GLN A OE1 
45  N NE2 . GLN A 18 ? 0.4762 0.9036 0.7524 -0.0160 -0.0457 -0.3945 18 GLN A NE2 
46  N N   . ARG A 19 ? 0.2813 0.6161 0.6039 -0.0276 -0.0489 -0.3852 19 ARG A N   
47  C CA  . ARG A 19 ? 0.3113 0.6202 0.6389 -0.0187 -0.0393 -0.3731 19 ARG A CA  
48  C C   . ARG A 19 ? 0.3248 0.6283 0.6305 -0.0112 -0.0446 -0.3571 19 ARG A C   
49  O O   . ARG A 19 ? 0.3383 0.6240 0.6440 -0.0138 -0.0389 -0.3483 19 ARG A O   
50  C CB  . ARG A 19 ? 0.3612 0.6556 0.6998 0.0024  -0.0246 -0.3653 19 ARG A CB  
51  C CG  . ARG A 19 ? 0.3728 0.6273 0.7322 0.0160  0.0062  -0.3492 19 ARG A CG  
52  C CD  . ARG A 19 ? 0.5292 0.7734 0.8853 0.0512  0.0253  -0.3305 19 ARG A CD  
53  N NE  . ARG A 19 ? 0.5776 0.7737 0.9720 0.0673  0.0743  -0.3150 19 ARG A NE  
54  C CZ  . ARG A 19 ? 0.6183 0.7718 1.0385 0.0713  0.1103  -0.2999 19 ARG A CZ  
55  N NH1 . ARG A 19 ? 0.6237 0.7801 1.0287 0.0599  0.0959  -0.2982 19 ARG A NH1 
56  N NH2 . ARG A 19 ? 0.6898 0.7925 1.1591 0.0872  0.1692  -0.2864 19 ARG A NH2 
57  N N   . LYS A 20 ? 0.3210 0.6473 0.6163 -0.0026 -0.0550 -0.3612 20 LYS A N   
58  C CA  . LYS A 20 ? 0.3340 0.6688 0.6179 0.0026  -0.0611 -0.3582 20 LYS A CA  
59  C C   . LYS A 20 ? 0.3132 0.6364 0.5972 -0.0212 -0.0590 -0.3565 20 LYS A C   
60  O O   . LYS A 20 ? 0.3272 0.6412 0.6017 -0.0198 -0.0596 -0.3467 20 LYS A O   
61  C CB  . LYS A 20 ? 0.3621 0.7436 0.6543 0.0142  -0.0715 -0.3830 20 LYS A CB  
62  C CG  . LYS A 20 ? 0.3982 0.8046 0.6934 0.0177  -0.0779 -0.3961 20 LYS A CG  
63  C CD  . LYS A 20 ? 0.5003 0.9133 0.7648 0.0556  -0.0819 -0.3758 20 LYS A CD  
64  C CE  . LYS A 20 ? 0.5022 0.9611 0.7734 0.0640  -0.0928 -0.4004 20 LYS A CE  
65  N NZ  . LYS A 20 ? 0.5250 1.0694 0.8260 0.0794  -0.1068 -0.4552 20 LYS A NZ  
66  N N   . ALA A 21 ? 0.2757 0.6016 0.5663 -0.0357 -0.0528 -0.3620 21 ALA A N   
67  C CA  . ALA A 21 ? 0.2683 0.5863 0.5500 -0.0436 -0.0431 -0.3512 21 ALA A CA  
68  C C   . ALA A 21 ? 0.2229 0.5332 0.4927 -0.0410 -0.0482 -0.3428 21 ALA A C   
69  O O   . ALA A 21 ? 0.1720 0.4730 0.4318 -0.0417 -0.0469 -0.3321 21 ALA A O   
70  C CB  . ALA A 21 ? 0.2760 0.6037 0.5566 -0.0433 -0.0292 -0.3501 21 ALA A CB  
71  N N   . GLU A 22 ? 0.1995 0.5147 0.4812 -0.0396 -0.0505 -0.3536 22 GLU A N   
72  C CA  . GLU A 22 ? 0.2403 0.5588 0.5322 -0.0412 -0.0492 -0.3615 22 GLU A CA  
73  C C   . GLU A 22 ? 0.2469 0.5340 0.5416 -0.0398 -0.0442 -0.3476 22 GLU A C   
74  O O   . GLU A 22 ? 0.2091 0.4970 0.5069 -0.0431 -0.0429 -0.3495 22 GLU A O   
75  C CB  . GLU A 22 ? 0.2014 0.5414 0.5277 -0.0440 -0.0454 -0.3914 22 GLU A CB  
76  C CG  . GLU A 22 ? 0.2274 0.6115 0.5442 -0.0378 -0.0518 -0.4060 22 GLU A CG  
77  C CD  . GLU A 22 ? 0.1770 0.5926 0.5366 -0.0411 -0.0494 -0.4460 22 GLU A CD  
78  O OE1 . GLU A 22 ? 0.2491 0.6569 0.6579 -0.0511 -0.0374 -0.4702 22 GLU A OE1 
79  O OE2 . GLU A 22 ? 0.1333 0.5811 0.4856 -0.0336 -0.0540 -0.4563 22 GLU A OE2 
80  N N   . GLU A 23 ? 0.2942 0.5630 0.5840 -0.0284 -0.0411 -0.3339 23 GLU A N   
81  C CA  . GLU A 23 ? 0.3166 0.5630 0.5977 -0.0130 -0.0337 -0.3137 23 GLU A CA  
82  C C   . GLU A 23 ? 0.2864 0.5378 0.5466 -0.0174 -0.0447 -0.3070 23 GLU A C   
83  O O   . GLU A 23 ? 0.2494 0.4840 0.5087 -0.0171 -0.0387 -0.2973 23 GLU A O   
84  C CB  . GLU A 23 ? 0.3791 0.6311 0.6472 0.0156  -0.0320 -0.3030 23 GLU A CB  
85  C CG  . GLU A 23 ? 0.5339 0.7574 0.8210 0.0355  -0.0026 -0.2898 23 GLU A CG  
86  C CD  . GLU A 23 ? 0.6539 0.8957 0.9274 0.0673  -0.0015 -0.2838 23 GLU A CD  
87  O OE1 . GLU A 23 ? 0.7199 0.9334 1.0093 0.0883  0.0303  -0.2678 23 GLU A OE1 
88  O OE2 . GLU A 23 ? 0.7623 1.0487 1.0173 0.0726  -0.0274 -0.2985 23 GLU A OE2 
89  N N   . LEU A 24 ? 0.2571 0.5292 0.5099 -0.0226 -0.0547 -0.3149 24 LEU A N   
90  C CA  . LEU A 24 ? 0.2602 0.5347 0.5070 -0.0313 -0.0561 -0.3136 24 LEU A CA  
91  C C   . LEU A 24 ? 0.2536 0.5189 0.4923 -0.0403 -0.0512 -0.3047 24 LEU A C   
92  O O   . LEU A 24 ? 0.1857 0.4426 0.4165 -0.0411 -0.0504 -0.2958 24 LEU A O   
93  C CB  . LEU A 24 ? 0.3098 0.6040 0.5739 -0.0383 -0.0524 -0.3315 24 LEU A CB  
94  C CG  . LEU A 24 ? 0.3603 0.6865 0.6390 -0.0282 -0.0601 -0.3540 24 LEU A CG  
95  C CD1 . LEU A 24 ? 0.3537 0.6911 0.6080 0.0031  -0.0722 -0.3434 24 LEU A CD1 
96  C CD2 . LEU A 24 ? 0.4100 0.7688 0.7217 -0.0323 -0.0572 -0.3867 24 LEU A CD2 
97  N N   . LEU A 25 ? 0.2418 0.5194 0.4822 -0.0412 -0.0496 -0.3108 25 LEU A N   
98  C CA  . LEU A 25 ? 0.2561 0.5492 0.4846 -0.0370 -0.0480 -0.3086 25 LEU A CA  
99  C C   . LEU A 25 ? 0.2337 0.5208 0.4731 -0.0400 -0.0514 -0.3140 25 LEU A C   
100 O O   . LEU A 25 ? 0.2719 0.5614 0.4985 -0.0372 -0.0517 -0.3063 25 LEU A O   
101 C CB  . LEU A 25 ? 0.2684 0.6001 0.4973 -0.0277 -0.0486 -0.3240 25 LEU A CB  
102 C CG  . LEU A 25 ? 0.3421 0.6814 0.5532 -0.0162 -0.0352 -0.3101 25 LEU A CG  
103 C CD1 . LEU A 25 ? 0.3866 0.7762 0.5946 0.0005  -0.0389 -0.3285 25 LEU A CD1 
104 C CD2 . LEU A 25 ? 0.3919 0.7239 0.5790 -0.0021 -0.0175 -0.2833 25 LEU A CD2 
105 N N   . GLN A 26 ? 0.2550 0.5304 0.5227 -0.0440 -0.0471 -0.3260 26 GLN A N   
106 C CA  . GLN A 26 ? 0.3113 0.5679 0.6071 -0.0473 -0.0350 -0.3310 26 GLN A CA  
107 C C   . GLN A 26 ? 0.3102 0.5388 0.5823 -0.0418 -0.0347 -0.3038 26 GLN A C   
108 O O   . GLN A 26 ? 0.3943 0.6186 0.6717 -0.0449 -0.0313 -0.3038 26 GLN A O   
109 C CB  . GLN A 26 ? 0.3223 0.5535 0.6524 -0.0448 -0.0144 -0.3344 26 GLN A CB  
110 C CG  . GLN A 26 ? 0.4985 0.6993 0.8784 -0.0473 0.0182  -0.3409 26 GLN A CG  
111 C CD  . GLN A 26 ? 0.6627 0.8343 1.0937 -0.0435 0.0550  -0.3471 26 GLN A CD  
112 O OE1 . GLN A 26 ? 0.6625 0.8272 1.0745 -0.0298 0.0542  -0.3315 26 GLN A OE1 
113 N NE2 . GLN A 26 ? 0.7386 0.8929 1.2440 -0.0553 0.0935  -0.3731 26 GLN A NE2 
114 N N   . GLU A 27 ? 0.2819 0.5017 0.5317 -0.0318 -0.0393 -0.2868 27 GLU A N   
115 C CA  . GLU A 27 ? 0.2779 0.4882 0.5070 -0.0224 -0.0423 -0.2695 27 GLU A CA  
116 C C   . GLU A 27 ? 0.2140 0.4313 0.4300 -0.0334 -0.0499 -0.2683 27 GLU A C   
117 O O   . GLU A 27 ? 0.1899 0.3962 0.3989 -0.0316 -0.0489 -0.2584 27 GLU A O   
118 C CB  . GLU A 27 ? 0.2431 0.4693 0.4597 -0.0047 -0.0490 -0.2683 27 GLU A CB  
119 C CG  . GLU A 27 ? 0.4282 0.6537 0.6272 0.0188  -0.0473 -0.2530 27 GLU A CG  
120 C CD  . GLU A 27 ? 0.4416 0.7102 0.6282 0.0459  -0.0589 -0.2633 27 GLU A CD  
121 O OE1 . GLU A 27 ? 0.5483 0.8352 0.7192 0.0664  -0.0632 -0.2598 27 GLU A OE1 
122 O OE2 . GLU A 27 ? 0.5681 0.8611 0.7627 0.0495  -0.0644 -0.2795 27 GLU A OE2 
123 N N   . LEU A 28 ? 0.1950 0.4276 0.4077 -0.0404 -0.0513 -0.2742 28 LEU A N   
124 C CA  . LEU A 28 ? 0.2190 0.4540 0.4192 -0.0419 -0.0459 -0.2653 28 LEU A CA  
125 C C   . LEU A 28 ? 0.2288 0.4734 0.4230 -0.0385 -0.0483 -0.2654 28 LEU A C   
126 O O   . LEU A 28 ? 0.2113 0.4493 0.3939 -0.0366 -0.0462 -0.2541 28 LEU A O   
127 C CB  . LEU A 28 ? 0.2447 0.4925 0.4413 -0.0378 -0.0342 -0.2638 28 LEU A CB  
128 C CG  . LEU A 28 ? 0.3724 0.6068 0.5757 -0.0384 -0.0098 -0.2537 28 LEU A CG  
129 C CD1 . LEU A 28 ? 0.3819 0.6160 0.6167 -0.0511 -0.0107 -0.2752 28 LEU A CD1 
130 C CD2 . LEU A 28 ? 0.4025 0.6493 0.5924 -0.0212 0.0098  -0.2411 28 LEU A CD2 
131 N N   . ARG A 29 ? 0.2362 0.5054 0.4458 -0.0372 -0.0518 -0.2859 29 ARG A N   
132 C CA  . ARG A 29 ? 0.2655 0.5637 0.4869 -0.0342 -0.0547 -0.3049 29 ARG A CA  
133 C C   . ARG A 29 ? 0.2589 0.5257 0.4950 -0.0432 -0.0499 -0.3001 29 ARG A C   
134 O O   . ARG A 29 ? 0.3481 0.6288 0.5798 -0.0403 -0.0521 -0.3025 29 ARG A O   
135 C CB  . ARG A 29 ? 0.2824 0.6203 0.5441 -0.0365 -0.0555 -0.3467 29 ARG A CB  
136 C CG  . ARG A 29 ? 0.3604 0.7472 0.6083 -0.0208 -0.0617 -0.3589 29 ARG A CG  
137 C CD  . ARG A 29 ? 0.5244 0.9667 0.8264 -0.0241 -0.0637 -0.4162 29 ARG A CD  
138 N NE  . ARG A 29 ? 0.6432 1.0434 0.9899 -0.0451 -0.0499 -0.4254 29 ARG A NE  
139 C CZ  . ARG A 29 ? 0.6621 1.0619 1.0110 -0.0452 -0.0495 -0.4276 29 ARG A CZ  
140 N NH1 . ARG A 29 ? 0.6308 1.0684 0.9420 -0.0276 -0.0610 -0.4221 29 ARG A NH1 
141 N NH2 . ARG A 29 ? 0.6896 1.0476 1.0789 -0.0586 -0.0313 -0.4311 29 ARG A NH2 
142 N N   . HIS A 30 ? 0.2227 0.4518 0.4747 -0.0475 -0.0398 -0.2918 30 HIS A N   
143 C CA  . HIS A 30 ? 0.2721 0.4694 0.5374 -0.0473 -0.0260 -0.2813 30 HIS A CA  
144 C C   . HIS A 30 ? 0.2829 0.4689 0.5096 -0.0419 -0.0357 -0.2559 30 HIS A C   
145 O O   . HIS A 30 ? 0.2950 0.4742 0.5240 -0.0436 -0.0323 -0.2525 30 HIS A O   
146 C CB  . HIS A 30 ? 0.3055 0.4668 0.5864 -0.0369 -0.0039 -0.2674 30 HIS A CB  
147 C CG  . HIS A 30 ? 0.4762 0.6311 0.8171 -0.0448 0.0230  -0.2927 30 HIS A CG  
148 N ND1 . HIS A 30 ? 0.5573 0.7021 0.9107 -0.0381 0.0351  -0.2920 30 HIS A ND1 
149 C CD2 . HIS A 30 ? 0.5919 0.7506 0.9958 -0.0596 0.0454  -0.3262 30 HIS A CD2 
150 C CE1 . HIS A 30 ? 0.6281 0.7658 1.0514 -0.0498 0.0666  -0.3219 30 HIS A CE1 
151 N NE2 . HIS A 30 ? 0.6475 0.7964 1.1084 -0.0644 0.0742  -0.3479 30 HIS A NE2 
152 N N   . LEU A 31 ? 0.2976 0.4858 0.4997 -0.0372 -0.0450 -0.2449 31 LEU A N   
153 C CA  . LEU A 31 ? 0.3052 0.4905 0.4882 -0.0352 -0.0499 -0.2336 31 LEU A CA  
154 C C   . LEU A 31 ? 0.3095 0.5013 0.4836 -0.0408 -0.0497 -0.2310 31 LEU A C   
155 O O   . LEU A 31 ? 0.3159 0.4988 0.4814 -0.0406 -0.0492 -0.2215 31 LEU A O   
156 C CB  . LEU A 31 ? 0.3383 0.5370 0.5210 -0.0338 -0.0537 -0.2408 31 LEU A CB  
157 C CG  . LEU A 31 ? 0.3711 0.5841 0.5523 -0.0153 -0.0588 -0.2454 31 LEU A CG  
158 C CD1 . LEU A 31 ? 0.3705 0.6095 0.5676 -0.0194 -0.0620 -0.2679 31 LEU A CD1 
159 C CD2 . LEU A 31 ? 0.3880 0.6106 0.5587 -0.0013 -0.0627 -0.2424 31 LEU A CD2 
160 N N   . LYS A 32 ? 0.3390 0.5527 0.5113 -0.0388 -0.0487 -0.2378 32 LYS A N   
161 C CA  . LYS A 32 ? 0.3647 0.5962 0.5186 -0.0280 -0.0446 -0.2299 32 LYS A CA  
162 C C   . LYS A 32 ? 0.3756 0.6241 0.5354 -0.0263 -0.0511 -0.2413 32 LYS A C   
163 O O   . LYS A 32 ? 0.3642 0.6179 0.5057 -0.0168 -0.0487 -0.2291 32 LYS A O   
164 C CB  . LYS A 32 ? 0.3425 0.6081 0.4839 -0.0106 -0.0393 -0.2318 32 LYS A CB  
165 C CG  . LYS A 32 ? 0.3923 0.6362 0.5311 -0.0098 -0.0206 -0.2153 32 LYS A CG  
166 C CD  . LYS A 32 ? 0.5266 0.7996 0.6445 0.0181  -0.0048 -0.2046 32 LYS A CD  
167 C CE  . LYS A 32 ? 0.5982 0.8369 0.7261 0.0175  0.0292  -0.1853 32 LYS A CE  
168 N NZ  . LYS A 32 ? 0.6843 0.9458 0.7929 0.0477  0.0500  -0.1710 32 LYS A NZ  
169 N N   . ILE A 33 ? 0.3699 0.6279 0.5635 -0.0350 -0.0535 -0.2676 33 ILE A N   
170 C CA  . ILE A 33 ? 0.3632 0.6319 0.5859 -0.0403 -0.0512 -0.2883 33 ILE A CA  
171 C C   . ILE A 33 ? 0.3567 0.5760 0.5715 -0.0460 -0.0444 -0.2618 33 ILE A C   
172 O O   . ILE A 33 ? 0.3786 0.6035 0.5919 -0.0452 -0.0452 -0.2622 33 ILE A O   
173 C CB  . ILE A 33 ? 0.3626 0.6399 0.6467 -0.0526 -0.0391 -0.3266 33 ILE A CB  
174 C CG1 . ILE A 33 ? 0.3554 0.6991 0.6554 -0.0456 -0.0486 -0.3659 33 ILE A CG1 
175 C CG2 . ILE A 33 ? 0.3518 0.6360 0.6875 -0.0626 -0.0251 -0.3559 33 ILE A CG2 
176 C CD1 . ILE A 33 ? 0.3524 0.6971 0.7270 -0.0625 -0.0296 -0.4080 33 ILE A CD1 
177 N N   . LYS A 34 ? 0.3234 0.5049 0.5308 -0.0457 -0.0389 -0.2411 34 LYS A N   
178 C CA  . LYS A 34 ? 0.3273 0.4790 0.5214 -0.0405 -0.0342 -0.2187 34 LYS A CA  
179 C C   . LYS A 34 ? 0.2949 0.4531 0.4606 -0.0402 -0.0450 -0.2076 34 LYS A C   
180 O O   . LYS A 34 ? 0.2992 0.4506 0.4624 -0.0404 -0.0434 -0.2020 34 LYS A O   
181 C CB  . LYS A 34 ? 0.3156 0.4491 0.5021 -0.0257 -0.0275 -0.2032 34 LYS A CB  
182 C CG  . LYS A 34 ? 0.4957 0.6202 0.6589 -0.0079 -0.0269 -0.1831 34 LYS A CG  
183 C CD  . LYS A 34 ? 0.5953 0.6969 0.7586 0.0211  -0.0017 -0.1606 34 LYS A CD  
184 C CE  . LYS A 34 ? 0.6103 0.6952 0.7636 0.0338  0.0102  -0.1411 34 LYS A CE  
185 N NZ  . LYS A 34 ? 0.6348 0.6848 0.7919 0.0683  0.0521  -0.1092 34 LYS A NZ  
186 N N   . VAL A 35 ? 0.3012 0.4694 0.4534 -0.0400 -0.0485 -0.2055 35 VAL A N   
187 C CA  . VAL A 35 ? 0.3032 0.4675 0.4420 -0.0392 -0.0441 -0.1942 35 VAL A CA  
188 C C   . VAL A 35 ? 0.3063 0.4846 0.4343 -0.0323 -0.0434 -0.1904 35 VAL A C   
189 O O   . VAL A 35 ? 0.2768 0.4457 0.3966 -0.0311 -0.0409 -0.1799 35 VAL A O   
190 C CB  . VAL A 35 ? 0.2501 0.4160 0.3918 -0.0386 -0.0306 -0.1923 35 VAL A CB  
191 C CG1 . VAL A 35 ? 0.3233 0.4764 0.4617 -0.0345 -0.0097 -0.1769 35 VAL A CG1 
192 C CG2 . VAL A 35 ? 0.2370 0.4036 0.3987 -0.0455 -0.0326 -0.2079 35 VAL A CG2 
193 N N   . GLU A 36 ? 0.3659 0.5778 0.4960 -0.0242 -0.0470 -0.2045 36 GLU A N   
194 C CA  . GLU A 36 ? 0.3946 0.6477 0.5160 -0.0081 -0.0505 -0.2130 36 GLU A CA  
195 C C   . GLU A 36 ? 0.4184 0.6647 0.5601 -0.0195 -0.0545 -0.2245 36 GLU A C   
196 O O   . GLU A 36 ? 0.4840 0.7407 0.6112 -0.0100 -0.0549 -0.2175 36 GLU A O   
197 C CB  . GLU A 36 ? 0.4353 0.7490 0.5667 0.0057  -0.0579 -0.2438 36 GLU A CB  
198 C CG  . GLU A 36 ? 0.5240 0.9098 0.6690 0.0217  -0.0682 -0.2806 36 GLU A CG  
199 C CD  . GLU A 36 ? 0.6828 1.1362 0.8677 0.0243  -0.0770 -0.3350 36 GLU A CD  
200 O OE1 . GLU A 36 ? 0.7651 1.2037 1.0110 -0.0053 -0.0718 -0.3686 36 GLU A OE1 
201 O OE2 . GLU A 36 ? 0.8436 1.3677 1.0026 0.0599  -0.0837 -0.3451 36 GLU A OE2 
202 N N   . GLU A 37 ? 0.4018 0.6269 0.5785 -0.0364 -0.0508 -0.2388 37 GLU A N   
203 C CA  . GLU A 37 ? 0.3820 0.5885 0.5849 -0.0455 -0.0421 -0.2442 37 GLU A CA  
204 C C   . GLU A 37 ? 0.3535 0.5201 0.5271 -0.0440 -0.0410 -0.2104 37 GLU A C   
205 O O   . GLU A 37 ? 0.3837 0.5527 0.5567 -0.0437 -0.0408 -0.2097 37 GLU A O   
206 C CB  . GLU A 37 ? 0.4155 0.6004 0.6679 -0.0562 -0.0221 -0.2602 37 GLU A CB  
207 C CG  . GLU A 37 ? 0.5462 0.7871 0.8566 -0.0633 -0.0190 -0.3169 37 GLU A CG  
208 C CD  . GLU A 37 ? 0.6757 0.9038 1.0314 -0.0721 -0.0001 -0.3348 37 GLU A CD  
209 O OE1 . GLU A 37 ? 0.7483 0.9267 1.0794 -0.0670 0.0078  -0.2975 37 GLU A OE1 
210 O OE2 . GLU A 37 ? 0.7107 0.9883 1.1315 -0.0812 0.0071  -0.3923 37 GLU A OE2 
211 N N   . LEU A 38 ? 0.2284 0.3706 0.3830 -0.0412 -0.0416 -0.1906 38 LEU A N   
212 C CA  . LEU A 38 ? 0.2569 0.3816 0.3911 -0.0367 -0.0433 -0.1721 38 LEU A CA  
213 C C   . LEU A 38 ? 0.2835 0.4145 0.4020 -0.0375 -0.0458 -0.1657 38 LEU A C   
214 O O   . LEU A 38 ? 0.3007 0.4208 0.4130 -0.0366 -0.0454 -0.1572 38 LEU A O   
215 C CB  . LEU A 38 ? 0.2306 0.3561 0.3577 -0.0300 -0.0466 -0.1704 38 LEU A CB  
216 C CG  . LEU A 38 ? 0.2877 0.4080 0.4140 -0.0118 -0.0409 -0.1638 38 LEU A CG  
217 C CD1 . LEU A 38 ? 0.2860 0.4327 0.4070 -0.0015 -0.0506 -0.1751 38 LEU A CD1 
218 C CD2 . LEU A 38 ? 0.2771 0.3866 0.3911 0.0065  -0.0329 -0.1466 38 LEU A CD2 
219 N N   . GLU A 39 ? 0.3399 0.4878 0.4509 -0.0331 -0.0433 -0.1659 39 GLU A N   
220 C CA  . GLU A 39 ? 0.4043 0.5584 0.4976 -0.0216 -0.0344 -0.1519 39 GLU A CA  
221 C C   . GLU A 39 ? 0.4480 0.6334 0.5360 -0.0111 -0.0418 -0.1600 39 GLU A C   
222 O O   . GLU A 39 ? 0.4842 0.6744 0.5534 0.0030  -0.0350 -0.1452 39 GLU A O   
223 C CB  . GLU A 39 ? 0.4473 0.6104 0.5292 -0.0061 -0.0178 -0.1405 39 GLU A CB  
224 C CG  . GLU A 39 ? 0.5170 0.6475 0.6178 -0.0166 0.0039  -0.1347 39 GLU A CG  
225 C CD  . GLU A 39 ? 0.6520 0.7835 0.7545 -0.0053 0.0266  -0.1264 39 GLU A CD  
226 O OE1 . GLU A 39 ? 0.7428 0.9049 0.8203 0.0176  0.0237  -0.1203 39 GLU A OE1 
227 O OE2 . GLU A 39 ? 0.6471 0.7551 0.7819 -0.0179 0.0496  -0.1318 39 GLU A OE2 
228 N N   . ASN A 40 ? 0.4235 0.6339 0.5362 -0.0168 -0.0509 -0.1883 40 ASN A N   
229 C CA  . ASN A 40 ? 0.4652 0.7083 0.5950 -0.0143 -0.0555 -0.2110 40 ASN A CA  
230 C C   . ASN A 40 ? 0.4523 0.6520 0.5933 -0.0295 -0.0497 -0.2003 40 ASN A C   
231 O O   . ASN A 40 ? 0.4847 0.6900 0.6167 -0.0247 -0.0509 -0.1957 40 ASN A O   
232 C CB  . ASN A 40 ? 0.4847 0.7739 0.6627 -0.0198 -0.0581 -0.2594 40 ASN A CB  
233 C CG  . ASN A 40 ? 0.5909 0.9698 0.7601 0.0097  -0.0704 -0.2891 40 ASN A CG  
234 O OD1 . ASN A 40 ? 0.6699 1.0744 0.8204 0.0259  -0.0735 -0.2876 40 ASN A OD1 
235 N ND2 . ASN A 40 ? 0.7127 1.1502 0.8953 0.0226  -0.0774 -0.3191 40 ASN A ND2 
236 N N   . GLU A 41 ? 0.4479 0.6080 0.6051 -0.0412 -0.0410 -0.1941 41 GLU A N   
237 C CA  . GLU A 41 ? 0.4876 0.6114 0.6442 -0.0434 -0.0320 -0.1766 41 GLU A CA  
238 C C   . GLU A 41 ? 0.4708 0.5849 0.5912 -0.0379 -0.0400 -0.1536 41 GLU A C   
239 O O   . GLU A 41 ? 0.4281 0.5343 0.5469 -0.0376 -0.0376 -0.1478 41 GLU A O   
240 C CB  . GLU A 41 ? 0.5041 0.5954 0.6690 -0.0394 -0.0173 -0.1640 41 GLU A CB  
241 C CG  . GLU A 41 ? 0.6397 0.7019 0.7941 -0.0272 -0.0044 -0.1400 41 GLU A CG  
242 C CD  . GLU A 41 ? 0.7863 0.8177 0.9590 -0.0117 0.0275  -0.1253 41 GLU A CD  
243 O OE1 . GLU A 41 ? 0.8368 0.8671 1.0291 -0.0135 0.0359  -0.1341 41 GLU A OE1 
244 O OE2 . GLU A 41 ? 0.8907 0.8978 1.0566 0.0072  0.0486  -0.1010 41 GLU A OE2 
245 N N   . ARG A 42 ? 0.4512 0.5656 0.5535 -0.0352 -0.0437 -0.1453 42 ARG A N   
246 C CA  A ARG A 42 ? 0.4580 0.5636 0.5469 -0.0337 -0.0405 -0.1334 42 ARG A CA  
247 C CA  B ARG A 42 ? 0.4545 0.5605 0.5433 -0.0335 -0.0403 -0.1333 42 ARG A CA  
248 C C   . ARG A 42 ? 0.4782 0.5949 0.5550 -0.0255 -0.0369 -0.1260 42 ARG A C   
249 O O   . ARG A 42 ? 0.4616 0.5670 0.5338 -0.0258 -0.0346 -0.1178 42 ARG A O   
250 C CB  A ARG A 42 ? 0.4433 0.5463 0.5378 -0.0354 -0.0319 -0.1348 42 ARG A CB  
251 C CB  B ARG A 42 ? 0.4389 0.5426 0.5325 -0.0348 -0.0307 -0.1339 42 ARG A CB  
252 C CG  A ARG A 42 ? 0.3954 0.4858 0.4980 -0.0369 -0.0144 -0.1295 42 ARG A CG  
253 C CG  B ARG A 42 ? 0.3840 0.4816 0.4721 -0.0259 -0.0087 -0.1183 42 ARG A CG  
254 C CD  A ARG A 42 ? 0.3912 0.4778 0.5239 -0.0439 0.0043  -0.1424 42 ARG A CD  
255 C CD  B ARG A 42 ? 0.3226 0.4070 0.4335 -0.0295 0.0159  -0.1202 42 ARG A CD  
256 N NE  A ARG A 42 ? 0.3898 0.4711 0.5179 -0.0353 0.0233  -0.1287 42 ARG A NE  
257 N NE  B ARG A 42 ? 0.2497 0.3370 0.3481 -0.0115 0.0358  -0.1030 42 ARG A NE  
258 C CZ  A ARG A 42 ? 0.2513 0.3252 0.4110 -0.0415 0.0463  -0.1387 42 ARG A CZ  
259 C CZ  B ARG A 42 ? 0.3177 0.4301 0.3813 0.0153  0.0334  -0.0867 42 ARG A CZ  
260 N NH1 A ARG A 42 ? 0.2466 0.3277 0.4514 -0.0586 0.0494  -0.1727 42 ARG A NH1 
261 N NH1 B ARG A 42 ? 0.3317 0.4665 0.3789 0.0207  0.0126  -0.0907 42 ARG A NH1 
262 N NH2 A ARG A 42 ? 0.4102 0.4782 0.5600 -0.0273 0.0677  -0.1197 42 ARG A NH2 
263 N NH2 B ARG A 42 ? 0.4325 0.5569 0.4802 0.0415  0.0539  -0.0700 42 ARG A NH2 
264 N N   . ASN A 43 ? 0.4928 0.6410 0.5623 -0.0120 -0.0371 -0.1304 43 ASN A N   
265 C CA  . ASN A 43 ? 0.5432 0.7197 0.5936 0.0099  -0.0340 -0.1236 43 ASN A CA  
266 C C   . ASN A 43 ? 0.5238 0.7122 0.5872 0.0033  -0.0443 -0.1393 43 ASN A C   
267 O O   . ASN A 43 ? 0.5020 0.6952 0.5500 0.0151  -0.0412 -0.1279 43 ASN A O   
268 C CB  . ASN A 43 ? 0.5821 0.8161 0.6185 0.0387  -0.0361 -0.1332 43 ASN A CB  
269 C CG  . ASN A 43 ? 0.6798 0.9552 0.6815 0.0807  -0.0281 -0.1179 43 ASN A CG  
270 O OD1 . ASN A 43 ? 0.8005 1.1546 0.7953 0.1097  -0.0414 -0.1438 43 ASN A OD1 
271 N ND2 . ASN A 43 ? 0.7520 0.9832 0.7363 0.0883  -0.0038 -0.0802 43 ASN A ND2 
272 N N   . GLN A 44 ? 0.4985 0.6862 0.5956 -0.0147 -0.0495 -0.1635 44 GLN A N   
273 C CA  . GLN A 44 ? 0.4929 0.6884 0.6170 -0.0224 -0.0488 -0.1821 44 GLN A CA  
274 C C   . GLN A 44 ? 0.4296 0.5724 0.5499 -0.0328 -0.0410 -0.1586 44 GLN A C   
275 O O   . GLN A 44 ? 0.4233 0.5659 0.5553 -0.0353 -0.0374 -0.1632 44 GLN A O   
276 C CB  . GLN A 44 ? 0.5284 0.7467 0.7089 -0.0349 -0.0428 -0.2239 44 GLN A CB  
277 C CG  . GLN A 44 ? 0.6112 0.7739 0.8174 -0.0503 -0.0233 -0.2139 44 GLN A CG  
278 C CD  . GLN A 44 ? 0.7330 0.9128 1.0141 -0.0640 -0.0028 -0.2593 44 GLN A CD  
279 O OE1 . GLN A 44 ? 0.8443 1.0102 1.1453 -0.0684 0.0082  -0.2635 44 GLN A OE1 
280 N NE2 . GLN A 44 ? 0.7384 0.9526 1.0711 -0.0714 0.0055  -0.2999 44 GLN A NE2 
281 N N   . TYR A 45 ? 0.3543 0.4632 0.4612 -0.0352 -0.0386 -0.1392 45 TYR A N   
282 C CA  . TYR A 45 ? 0.3370 0.4185 0.4301 -0.0332 -0.0360 -0.1203 45 TYR A CA  
283 C C   . TYR A 45 ? 0.2662 0.3505 0.3398 -0.0304 -0.0393 -0.1106 45 TYR A C   
284 O O   . TYR A 45 ? 0.2820 0.3572 0.3517 -0.0298 -0.0382 -0.1041 45 TYR A O   
285 C CB  . TYR A 45 ? 0.3360 0.4078 0.4210 -0.0274 -0.0365 -0.1140 45 TYR A CB  
286 C CG  . TYR A 45 ? 0.5257 0.5812 0.6152 -0.0136 -0.0227 -0.1035 45 TYR A CG  
287 C CD1 . TYR A 45 ? 0.5752 0.6134 0.6650 -0.0035 -0.0080 -0.0893 45 TYR A CD1 
288 C CD2 . TYR A 45 ? 0.6844 0.7400 0.7748 -0.0032 -0.0180 -0.1020 45 TYR A CD2 
289 C CE1 . TYR A 45 ? 0.6182 0.6350 0.7084 0.0218  0.0189  -0.0680 45 TYR A CE1 
290 C CE2 . TYR A 45 ? 0.7967 0.8342 0.8854 0.0226  0.0056  -0.0819 45 TYR A CE2 
291 C CZ  . TYR A 45 ? 0.7501 0.7661 0.8377 0.0379  0.0277  -0.0618 45 TYR A CZ  
292 O OH  . TYR A 45 ? 0.7607 0.7537 0.8430 0.0749  0.0636  -0.0313 45 TYR A OH  
293 N N   . GLU A 46 ? 0.2836 0.3770 0.3478 -0.0254 -0.0363 -0.1068 46 GLU A N   
294 C CA  . GLU A 46 ? 0.2810 0.3675 0.3338 -0.0177 -0.0246 -0.0919 46 GLU A CA  
295 C C   . GLU A 46 ? 0.2705 0.3760 0.3118 -0.0062 -0.0277 -0.0891 46 GLU A C   
296 O O   . GLU A 46 ? 0.2777 0.3701 0.3132 -0.0042 -0.0212 -0.0777 46 GLU A O   
297 C CB  . GLU A 46 ? 0.2764 0.3596 0.3266 -0.0078 -0.0052 -0.0813 46 GLU A CB  
298 C CG  . GLU A 46 ? 0.4495 0.5471 0.4759 0.0211  0.0112  -0.0603 46 GLU A CG  
299 C CD  . GLU A 46 ? 0.6246 0.7215 0.6429 0.0423  0.0377  -0.0428 46 GLU A CD  
300 O OE1 . GLU A 46 ? 0.5794 0.6908 0.5691 0.0809  0.0594  -0.0160 46 GLU A OE1 
301 O OE2 . GLU A 46 ? 0.6019 0.6879 0.6392 0.0272  0.0392  -0.0532 46 GLU A OE2 
302 N N   . TRP A 47 ? 0.2490 0.3937 0.2949 0.0009  -0.0379 -0.1076 47 TRP A N   
303 C CA  . TRP A 47 ? 0.2520 0.4335 0.2973 0.0131  -0.0434 -0.1191 47 TRP A CA  
304 C C   . TRP A 47 ? 0.2578 0.4211 0.3306 -0.0076 -0.0454 -0.1315 47 TRP A C   
305 O O   . TRP A 47 ? 0.2753 0.4440 0.3423 -0.0024 -0.0456 -0.1282 47 TRP A O   
306 C CB  . TRP A 47 ? 0.2852 0.5386 0.3382 0.0322  -0.0533 -0.1508 47 TRP A CB  
307 C CG  . TRP A 47 ? 0.3096 0.5955 0.3204 0.0729  -0.0460 -0.1295 47 TRP A CG  
308 C CD1 . TRP A 47 ? 0.2964 0.5916 0.2960 0.0855  -0.0411 -0.1238 47 TRP A CD1 
309 C CD2 . TRP A 47 ? 0.3627 0.6726 0.3344 0.1141  -0.0348 -0.1037 47 TRP A CD2 
310 N NE1 . TRP A 47 ? 0.3560 0.6771 0.3108 0.1349  -0.0232 -0.0926 47 TRP A NE1 
311 C CE2 . TRP A 47 ? 0.3751 0.7038 0.3107 0.1556  -0.0167 -0.0771 47 TRP A CE2 
312 C CE3 . TRP A 47 ? 0.3652 0.6784 0.3273 0.1237  -0.0333 -0.0957 47 TRP A CE3 
313 C CZ2 . TRP A 47 ? 0.4370 0.7881 0.3251 0.2136  0.0085  -0.0382 47 TRP A CZ2 
314 C CZ3 . TRP A 47 ? 0.4319 0.7692 0.3481 0.1768  -0.0136 -0.0613 47 TRP A CZ3 
315 C CH2 . TRP A 47 ? 0.4487 0.8042 0.3269 0.2246  0.0099  -0.0304 47 TRP A CH2 
316 N N   . LYS A 48 ? 0.2330 0.3716 0.3335 -0.0256 -0.0407 -0.1405 48 LYS A N   
317 C CA  . LYS A 48 ? 0.2443 0.3515 0.3651 -0.0358 -0.0290 -0.1373 48 LYS A CA  
318 C C   . LYS A 48 ? 0.2192 0.2952 0.3084 -0.0318 -0.0300 -0.1080 48 LYS A C   
319 O O   . LYS A 48 ? 0.2899 0.3548 0.3815 -0.0319 -0.0247 -0.1024 48 LYS A O   
320 C CB  . LYS A 48 ? 0.2835 0.3644 0.4343 -0.0427 -0.0110 -0.1403 48 LYS A CB  
321 C CG  . LYS A 48 ? 0.4072 0.4502 0.5845 -0.0430 0.0184  -0.1302 48 LYS A CG  
322 C CD  . LYS A 48 ? 0.6087 0.6654 0.8255 -0.0525 0.0293  -0.1538 48 LYS A CD  
323 C CE  . LYS A 48 ? 0.7081 0.7178 0.9314 -0.0455 0.0601  -0.1270 48 LYS A CE  
324 N NZ  . LYS A 48 ? 0.7278 0.7504 0.9489 -0.0488 0.0525  -0.1321 48 LYS A NZ  
325 N N   . LEU A 49 ? 0.1671 0.2353 0.2347 -0.0285 -0.0349 -0.0960 49 LEU A N   
326 C CA  . LEU A 49 ? 0.2202 0.2754 0.2742 -0.0259 -0.0352 -0.0847 49 LEU A CA  
327 C C   . LEU A 49 ? 0.2354 0.2947 0.2816 -0.0237 -0.0334 -0.0792 49 LEU A C   
328 O O   . LEU A 49 ? 0.2135 0.2650 0.2566 -0.0233 -0.0326 -0.0741 49 LEU A O   
329 C CB  . LEU A 49 ? 0.1469 0.2039 0.2013 -0.0265 -0.0355 -0.0892 49 LEU A CB  
330 C CG  . LEU A 49 ? 0.2575 0.3172 0.3174 -0.0261 -0.0336 -0.0960 49 LEU A CG  
331 C CD1 . LEU A 49 ? 0.2946 0.3661 0.3441 -0.0114 -0.0414 -0.0967 49 LEU A CD1 
332 C CD2 . LEU A 49 ? 0.1920 0.2594 0.2740 -0.0320 -0.0266 -0.1135 49 LEU A CD2 
333 N N   . LYS A 50 ? 0.2515 0.3275 0.2910 -0.0154 -0.0305 -0.0776 50 LYS A N   
334 C CA  . LYS A 50 ? 0.2598 0.3462 0.2847 -0.0006 -0.0243 -0.0667 50 LYS A CA  
335 C C   . LYS A 50 ? 0.2320 0.3359 0.2643 -0.0023 -0.0336 -0.0788 50 LYS A C   
336 O O   . LYS A 50 ? 0.2050 0.3011 0.2302 0.0006  -0.0306 -0.0696 50 LYS A O   
337 C CB  . LYS A 50 ? 0.3147 0.4336 0.3225 0.0251  -0.0184 -0.0614 50 LYS A CB  
338 C CG  . LYS A 50 ? 0.4774 0.5760 0.4684 0.0462  0.0106  -0.0302 50 LYS A CG  
339 C CD  . LYS A 50 ? 0.4330 0.5511 0.4019 0.0736  0.0173  -0.0156 50 LYS A CD  
340 C CE  . LYS A 50 ? 0.5299 0.7011 0.4646 0.1232  0.0251  -0.0033 50 LYS A CE  
341 N NZ  . LYS A 50 ? 0.5022 0.6763 0.4069 0.1655  0.0526  0.0313  50 LYS A NZ  
342 N N   . ALA A 51 ? 0.2212 0.3501 0.2776 -0.0081 -0.0400 -0.1045 51 ALA A N   
343 C CA  . ALA A 51 ? 0.1959 0.3426 0.2801 -0.0138 -0.0399 -0.1264 51 ALA A CA  
344 C C   . ALA A 51 ? 0.1790 0.2781 0.2664 -0.0254 -0.0304 -0.1093 51 ALA A C   
345 O O   . ALA A 51 ? 0.1466 0.2471 0.2370 -0.0250 -0.0285 -0.1094 51 ALA A O   
346 C CB  . ALA A 51 ? 0.1436 0.3226 0.2769 -0.0229 -0.0371 -0.1671 51 ALA A CB  
347 N N   . THR A 52 ? 0.1678 0.2324 0.2496 -0.0290 -0.0247 -0.0937 52 THR A N   
348 C CA  . THR A 52 ? 0.1862 0.2221 0.2631 -0.0259 -0.0148 -0.0770 52 THR A CA  
349 C C   . THR A 52 ? 0.1641 0.1994 0.2152 -0.0216 -0.0240 -0.0655 52 THR A C   
350 O O   . THR A 52 ? 0.1576 0.1845 0.2069 -0.0190 -0.0194 -0.0589 52 THR A O   
351 C CB  . THR A 52 ? 0.2843 0.3031 0.3532 -0.0160 -0.0074 -0.0643 52 THR A CB  
352 O OG1 . THR A 52 ? 0.2367 0.2522 0.3374 -0.0222 0.0064  -0.0762 52 THR A OG1 
353 C CG2 . THR A 52 ? 0.2248 0.2264 0.2800 0.0043  0.0075  -0.0425 52 THR A CG2 
354 N N   . LYS A 53 ? 0.1546 0.1965 0.1936 -0.0211 -0.0302 -0.0646 53 LYS A N   
355 C CA  . LYS A 53 ? 0.1732 0.2101 0.2041 -0.0193 -0.0278 -0.0583 53 LYS A CA  
356 C C   . LYS A 53 ? 0.1477 0.1921 0.1726 -0.0139 -0.0259 -0.0528 53 LYS A C   
357 O O   . LYS A 53 ? 0.1509 0.1863 0.1725 -0.0129 -0.0219 -0.0465 53 LYS A O   
358 C CB  . LYS A 53 ? 0.2594 0.2923 0.2958 -0.0200 -0.0181 -0.0589 53 LYS A CB  
359 C CG  . LYS A 53 ? 0.1683 0.2049 0.2235 -0.0260 -0.0177 -0.0772 53 LYS A CG  
360 C CD  . LYS A 53 ? 0.2248 0.2540 0.3010 -0.0305 0.0011  -0.0821 53 LYS A CD  
361 C CE  . LYS A 53 ? 0.3464 0.3935 0.4555 -0.0383 0.0017  -0.1144 53 LYS A CE  
362 N NZ  . LYS A 53 ? 0.2955 0.3260 0.4443 -0.0468 0.0351  -0.1219 53 LYS A NZ  
363 N N   . ALA A 54 ? 0.1574 0.2289 0.1844 -0.0075 -0.0297 -0.0615 54 ALA A N   
364 C CA  . ALA A 54 ? 0.1524 0.2512 0.1755 0.0045  -0.0315 -0.0652 54 ALA A CA  
365 C C   . ALA A 54 ? 0.1449 0.2356 0.1885 -0.0083 -0.0315 -0.0752 54 ALA A C   
366 O O   . ALA A 54 ? 0.1472 0.2428 0.1861 -0.0036 -0.0313 -0.0722 54 ALA A O   
367 C CB  . ALA A 54 ? 0.1665 0.3241 0.1938 0.0213  -0.0389 -0.0877 54 ALA A CB  
368 N N   . GLU A 55 ? 0.1425 0.2163 0.2096 -0.0209 -0.0253 -0.0828 55 GLU A N   
369 C CA  . GLU A 55 ? 0.1496 0.2029 0.2379 -0.0271 -0.0112 -0.0827 55 GLU A CA  
370 C C   . GLU A 55 ? 0.1526 0.1807 0.2115 -0.0206 -0.0118 -0.0577 55 GLU A C   
371 O O   . GLU A 55 ? 0.1554 0.1799 0.2167 -0.0199 -0.0075 -0.0549 55 GLU A O   
372 C CB  . GLU A 55 ? 0.1601 0.1926 0.2818 -0.0327 0.0107  -0.0875 55 GLU A CB  
373 C CG  . GLU A 55 ? 0.3206 0.3195 0.4662 -0.0305 0.0424  -0.0763 55 GLU A CG  
374 C CD  . GLU A 55 ? 0.4862 0.4580 0.6822 -0.0329 0.0825  -0.0807 55 GLU A CD  
375 O OE1 . GLU A 55 ? 0.5836 0.5261 0.8214 -0.0327 0.1236  -0.0776 55 GLU A OE1 
376 O OE2 . GLU A 55 ? 0.4164 0.3922 0.6150 -0.0343 0.0792  -0.0862 55 GLU A OE2 
377 N N   . VAL A 56 ? 0.1532 0.1736 0.1904 -0.0151 -0.0177 -0.0470 56 VAL A N   
378 C CA  . VAL A 56 ? 0.1562 0.1738 0.1764 -0.0079 -0.0212 -0.0395 56 VAL A CA  
379 C C   . VAL A 56 ? 0.1655 0.1856 0.1832 -0.0117 -0.0233 -0.0392 56 VAL A C   
380 O O   . VAL A 56 ? 0.1948 0.2115 0.2086 -0.0086 -0.0218 -0.0350 56 VAL A O   
381 C CB  . VAL A 56 ? 0.1613 0.1905 0.1773 -0.0041 -0.0278 -0.0481 56 VAL A CB  
382 C CG1 . VAL A 56 ? 0.1598 0.2052 0.1761 0.0020  -0.0311 -0.0594 56 VAL A CG1 
383 C CG2 . VAL A 56 ? 0.1934 0.2264 0.2040 0.0091  -0.0255 -0.0446 56 VAL A CG2 
384 N N   . ALA A 57 ? 0.1654 0.1924 0.1824 -0.0119 -0.0225 -0.0394 57 ALA A N   
385 C CA  . ALA A 57 ? 0.1586 0.1847 0.1690 -0.0052 -0.0154 -0.0307 57 ALA A CA  
386 C C   . ALA A 57 ? 0.1758 0.2159 0.1850 -0.0017 -0.0200 -0.0327 57 ALA A C   
387 O O   . ALA A 57 ? 0.1684 0.2018 0.1729 0.0012  -0.0163 -0.0257 57 ALA A O   
388 C CB  . ALA A 57 ? 0.1737 0.2059 0.1759 0.0092  -0.0035 -0.0203 57 ALA A CB  
389 N N   . GLN A 58 ? 0.1786 0.2424 0.2020 -0.0031 -0.0253 -0.0490 58 GLN A N   
390 C CA  . GLN A 58 ? 0.1830 0.2677 0.2233 -0.0033 -0.0257 -0.0637 58 GLN A CA  
391 C C   . GLN A 58 ? 0.1508 0.2027 0.1975 -0.0125 -0.0171 -0.0546 58 GLN A C   
392 O O   . GLN A 58 ? 0.1617 0.2167 0.2085 -0.0107 -0.0160 -0.0540 58 GLN A O   
393 C CB  . GLN A 58 ? 0.2132 0.3353 0.2940 -0.0091 -0.0254 -0.0998 58 GLN A CB  
394 C CG  . GLN A 58 ? 0.3745 0.5620 0.4772 0.0019  -0.0321 -0.1348 58 GLN A CG  
395 C CD  . GLN A 58 ? 0.4513 0.6304 0.5688 -0.0042 -0.0252 -0.1373 58 GLN A CD  
396 O OE1 . GLN A 58 ? 0.6744 0.8347 0.8403 -0.0239 -0.0063 -0.1541 58 GLN A OE1 
397 N NE2 . GLN A 58 ? 0.3237 0.5176 0.4049 0.0159  -0.0340 -0.1207 58 GLN A NE2 
398 N N   . LEU A 59 ? 0.1556 0.1813 0.2039 -0.0156 -0.0091 -0.0457 59 LEU A N   
399 C CA  . LEU A 59 ? 0.1700 0.1729 0.2123 -0.0094 0.0025  -0.0302 59 LEU A CA  
400 C C   . LEU A 59 ? 0.1974 0.2011 0.2141 -0.0026 -0.0074 -0.0212 59 LEU A C   
401 O O   . LEU A 59 ? 0.1974 0.1949 0.2109 0.0032  -0.0008 -0.0138 59 LEU A O   
402 C CB  . LEU A 59 ? 0.1867 0.1712 0.2280 0.0023  0.0188  -0.0169 59 LEU A CB  
403 C CG  . LEU A 59 ? 0.1991 0.1698 0.2858 -0.0060 0.0463  -0.0260 59 LEU A CG  
404 C CD1 . LEU A 59 ? 0.2183 0.1731 0.2953 0.0095  0.0597  -0.0095 59 LEU A CD1 
405 C CD2 . LEU A 59 ? 0.2237 0.1738 0.3489 -0.0076 0.0807  -0.0259 59 LEU A CD2 
406 N N   . GLN A 60 ? 0.2170 0.2278 0.2250 -0.0043 -0.0171 -0.0253 60 GLN A N   
407 C CA  A GLN A 60 ? 0.2610 0.2743 0.2657 -0.0025 -0.0185 -0.0286 60 GLN A CA  
408 C CA  B GLN A 60 ? 0.2458 0.2592 0.2501 -0.0021 -0.0185 -0.0282 60 GLN A CA  
409 C C   . GLN A 60 ? 0.2595 0.2688 0.2635 -0.0038 -0.0152 -0.0220 60 GLN A C   
410 O O   . GLN A 60 ? 0.1725 0.1802 0.1755 -0.0020 -0.0135 -0.0215 60 GLN A O   
411 C CB  A GLN A 60 ? 0.2394 0.2546 0.2580 -0.0080 -0.0145 -0.0402 60 GLN A CB  
412 C CB  B GLN A 60 ? 0.2132 0.2302 0.2312 -0.0071 -0.0157 -0.0413 60 GLN A CB  
413 C CG  A GLN A 60 ? 0.3497 0.3641 0.3925 -0.0123 -0.0020 -0.0546 60 GLN A CG  
414 C CG  B GLN A 60 ? 0.2647 0.2996 0.2853 -0.0025 -0.0225 -0.0555 60 GLN A CG  
415 C CD  A GLN A 60 ? 0.3395 0.3449 0.4200 -0.0213 0.0209  -0.0697 60 GLN A CD  
416 C CD  B GLN A 60 ? 0.2591 0.3019 0.3087 -0.0114 -0.0157 -0.0785 60 GLN A CD  
417 O OE1 A GLN A 60 ? 0.2691 0.2625 0.3469 -0.0207 0.0289  -0.0584 60 GLN A OE1 
418 O OE1 B GLN A 60 ? 0.2615 0.2822 0.3234 -0.0196 0.0003  -0.0707 60 GLN A OE1 
419 N NE2 A GLN A 60 ? 0.2648 0.2775 0.3899 -0.0293 0.0371  -0.0995 60 GLN A NE2 
420 N NE2 B GLN A 60 ? 0.2742 0.3559 0.3365 -0.0034 -0.0241 -0.1083 60 GLN A NE2 
421 N N   . GLU A 61 ? 0.2224 0.2411 0.2267 -0.0021 -0.0152 -0.0207 61 GLU A N   
422 C CA  . GLU A 61 ? 0.1781 0.2096 0.1779 0.0065  -0.0139 -0.0175 61 GLU A CA  
423 C C   . GLU A 61 ? 0.1593 0.1939 0.1700 0.0011  -0.0153 -0.0245 61 GLU A C   
424 O O   . GLU A 61 ? 0.1876 0.2222 0.1931 0.0054  -0.0139 -0.0197 61 GLU A O   
425 C CB  . GLU A 61 ? 0.1781 0.2455 0.1710 0.0242  -0.0158 -0.0210 61 GLU A CB  
426 C CG  . GLU A 61 ? 0.1984 0.2991 0.1871 0.0403  -0.0185 -0.0259 61 GLU A CG  
427 C CD  . GLU A 61 ? 0.4823 0.6492 0.4657 0.0680  -0.0263 -0.0429 61 GLU A CD  
428 O OE1 . GLU A 61 ? 0.5659 0.7548 0.5601 0.0659  -0.0325 -0.0601 61 GLU A OE1 
429 O OE2 . GLU A 61 ? 0.5169 0.7232 0.4852 0.0961  -0.0270 -0.0423 61 GLU A OE2 
430 N N   . GLN A 62 ? 0.1715 0.2039 0.2025 -0.0067 -0.0107 -0.0341 62 GLN A N   
431 C CA  A GLN A 62 ? 0.1703 0.1946 0.2227 -0.0109 0.0025  -0.0376 62 GLN A CA  
432 C CA  B GLN A 62 ? 0.1667 0.1917 0.2184 -0.0106 0.0020  -0.0376 62 GLN A CA  
433 C C   . GLN A 62 ? 0.1809 0.1824 0.2102 -0.0028 0.0062  -0.0166 62 GLN A C   
434 O O   . GLN A 62 ? 0.1787 0.1781 0.2114 -0.0017 0.0114  -0.0145 62 GLN A O   
435 C CB  A GLN A 62 ? 0.1970 0.2096 0.2864 -0.0177 0.0240  -0.0469 62 GLN A CB  
436 C CB  B GLN A 62 ? 0.1881 0.2053 0.2809 -0.0187 0.0232  -0.0505 62 GLN A CB  
437 C CG  A GLN A 62 ? 0.2041 0.2540 0.3384 -0.0284 0.0238  -0.0856 62 GLN A CG  
438 C CG  B GLN A 62 ? 0.1821 0.2431 0.3187 -0.0280 0.0207  -0.0915 62 GLN A CG  
439 C CD  A GLN A 62 ? 0.2745 0.3015 0.4565 -0.0378 0.0551  -0.0949 62 GLN A CD  
440 C CD  B GLN A 62 ? 0.1576 0.2659 0.3099 -0.0253 0.0111  -0.1184 62 GLN A CD  
441 O OE1 A GLN A 62 ? 0.3241 0.3091 0.5221 -0.0349 0.0892  -0.0758 62 GLN A OE1 
442 O OE1 B GLN A 62 ? 0.1794 0.3372 0.3117 -0.0098 -0.0104 -0.1299 62 GLN A OE1 
443 N NE2 A GLN A 62 ? 0.2817 0.3343 0.4866 -0.0442 0.0499  -0.1205 62 GLN A NE2 
444 N NE2 B GLN A 62 ? 0.1826 0.2795 0.3689 -0.0335 0.0308  -0.1265 62 GLN A NE2 
445 N N   . VAL A 63 ? 0.1813 0.1774 0.1895 0.0061  0.0019  -0.0073 63 VAL A N   
446 C CA  . VAL A 63 ? 0.1877 0.1872 0.1757 0.0221  0.0016  0.0007  63 VAL A CA  
447 C C   . VAL A 63 ? 0.1785 0.1844 0.1659 0.0161  -0.0066 -0.0060 63 VAL A C   
448 O O   . VAL A 63 ? 0.2245 0.2311 0.2062 0.0235  -0.0032 -0.0013 63 VAL A O   
449 C CB  . VAL A 63 ? 0.2128 0.2330 0.1857 0.0386  -0.0060 -0.0047 63 VAL A CB  
450 C CG1 . VAL A 63 ? 0.2052 0.2587 0.1639 0.0602  -0.0128 -0.0142 63 VAL A CG1 
451 C CG2 . VAL A 63 ? 0.2990 0.3097 0.2665 0.0539  0.0087  0.0106  63 VAL A CG2 
452 N N   . ALA A 64 ? 0.1750 0.1815 0.1693 0.0063  -0.0109 -0.0133 64 ALA A N   
453 C CA  . ALA A 64 ? 0.1707 0.1748 0.1703 0.0043  -0.0070 -0.0155 64 ALA A CA  
454 C C   . ALA A 64 ? 0.1886 0.1915 0.1834 0.0065  -0.0057 -0.0060 64 ALA A C   
455 O O   . ALA A 64 ? 0.1741 0.1747 0.1688 0.0084  -0.0027 -0.0049 64 ALA A O   
456 C CB  . ALA A 64 ? 0.1757 0.1712 0.1857 0.0018  0.0036  -0.0151 64 ALA A CB  
457 N N   . LEU A 65 ? 0.1732 0.1865 0.1717 0.0061  -0.0078 -0.0077 65 LEU A N   
458 C CA  . LEU A 65 ? 0.1872 0.2177 0.1944 0.0084  -0.0077 -0.0138 65 LEU A CA  
459 C C   . LEU A 65 ? 0.2110 0.2266 0.2263 0.0042  0.0005  -0.0113 65 LEU A C   
460 O O   . LEU A 65 ? 0.2032 0.2218 0.2184 0.0062  0.0016  -0.0104 65 LEU A O   
461 C CB  . LEU A 65 ? 0.1761 0.2390 0.2047 0.0076  -0.0105 -0.0353 65 LEU A CB  
462 C CG  . LEU A 65 ? 0.2103 0.3098 0.2256 0.0257  -0.0184 -0.0394 65 LEU A CG  
463 C CD1 . LEU A 65 ? 0.1729 0.3312 0.2221 0.0273  -0.0251 -0.0800 65 LEU A CD1 
464 C CD2 . LEU A 65 ? 0.2166 0.3286 0.2082 0.0484  -0.0164 -0.0250 65 LEU A CD2 
465 N N   . LYS A 66 ? 0.1785 0.1777 0.1959 0.0050  0.0102  -0.0048 66 LYS A N   
466 C CA  . LYS A 66 ? 0.1956 0.1793 0.2134 0.0139  0.0275  0.0075  66 LYS A CA  
467 C C   . LYS A 66 ? 0.2146 0.2040 0.2043 0.0271  0.0188  0.0155  66 LYS A C   
468 O O   . LYS A 66 ? 0.2085 0.1934 0.1979 0.0327  0.0281  0.0223  66 LYS A O   
469 C CB  . LYS A 66 ? 0.2292 0.1942 0.2546 0.0237  0.0512  0.0198  66 LYS A CB  
470 C CG  . LYS A 66 ? 0.2350 0.1929 0.3172 0.0058  0.0754  0.0012  66 LYS A CG  
471 C CD  . LYS A 66 ? 0.3606 0.3087 0.4673 0.0019  0.0912  -0.0039 66 LYS A CD  
472 C CE  . LYS A 66 ? 0.3868 0.3341 0.5767 -0.0189 0.1261  -0.0377 66 LYS A CE  
473 N NZ  . LYS A 66 ? 0.4474 0.4173 0.6667 -0.0326 0.1186  -0.0674 66 LYS A NZ  
474 N N   . ASP A 67 ? 0.1931 0.1970 0.1700 0.0299  0.0038  0.0071  67 ASP A N   
475 C CA  . ASP A 67 ? 0.2509 0.2742 0.2219 0.0372  -0.0039 -0.0043 67 ASP A CA  
476 C C   . ASP A 67 ? 0.2094 0.2234 0.1899 0.0257  -0.0031 -0.0054 67 ASP A C   
477 O O   . ASP A 67 ? 0.2157 0.2372 0.1922 0.0328  -0.0024 -0.0067 67 ASP A O   
478 C CB  . ASP A 67 ? 0.2111 0.2570 0.1939 0.0352  -0.0126 -0.0295 67 ASP A CB  
479 C CG  . ASP A 67 ? 0.2998 0.3745 0.2674 0.0576  -0.0172 -0.0338 67 ASP A CG  
480 O OD1 . ASP A 67 ? 0.3687 0.4584 0.3114 0.0862  -0.0127 -0.0203 67 ASP A OD1 
481 O OD2 . ASP A 67 ? 0.4898 0.5708 0.4667 0.0522  -0.0212 -0.0454 67 ASP A OD2 
482 N N   . ALA A 68 ? 0.2393 0.2425 0.2278 0.0153  -0.0016 -0.0022 68 ALA A N   
483 C CA  . ALA A 68 ? 0.2212 0.2214 0.2118 0.0154  0.0024  0.0022  68 ALA A CA  
484 C C   . ALA A 68 ? 0.2032 0.2071 0.1931 0.0170  0.0029  0.0055  68 ALA A C   
485 O O   . ALA A 68 ? 0.1947 0.1989 0.1836 0.0196  0.0048  0.0075  68 ALA A O   
486 C CB  . ALA A 68 ? 0.1851 0.1883 0.1737 0.0208  0.0062  0.0087  68 ALA A CB  
487 N N   . GLU A 69 ? 0.2233 0.2276 0.2228 0.0142  0.0072  0.0041  69 GLU A N   
488 C CA  . GLU A 69 ? 0.2519 0.2553 0.2690 0.0125  0.0192  0.0020  69 GLU A CA  
489 C C   . GLU A 69 ? 0.2484 0.2373 0.2506 0.0248  0.0301  0.0178  69 GLU A C   
490 O O   . GLU A 69 ? 0.2353 0.2232 0.2414 0.0261  0.0360  0.0196  69 GLU A O   
491 C CB  . GLU A 69 ? 0.2611 0.2689 0.3162 0.0030  0.0332  -0.0136 69 GLU A CB  
492 C CG  . GLU A 69 ? 0.3219 0.3248 0.4199 -0.0033 0.0599  -0.0244 69 GLU A CG  
493 C CD  . GLU A 69 ? 0.3967 0.4380 0.5129 -0.0071 0.0481  -0.0504 69 GLU A CD  
494 O OE1 . GLU A 69 ? 0.4397 0.4877 0.6042 -0.0158 0.0694  -0.0714 69 GLU A OE1 
495 O OE2 . GLU A 69 ? 0.4102 0.4770 0.4955 0.0024  0.0226  -0.0498 69 GLU A OE2 
496 N N   . ILE A 70 ? 0.2539 0.2425 0.2357 0.0398  0.0308  0.0273  70 ILE A N   
497 C CA  . ILE A 70 ? 0.2659 0.2637 0.2232 0.0664  0.0372  0.0395  70 ILE A CA  
498 C C   . ILE A 70 ? 0.2726 0.2912 0.2246 0.0646  0.0199  0.0241  70 ILE A C   
499 O O   . ILE A 70 ? 0.2714 0.2950 0.2143 0.0775  0.0261  0.0306  70 ILE A O   
500 C CB  . ILE A 70 ? 0.2844 0.3014 0.2173 0.0943  0.0375  0.0453  70 ILE A CB  
501 C CG1 . ILE A 70 ? 0.3375 0.3258 0.2752 0.1055  0.0679  0.0696  70 ILE A CG1 
502 C CG2 . ILE A 70 ? 0.3082 0.3644 0.2104 0.1323  0.0351  0.0466  70 ILE A CG2 
503 C CD1 . ILE A 70 ? 0.2925 0.3001 0.2093 0.1275  0.0635  0.0722  70 ILE A CD1 
504 N N   . GLU A 71 ? 0.2378 0.2641 0.2012 0.0492  0.0056  0.0046  71 GLU A N   
505 C CA  . GLU A 71 ? 0.2492 0.2855 0.2243 0.0439  0.0013  -0.0120 71 GLU A CA  
506 C C   . GLU A 71 ? 0.2565 0.2749 0.2339 0.0369  0.0068  0.0000  71 GLU A C   
507 O O   . GLU A 71 ? 0.2496 0.2754 0.2273 0.0412  0.0076  -0.0045 71 GLU A O   
508 C CB  . GLU A 71 ? 0.2936 0.3256 0.2948 0.0287  0.0031  -0.0296 71 GLU A CB  
509 C CG  . GLU A 71 ? 0.3916 0.4571 0.4111 0.0321  -0.0015 -0.0625 71 GLU A CG  
510 C CD  . GLU A 71 ? 0.5198 0.5695 0.5589 0.0185  0.0053  -0.0669 71 GLU A CD  
511 O OE1 . GLU A 71 ? 0.6757 0.6899 0.7186 0.0097  0.0187  -0.0470 71 GLU A OE1 
512 O OE2 . GLU A 71 ? 0.5602 0.6386 0.6076 0.0228  -0.0018 -0.0895 71 GLU A OE2 
513 N N   . ARG A 72 ? 0.2129 0.2181 0.1945 0.0287  0.0095  0.0096  72 ARG A N   
514 C CA  . ARG A 72 ? 0.1917 0.1969 0.1784 0.0271  0.0121  0.0125  72 ARG A CA  
515 C C   . ARG A 72 ? 0.2622 0.2649 0.2484 0.0322  0.0208  0.0179  72 ARG A C   
516 O O   . ARG A 72 ? 0.2705 0.2756 0.2557 0.0341  0.0210  0.0180  72 ARG A O   
517 C CB  . ARG A 72 ? 0.2210 0.2386 0.2182 0.0245  0.0103  0.0075  72 ARG A CB  
518 C CG  . ARG A 72 ? 0.2203 0.2594 0.2264 0.0290  0.0098  0.0002  72 ARG A CG  
519 C CD  . ARG A 72 ? 0.2533 0.3331 0.2744 0.0345  0.0039  -0.0195 72 ARG A CD  
520 N NE  . ARG A 72 ? 0.3263 0.4128 0.3877 0.0187  0.0129  -0.0423 72 ARG A NE  
521 C CZ  . ARG A 72 ? 0.3137 0.4087 0.4115 0.0104  0.0257  -0.0605 72 ARG A CZ  
522 N NH1 . ARG A 72 ? 0.2422 0.3470 0.3314 0.0175  0.0219  -0.0585 72 ARG A NH1 
523 N NH2 . ARG A 72 ? 0.3499 0.4403 0.5013 -0.0054 0.0493  -0.0821 72 ARG A NH2 
524 N N   . LEU A 73 ? 0.2917 0.2857 0.2805 0.0375  0.0345  0.0261  73 LEU A N   
525 C CA  . LEU A 73 ? 0.2697 0.2520 0.2589 0.0512  0.0583  0.0413  73 LEU A CA  
526 C C   . LEU A 73 ? 0.2877 0.2863 0.2448 0.0753  0.0531  0.0488  73 LEU A C   
527 O O   . LEU A 73 ? 0.3340 0.3304 0.2891 0.0832  0.0636  0.0562  73 LEU A O   
528 C CB  . LEU A 73 ? 0.2804 0.2415 0.2809 0.0610  0.0889  0.0569  73 LEU A CB  
529 C CG  . LEU A 73 ? 0.2887 0.2418 0.3374 0.0368  0.1002  0.0384  73 LEU A CG  
530 C CD1 . LEU A 73 ? 0.2860 0.2094 0.3533 0.0476  0.1403  0.0553  73 LEU A CD1 
531 C CD2 . LEU A 73 ? 0.2758 0.2382 0.3692 0.0185  0.1078  0.0142  73 LEU A CD2 
532 N N   . HIS A 74 ? 0.3227 0.3470 0.2601 0.0888  0.0378  0.0402  74 HIS A N   
533 C CA  . HIS A 74 ? 0.3505 0.4148 0.2692 0.1125  0.0276  0.0281  74 HIS A CA  
534 C C   . HIS A 74 ? 0.4056 0.4751 0.3408 0.0955  0.0173  0.0088  74 HIS A C   
535 O O   . HIS A 74 ? 0.4738 0.5689 0.3972 0.1154  0.0174  0.0050  74 HIS A O   
536 C CB  . HIS A 74 ? 0.3967 0.5062 0.3089 0.1276  0.0114  0.0035  74 HIS A CB  
537 C CG  . HIS A 74 ? 0.5254 0.6508 0.4043 0.1683  0.0236  0.0259  74 HIS A CG  
538 N ND1 . HIS A 74 ? 0.6490 0.8042 0.5239 0.1785  0.0125  0.0106  74 HIS A ND1 
539 C CD2 . HIS A 74 ? 0.7164 0.8302 0.5656 0.2072  0.0535  0.0665  74 HIS A CD2 
540 C CE1 . HIS A 74 ? 0.7162 0.8804 0.5545 0.2247  0.0320  0.0424  74 HIS A CE1 
541 N NE2 . HIS A 74 ? 0.7641 0.8993 0.5867 0.2446  0.0615  0.0798  74 HIS A NE2 
542 N N   . SER A 75 ? 0.4072 0.4561 0.3669 0.0666  0.0124  -0.0007 75 SER A N   
543 C CA  . SER A 75 ? 0.4308 0.4745 0.4057 0.0559  0.0129  -0.0087 75 SER A CA  
544 C C   . SER A 75 ? 0.4473 0.4799 0.4136 0.0595  0.0202  0.0089  75 SER A C   
545 O O   . SER A 75 ? 0.4314 0.4743 0.3973 0.0652  0.0203  0.0034  75 SER A O   
546 C CB  . SER A 75 ? 0.4024 0.4226 0.3952 0.0389  0.0173  -0.0072 75 SER A CB  
547 O OG  . SER A 75 ? 0.5249 0.5491 0.5375 0.0336  0.0200  -0.0258 75 SER A OG  
548 N N   . GLN A 76 ? 0.4649 0.4796 0.4342 0.0543  0.0289  0.0237  76 GLN A N   
549 C CA  . GLN A 76 ? 0.4664 0.4724 0.4445 0.0543  0.0426  0.0319  76 GLN A CA  
550 C C   . GLN A 76 ? 0.5298 0.5375 0.4891 0.0793  0.0587  0.0480  76 GLN A C   
551 O O   . GLN A 76 ? 0.5211 0.5341 0.4755 0.0868  0.0621  0.0502  76 GLN A O   
552 C CB  . GLN A 76 ? 0.4675 0.4635 0.4735 0.0426  0.0563  0.0297  76 GLN A CB  
553 C CG  . GLN A 76 ? 0.4806 0.4937 0.5029 0.0296  0.0419  0.0115  76 GLN A CG  
554 C CD  . GLN A 76 ? 0.4754 0.4987 0.5435 0.0182  0.0572  -0.0087 76 GLN A CD  
555 O OE1 . GLN A 76 ? 0.6099 0.6135 0.7058 0.0155  0.0871  -0.0060 76 GLN A OE1 
556 N NE2 . GLN A 76 ? 0.5347 0.5930 0.6166 0.0155  0.0428  -0.0318 76 GLN A NE2 
557 N N   . LEU A 77 ? 0.5891 0.5952 0.5338 0.0992  0.0721  0.0628  77 LEU A N   
558 C CA  A LEU A 77 ? 0.6563 0.6699 0.5715 0.1414  0.0956  0.0884  77 LEU A CA  
559 C CA  B LEU A 77 ? 0.6471 0.6567 0.5661 0.1382  0.0974  0.0886  77 LEU A CA  
560 C C   . LEU A 77 ? 0.6946 0.7532 0.5843 0.1625  0.0759  0.0747  77 LEU A C   
561 O O   . LEU A 77 ? 0.7289 0.7963 0.5978 0.1943  0.0940  0.0933  77 LEU A O   
562 C CB  A LEU A 77 ? 0.6834 0.7045 0.5746 0.1719  0.1068  0.1050  77 LEU A CB  
563 C CB  B LEU A 77 ? 0.6756 0.6757 0.5795 0.1674  0.1236  0.1145  77 LEU A CB  
564 C CG  A LEU A 77 ? 0.7006 0.7790 0.5410 0.2298  0.1019  0.1111  77 LEU A CG  
565 C CG  B LEU A 77 ? 0.6313 0.5809 0.5818 0.1438  0.1590  0.1237  77 LEU A CG  
566 C CD1 A LEU A 77 ? 0.7004 0.7703 0.5184 0.2678  0.1313  0.1441  77 LEU A CD1 
567 C CD1 B LEU A 77 ? 0.6088 0.5451 0.5445 0.1749  0.1884  0.1513  77 LEU A CD1 
568 C CD2 A LEU A 77 ? 0.6262 0.7653 0.4679 0.2208  0.0559  0.0613  77 LEU A CD2 
569 C CD2 B LEU A 77 ? 0.6949 0.6103 0.6846 0.1377  0.2017  0.1339  77 LEU A CD2 
570 N N   . SER A 78 ? 0.6969 0.7868 0.5951 0.1470  0.0439  0.0386  78 SER A N   
571 C CA  . SER A 78 ? 0.7395 0.8837 0.6318 0.1646  0.0277  0.0095  78 SER A CA  
572 C C   . SER A 78 ? 0.7628 0.8932 0.6761 0.1420  0.0250  -0.0004 78 SER A C   
573 O O   . SER A 78 ? 0.8006 0.9769 0.7173 0.1550  0.0150  -0.0289 78 SER A O   
574 C CB  . SER A 78 ? 0.7313 0.9252 0.6416 0.1625  0.0056  -0.0364 78 SER A CB  
575 O OG  . SER A 78 ? 0.7055 0.8638 0.6560 0.1184  0.0021  -0.0516 78 SER A OG  
576 N N   . ARG A 79 ? 0.7418 0.8219 0.6715 0.1135  0.0342  0.0173  79 ARG A N   
577 C CA  A ARG A 79 ? 0.7279 0.7979 0.6725 0.0988  0.0335  0.0121  79 ARG A CA  
578 C CA  B ARG A 79 ? 0.7242 0.7948 0.6687 0.0992  0.0334  0.0120  79 ARG A CA  
579 C C   . ARG A 79 ? 0.7520 0.8311 0.6782 0.1227  0.0461  0.0271  79 ARG A C   
580 O O   . ARG A 79 ? 0.7919 0.8627 0.6990 0.1466  0.0680  0.0547  79 ARG A O   
581 C CB  A ARG A 79 ? 0.7049 0.7405 0.6691 0.0729  0.0369  0.0207  79 ARG A CB  
582 C CB  B ARG A 79 ? 0.6991 0.7354 0.6633 0.0731  0.0365  0.0200  79 ARG A CB  
583 C CG  A ARG A 79 ? 0.6165 0.6453 0.5954 0.0576  0.0288  0.0098  79 ARG A CG  
584 C CG  B ARG A 79 ? 0.6537 0.6725 0.6266 0.0709  0.0543  0.0357  79 ARG A CG  
585 C CD  A ARG A 79 ? 0.4945 0.5129 0.4807 0.0487  0.0298  0.0178  79 ARG A CD  
586 C CD  B ARG A 79 ? 0.5246 0.5406 0.5224 0.0519  0.0504  0.0260  79 ARG A CD  
587 N NE  A ARG A 79 ? 0.3934 0.4072 0.3819 0.0458  0.0271  0.0164  79 ARG A NE  
588 N NE  B ARG A 79 ? 0.4974 0.5065 0.5239 0.0452  0.0702  0.0241  79 ARG A NE  
589 C CZ  A ARG A 79 ? 0.4963 0.5162 0.4865 0.0458  0.0249  0.0187  79 ARG A CZ  
590 C CZ  B ARG A 79 ? 0.4678 0.4933 0.5255 0.0324  0.0677  0.0029  79 ARG A CZ  
591 N NH1 A ARG A 79 ? 0.5179 0.5559 0.5191 0.0448  0.0238  0.0116  79 ARG A NH1 
592 N NH1 B ARG A 79 ? 0.3995 0.4500 0.4479 0.0343  0.0454  -0.0073 79 ARG A NH1 
593 N NH2 A ARG A 79 ? 0.5791 0.5934 0.5670 0.0486  0.0265  0.0220  79 ARG A NH2 
594 N NH2 B ARG A 79 ? 0.4482 0.4697 0.5515 0.0225  0.0934  -0.0102 79 ARG A NH2 
# 
